data_5D27
# 
_entry.id   5D27 
# 
_audit_conform.dict_name       mmcif_pdbx.dic 
_audit_conform.dict_version    5.379 
_audit_conform.dict_location   http://mmcif.pdb.org/dictionaries/ascii/mmcif_pdbx.dic 
# 
loop_
_database_2.database_id 
_database_2.database_code 
_database_2.pdbx_database_accession 
_database_2.pdbx_DOI 
PDB   5D27         pdb_00005d27 10.2210/pdb5d27/pdb 
WWPDB D_1000212382 ?            ?                   
# 
_pdbx_database_status.status_code                     REL 
_pdbx_database_status.status_code_sf                  REL 
_pdbx_database_status.status_code_mr                  ? 
_pdbx_database_status.entry_id                        5D27 
_pdbx_database_status.recvd_initial_deposition_date   2015-08-05 
_pdbx_database_status.SG_entry                        N 
_pdbx_database_status.deposit_site                    RCSB 
_pdbx_database_status.process_site                    RCSB 
_pdbx_database_status.status_code_cs                  ? 
_pdbx_database_status.methods_development_category    ? 
_pdbx_database_status.pdb_format_compatible           Y 
_pdbx_database_status.status_code_nmr_data            ? 
# 
loop_
_audit_author.name 
_audit_author.pdbx_ordinal 
'Cash, J.N.'     1 
'Tesmer, J.J.G.' 2 
# 
_citation.abstract                  ? 
_citation.abstract_id_CAS           ? 
_citation.book_id_ISBN              ? 
_citation.book_publisher            ? 
_citation.book_publisher_city       ? 
_citation.book_title                ? 
_citation.coordinate_linkage        ? 
_citation.country                   UK 
_citation.database_id_Medline       ? 
_citation.details                   ? 
_citation.id                        primary 
_citation.journal_abbrev            Structure 
_citation.journal_id_ASTM           STRUE6 
_citation.journal_id_CSD            2005 
_citation.journal_id_ISSN           0969-2126 
_citation.journal_full              ? 
_citation.journal_issue             ? 
_citation.journal_volume            24 
_citation.language                  ? 
_citation.page_first                730 
_citation.page_last                 740 
_citation.title                     
;Structural and Biochemical Characterization of the Catalytic Core of the Metastatic Factor P-Rex1 and Its Regulation by PtdIns(3,4,5)P3.
;
_citation.year                      2016 
_citation.database_id_CSD           ? 
_citation.pdbx_database_id_DOI      10.1016/j.str.2016.02.022 
_citation.pdbx_database_id_PubMed   27150042 
_citation.unpublished_flag          ? 
# 
loop_
_citation_author.citation_id 
_citation_author.name 
_citation_author.ordinal 
_citation_author.identifier_ORCID 
primary 'Cash, J.N.'   1 ? 
primary 'Davis, E.M.'  2 ? 
primary 'Tesmer, J.J.' 3 ? 
# 
_cell.angle_alpha                  90.000 
_cell.angle_alpha_esd              ? 
_cell.angle_beta                   90.000 
_cell.angle_beta_esd               ? 
_cell.angle_gamma                  120.000 
_cell.angle_gamma_esd              ? 
_cell.entry_id                     5D27 
_cell.details                      ? 
_cell.formula_units_Z              ? 
_cell.length_a                     39.897 
_cell.length_a_esd                 ? 
_cell.length_b                     39.897 
_cell.length_b_esd                 ? 
_cell.length_c                     187.269 
_cell.length_c_esd                 ? 
_cell.volume                       ? 
_cell.volume_esd                   ? 
_cell.Z_PDB                        6 
_cell.reciprocal_angle_alpha       ? 
_cell.reciprocal_angle_beta        ? 
_cell.reciprocal_angle_gamma       ? 
_cell.reciprocal_angle_alpha_esd   ? 
_cell.reciprocal_angle_beta_esd    ? 
_cell.reciprocal_angle_gamma_esd   ? 
_cell.reciprocal_length_a          ? 
_cell.reciprocal_length_b          ? 
_cell.reciprocal_length_c          ? 
_cell.reciprocal_length_a_esd      ? 
_cell.reciprocal_length_b_esd      ? 
_cell.reciprocal_length_c_esd      ? 
_cell.pdbx_unique_axis             ? 
# 
_symmetry.entry_id                         5D27 
_symmetry.cell_setting                     ? 
_symmetry.Int_Tables_number                153 
_symmetry.space_group_name_Hall            ? 
_symmetry.space_group_name_H-M             'P 32 1 2' 
_symmetry.pdbx_full_space_group_name_H-M   ? 
# 
loop_
_entity.id 
_entity.type 
_entity.src_method 
_entity.pdbx_description 
_entity.formula_weight 
_entity.pdbx_number_of_molecules 
_entity.pdbx_ec 
_entity.pdbx_mutation 
_entity.pdbx_fragment 
_entity.details 
1 polymer     man 'Phosphatidylinositol 3,4,5-trisphosphate-dependent Rac exchanger 1 protein' 19286.953 1  ? ? ? ? 
2 non-polymer syn 'NICKEL (II) ION'                                                            58.693    1  ? ? ? ? 
3 water       nat water                                                                        18.015    92 ? ? ? ? 
# 
_entity_name_com.entity_id   1 
_entity_name_com.name        'PtdIns(3,4,5)-dependent Rac exchanger 1' 
# 
_entity_poly.entity_id                      1 
_entity_poly.type                           'polypeptide(L)' 
_entity_poly.nstd_linkage                   no 
_entity_poly.nstd_monomer                   no 
_entity_poly.pdbx_seq_one_letter_code       
;GEFEKLEALEQLQSHIEGWEGSNLTDICTQLLLQGTLLKISAGNIQERAFFLFDNLLVYCKRKSRVTGSKKSTKRTKSIN
GSLYIFRGRINTEVMEVENVEDGTADYHSNGYTVTNGWKIHNTAKNKWFVCMAKTAEEKQKWLDAIIREREQRESLKLGM
ERDAYVM
;
_entity_poly.pdbx_seq_one_letter_code_can   
;GEFEKLEALEQLQSHIEGWEGSNLTDICTQLLLQGTLLKISAGNIQERAFFLFDNLLVYCKRKSRVTGSKKSTKRTKSIN
GSLYIFRGRINTEVMEVENVEDGTADYHSNGYTVTNGWKIHNTAKNKWFVCMAKTAEEKQKWLDAIIREREQRESLKLGM
ERDAYVM
;
_entity_poly.pdbx_strand_id                 A 
_entity_poly.pdbx_target_identifier         ? 
# 
loop_
_entity_poly_seq.entity_id 
_entity_poly_seq.num 
_entity_poly_seq.mon_id 
_entity_poly_seq.hetero 
1 1   GLY n 
1 2   GLU n 
1 3   PHE n 
1 4   GLU n 
1 5   LYS n 
1 6   LEU n 
1 7   GLU n 
1 8   ALA n 
1 9   LEU n 
1 10  GLU n 
1 11  GLN n 
1 12  LEU n 
1 13  GLN n 
1 14  SER n 
1 15  HIS n 
1 16  ILE n 
1 17  GLU n 
1 18  GLY n 
1 19  TRP n 
1 20  GLU n 
1 21  GLY n 
1 22  SER n 
1 23  ASN n 
1 24  LEU n 
1 25  THR n 
1 26  ASP n 
1 27  ILE n 
1 28  CYS n 
1 29  THR n 
1 30  GLN n 
1 31  LEU n 
1 32  LEU n 
1 33  LEU n 
1 34  GLN n 
1 35  GLY n 
1 36  THR n 
1 37  LEU n 
1 38  LEU n 
1 39  LYS n 
1 40  ILE n 
1 41  SER n 
1 42  ALA n 
1 43  GLY n 
1 44  ASN n 
1 45  ILE n 
1 46  GLN n 
1 47  GLU n 
1 48  ARG n 
1 49  ALA n 
1 50  PHE n 
1 51  PHE n 
1 52  LEU n 
1 53  PHE n 
1 54  ASP n 
1 55  ASN n 
1 56  LEU n 
1 57  LEU n 
1 58  VAL n 
1 59  TYR n 
1 60  CYS n 
1 61  LYS n 
1 62  ARG n 
1 63  LYS n 
1 64  SER n 
1 65  ARG n 
1 66  VAL n 
1 67  THR n 
1 68  GLY n 
1 69  SER n 
1 70  LYS n 
1 71  LYS n 
1 72  SER n 
1 73  THR n 
1 74  LYS n 
1 75  ARG n 
1 76  THR n 
1 77  LYS n 
1 78  SER n 
1 79  ILE n 
1 80  ASN n 
1 81  GLY n 
1 82  SER n 
1 83  LEU n 
1 84  TYR n 
1 85  ILE n 
1 86  PHE n 
1 87  ARG n 
1 88  GLY n 
1 89  ARG n 
1 90  ILE n 
1 91  ASN n 
1 92  THR n 
1 93  GLU n 
1 94  VAL n 
1 95  MET n 
1 96  GLU n 
1 97  VAL n 
1 98  GLU n 
1 99  ASN n 
1 100 VAL n 
1 101 GLU n 
1 102 ASP n 
1 103 GLY n 
1 104 THR n 
1 105 ALA n 
1 106 ASP n 
1 107 TYR n 
1 108 HIS n 
1 109 SER n 
1 110 ASN n 
1 111 GLY n 
1 112 TYR n 
1 113 THR n 
1 114 VAL n 
1 115 THR n 
1 116 ASN n 
1 117 GLY n 
1 118 TRP n 
1 119 LYS n 
1 120 ILE n 
1 121 HIS n 
1 122 ASN n 
1 123 THR n 
1 124 ALA n 
1 125 LYS n 
1 126 ASN n 
1 127 LYS n 
1 128 TRP n 
1 129 PHE n 
1 130 VAL n 
1 131 CYS n 
1 132 MET n 
1 133 ALA n 
1 134 LYS n 
1 135 THR n 
1 136 ALA n 
1 137 GLU n 
1 138 GLU n 
1 139 LYS n 
1 140 GLN n 
1 141 LYS n 
1 142 TRP n 
1 143 LEU n 
1 144 ASP n 
1 145 ALA n 
1 146 ILE n 
1 147 ILE n 
1 148 ARG n 
1 149 GLU n 
1 150 ARG n 
1 151 GLU n 
1 152 GLN n 
1 153 ARG n 
1 154 GLU n 
1 155 SER n 
1 156 LEU n 
1 157 LYS n 
1 158 LEU n 
1 159 GLY n 
1 160 MET n 
1 161 GLU n 
1 162 ARG n 
1 163 ASP n 
1 164 ALA n 
1 165 TYR n 
1 166 VAL n 
1 167 MET n 
# 
_entity_src_gen.entity_id                          1 
_entity_src_gen.pdbx_src_id                        1 
_entity_src_gen.pdbx_alt_source_flag               sample 
_entity_src_gen.pdbx_seq_type                      'Biological sequence' 
_entity_src_gen.pdbx_beg_seq_num                   1 
_entity_src_gen.pdbx_end_seq_num                   167 
_entity_src_gen.gene_src_common_name               Human 
_entity_src_gen.gene_src_genus                     ? 
_entity_src_gen.pdbx_gene_src_gene                 'PREX1, KIAA1415' 
_entity_src_gen.gene_src_species                   ? 
_entity_src_gen.gene_src_strain                    ? 
_entity_src_gen.gene_src_tissue                    ? 
_entity_src_gen.gene_src_tissue_fraction           ? 
_entity_src_gen.gene_src_details                   ? 
_entity_src_gen.pdbx_gene_src_fragment             ? 
_entity_src_gen.pdbx_gene_src_scientific_name      'Homo sapiens' 
_entity_src_gen.pdbx_gene_src_ncbi_taxonomy_id     9606 
_entity_src_gen.pdbx_gene_src_variant              ? 
_entity_src_gen.pdbx_gene_src_cell_line            ? 
_entity_src_gen.pdbx_gene_src_atcc                 ? 
_entity_src_gen.pdbx_gene_src_organ                ? 
_entity_src_gen.pdbx_gene_src_organelle            ? 
_entity_src_gen.pdbx_gene_src_cell                 ? 
_entity_src_gen.pdbx_gene_src_cellular_location    ? 
_entity_src_gen.host_org_common_name               ? 
_entity_src_gen.pdbx_host_org_scientific_name      'Escherichia coli' 
_entity_src_gen.pdbx_host_org_ncbi_taxonomy_id     469008 
_entity_src_gen.host_org_genus                     ? 
_entity_src_gen.pdbx_host_org_gene                 ? 
_entity_src_gen.pdbx_host_org_organ                ? 
_entity_src_gen.host_org_species                   ? 
_entity_src_gen.pdbx_host_org_tissue               ? 
_entity_src_gen.pdbx_host_org_tissue_fraction      ? 
_entity_src_gen.pdbx_host_org_strain               'BL21(DE3)' 
_entity_src_gen.pdbx_host_org_variant              ? 
_entity_src_gen.pdbx_host_org_cell_line            ? 
_entity_src_gen.pdbx_host_org_atcc                 ? 
_entity_src_gen.pdbx_host_org_culture_collection   ? 
_entity_src_gen.pdbx_host_org_cell                 ? 
_entity_src_gen.pdbx_host_org_organelle            ? 
_entity_src_gen.pdbx_host_org_cellular_location    ? 
_entity_src_gen.pdbx_host_org_vector_type          plasmid 
_entity_src_gen.pdbx_host_org_vector               ? 
_entity_src_gen.host_org_details                   ? 
_entity_src_gen.expression_system_id               ? 
_entity_src_gen.plasmid_name                       pMALc2H10T 
_entity_src_gen.plasmid_details                    ? 
_entity_src_gen.pdbx_description                   ? 
# 
_struct_ref.id                         1 
_struct_ref.db_name                    UNP 
_struct_ref.db_code                    PREX1_HUMAN 
_struct_ref.pdbx_db_accession          Q8TCU6 
_struct_ref.pdbx_db_isoform            ? 
_struct_ref.entity_id                  1 
_struct_ref.pdbx_seq_one_letter_code   
;EKLEALEQLQSHIEGWEGSNLTDICTQLLLQGTLLKISAGNIQERAFFLFDNLLVYCKRKSRVTGSKKSTKRTKSINGSL
YIFRGRINTEVMEVENVEDGTADYHSNGYTVTNGWKIHNTAKNKWFVCMAKTAEEKQKWLDAIIREREQRESLKLGMERD
AYVM
;
_struct_ref.pdbx_align_begin           245 
# 
_struct_ref_seq.align_id                      1 
_struct_ref_seq.ref_id                        1 
_struct_ref_seq.pdbx_PDB_id_code              5D27 
_struct_ref_seq.pdbx_strand_id                A 
_struct_ref_seq.seq_align_beg                 4 
_struct_ref_seq.pdbx_seq_align_beg_ins_code   ? 
_struct_ref_seq.seq_align_end                 167 
_struct_ref_seq.pdbx_seq_align_end_ins_code   ? 
_struct_ref_seq.pdbx_db_accession             Q8TCU6 
_struct_ref_seq.db_align_beg                  245 
_struct_ref_seq.pdbx_db_align_beg_ins_code    ? 
_struct_ref_seq.db_align_end                  408 
_struct_ref_seq.pdbx_db_align_end_ins_code    ? 
_struct_ref_seq.pdbx_auth_seq_align_beg       245 
_struct_ref_seq.pdbx_auth_seq_align_end       408 
# 
loop_
_struct_ref_seq_dif.align_id 
_struct_ref_seq_dif.pdbx_pdb_id_code 
_struct_ref_seq_dif.mon_id 
_struct_ref_seq_dif.pdbx_pdb_strand_id 
_struct_ref_seq_dif.seq_num 
_struct_ref_seq_dif.pdbx_pdb_ins_code 
_struct_ref_seq_dif.pdbx_seq_db_name 
_struct_ref_seq_dif.pdbx_seq_db_accession_code 
_struct_ref_seq_dif.db_mon_id 
_struct_ref_seq_dif.pdbx_seq_db_seq_num 
_struct_ref_seq_dif.details 
_struct_ref_seq_dif.pdbx_auth_seq_num 
_struct_ref_seq_dif.pdbx_ordinal 
1 5D27 GLY A 1 ? UNP Q8TCU6 ? ? 'expression tag' -2 1 
1 5D27 GLU A 2 ? UNP Q8TCU6 ? ? 'expression tag' -1 2 
1 5D27 PHE A 3 ? UNP Q8TCU6 ? ? 'expression tag' 0  3 
# 
loop_
_chem_comp.id 
_chem_comp.type 
_chem_comp.mon_nstd_flag 
_chem_comp.name 
_chem_comp.pdbx_synonyms 
_chem_comp.formula 
_chem_comp.formula_weight 
ALA 'L-peptide linking' y ALANINE           ? 'C3 H7 N O2'     89.093  
ARG 'L-peptide linking' y ARGININE          ? 'C6 H15 N4 O2 1' 175.209 
ASN 'L-peptide linking' y ASPARAGINE        ? 'C4 H8 N2 O3'    132.118 
ASP 'L-peptide linking' y 'ASPARTIC ACID'   ? 'C4 H7 N O4'     133.103 
CYS 'L-peptide linking' y CYSTEINE          ? 'C3 H7 N O2 S'   121.158 
GLN 'L-peptide linking' y GLUTAMINE         ? 'C5 H10 N2 O3'   146.144 
GLU 'L-peptide linking' y 'GLUTAMIC ACID'   ? 'C5 H9 N O4'     147.129 
GLY 'peptide linking'   y GLYCINE           ? 'C2 H5 N O2'     75.067  
HIS 'L-peptide linking' y HISTIDINE         ? 'C6 H10 N3 O2 1' 156.162 
HOH non-polymer         . WATER             ? 'H2 O'           18.015  
ILE 'L-peptide linking' y ISOLEUCINE        ? 'C6 H13 N O2'    131.173 
LEU 'L-peptide linking' y LEUCINE           ? 'C6 H13 N O2'    131.173 
LYS 'L-peptide linking' y LYSINE            ? 'C6 H15 N2 O2 1' 147.195 
MET 'L-peptide linking' y METHIONINE        ? 'C5 H11 N O2 S'  149.211 
NI  non-polymer         . 'NICKEL (II) ION' ? 'Ni 2'           58.693  
PHE 'L-peptide linking' y PHENYLALANINE     ? 'C9 H11 N O2'    165.189 
SER 'L-peptide linking' y SERINE            ? 'C3 H7 N O3'     105.093 
THR 'L-peptide linking' y THREONINE         ? 'C4 H9 N O3'     119.119 
TRP 'L-peptide linking' y TRYPTOPHAN        ? 'C11 H12 N2 O2'  204.225 
TYR 'L-peptide linking' y TYROSINE          ? 'C9 H11 N O3'    181.189 
VAL 'L-peptide linking' y VALINE            ? 'C5 H11 N O2'    117.146 
# 
_exptl.absorpt_coefficient_mu     ? 
_exptl.absorpt_correction_T_max   ? 
_exptl.absorpt_correction_T_min   ? 
_exptl.absorpt_correction_type    ? 
_exptl.absorpt_process_details    ? 
_exptl.entry_id                   5D27 
_exptl.crystals_number            1 
_exptl.details                    ? 
_exptl.method                     'X-RAY DIFFRACTION' 
_exptl.method_details             ? 
# 
_exptl_crystal.colour                      ? 
_exptl_crystal.density_diffrn              ? 
_exptl_crystal.density_Matthews            2.23 
_exptl_crystal.density_method              ? 
_exptl_crystal.density_percent_sol         44.86 
_exptl_crystal.description                 ? 
_exptl_crystal.F_000                       ? 
_exptl_crystal.id                          1 
_exptl_crystal.preparation                 ? 
_exptl_crystal.size_max                    ? 
_exptl_crystal.size_mid                    ? 
_exptl_crystal.size_min                    ? 
_exptl_crystal.size_rad                    ? 
_exptl_crystal.colour_lustre               ? 
_exptl_crystal.colour_modifier             ? 
_exptl_crystal.colour_primary              ? 
_exptl_crystal.density_meas                ? 
_exptl_crystal.density_meas_esd            ? 
_exptl_crystal.density_meas_gt             ? 
_exptl_crystal.density_meas_lt             ? 
_exptl_crystal.density_meas_temp           ? 
_exptl_crystal.density_meas_temp_esd       ? 
_exptl_crystal.density_meas_temp_gt        ? 
_exptl_crystal.density_meas_temp_lt        ? 
_exptl_crystal.pdbx_crystal_image_url      ? 
_exptl_crystal.pdbx_crystal_image_format   ? 
_exptl_crystal.pdbx_mosaicity              ? 
_exptl_crystal.pdbx_mosaicity_esd          ? 
# 
_exptl_crystal_grow.apparatus       ? 
_exptl_crystal_grow.atmosphere      ? 
_exptl_crystal_grow.crystal_id      1 
_exptl_crystal_grow.details         ? 
_exptl_crystal_grow.method          'VAPOR DIFFUSION, HANGING DROP' 
_exptl_crystal_grow.method_ref      ? 
_exptl_crystal_grow.pH              5.7 
_exptl_crystal_grow.pressure        ? 
_exptl_crystal_grow.pressure_esd    ? 
_exptl_crystal_grow.seeding         ? 
_exptl_crystal_grow.seeding_ref     ? 
_exptl_crystal_grow.temp            294 
_exptl_crystal_grow.temp_details    ? 
_exptl_crystal_grow.temp_esd        ? 
_exptl_crystal_grow.time            ? 
_exptl_crystal_grow.pdbx_details    'Bis Tris, Magnesium chloride, PEG 3350' 
_exptl_crystal_grow.pdbx_pH_range   ? 
# 
_diffrn.ambient_environment    ? 
_diffrn.ambient_temp           110 
_diffrn.ambient_temp_details   ? 
_diffrn.ambient_temp_esd       ? 
_diffrn.crystal_id             1 
_diffrn.crystal_support        ? 
_diffrn.crystal_treatment      ? 
_diffrn.details                ? 
_diffrn.id                     1 
_diffrn.ambient_pressure       ? 
_diffrn.ambient_pressure_esd   ? 
_diffrn.ambient_pressure_gt    ? 
_diffrn.ambient_pressure_lt    ? 
_diffrn.ambient_temp_gt        ? 
_diffrn.ambient_temp_lt        ? 
# 
_diffrn_detector.details                      ? 
_diffrn_detector.detector                     CCD 
_diffrn_detector.diffrn_id                    1 
_diffrn_detector.type                         'MARMOSAIC 300 mm CCD' 
_diffrn_detector.area_resol_mean              ? 
_diffrn_detector.dtime                        ? 
_diffrn_detector.pdbx_frames_total            ? 
_diffrn_detector.pdbx_collection_time_total   ? 
_diffrn_detector.pdbx_collection_date         2014-02-05 
# 
_diffrn_radiation.collimation                      ? 
_diffrn_radiation.diffrn_id                        1 
_diffrn_radiation.filter_edge                      ? 
_diffrn_radiation.inhomogeneity                    ? 
_diffrn_radiation.monochromator                    ? 
_diffrn_radiation.polarisn_norm                    ? 
_diffrn_radiation.polarisn_ratio                   ? 
_diffrn_radiation.probe                            ? 
_diffrn_radiation.type                             ? 
_diffrn_radiation.xray_symbol                      ? 
_diffrn_radiation.wavelength_id                    1 
_diffrn_radiation.pdbx_monochromatic_or_laue_m_l   M 
_diffrn_radiation.pdbx_wavelength_list             ? 
_diffrn_radiation.pdbx_wavelength                  ? 
_diffrn_radiation.pdbx_diffrn_protocol             'SINGLE WAVELENGTH' 
_diffrn_radiation.pdbx_analyzer                    ? 
_diffrn_radiation.pdbx_scattering_type             x-ray 
# 
_diffrn_radiation_wavelength.id           1 
_diffrn_radiation_wavelength.wavelength   1.078 
_diffrn_radiation_wavelength.wt           1.0 
# 
_diffrn_source.current                     ? 
_diffrn_source.details                     ? 
_diffrn_source.diffrn_id                   1 
_diffrn_source.power                       ? 
_diffrn_source.size                        ? 
_diffrn_source.source                      SYNCHROTRON 
_diffrn_source.target                      ? 
_diffrn_source.type                        'APS BEAMLINE 21-ID-D' 
_diffrn_source.voltage                     ? 
_diffrn_source.take-off_angle              ? 
_diffrn_source.pdbx_wavelength_list        1.078 
_diffrn_source.pdbx_wavelength             ? 
_diffrn_source.pdbx_synchrotron_beamline   21-ID-D 
_diffrn_source.pdbx_synchrotron_site       APS 
# 
_reflns.B_iso_Wilson_estimate            ? 
_reflns.entry_id                         5D27 
_reflns.data_reduction_details           ? 
_reflns.data_reduction_method            ? 
_reflns.d_resolution_high                1.920 
_reflns.d_resolution_low                 30.000 
_reflns.details                          ? 
_reflns.limit_h_max                      ? 
_reflns.limit_h_min                      ? 
_reflns.limit_k_max                      ? 
_reflns.limit_k_min                      ? 
_reflns.limit_l_max                      ? 
_reflns.limit_l_min                      ? 
_reflns.number_all                       ? 
_reflns.number_obs                       13243 
_reflns.observed_criterion               ? 
_reflns.observed_criterion_F_max         ? 
_reflns.observed_criterion_F_min         ? 
_reflns.observed_criterion_I_max         ? 
_reflns.observed_criterion_I_min         ? 
_reflns.observed_criterion_sigma_F       ? 
_reflns.observed_criterion_sigma_I       ? 
_reflns.percent_possible_obs             97.900 
_reflns.R_free_details                   ? 
_reflns.Rmerge_F_all                     ? 
_reflns.Rmerge_F_obs                     ? 
_reflns.Friedel_coverage                 ? 
_reflns.number_gt                        ? 
_reflns.threshold_expression             ? 
_reflns.pdbx_redundancy                  7.700 
_reflns.pdbx_Rmerge_I_obs                0.091 
_reflns.pdbx_Rmerge_I_all                ? 
_reflns.pdbx_Rsym_value                  ? 
_reflns.pdbx_netI_over_av_sigmaI         25.671 
_reflns.pdbx_netI_over_sigmaI            11.800 
_reflns.pdbx_res_netI_over_av_sigmaI_2   ? 
_reflns.pdbx_res_netI_over_sigmaI_2      ? 
_reflns.pdbx_chi_squared                 1.417 
_reflns.pdbx_scaling_rejects             ? 
_reflns.pdbx_d_res_high_opt              ? 
_reflns.pdbx_d_res_low_opt               ? 
_reflns.pdbx_d_res_opt_method            ? 
_reflns.phase_calculation_details        ? 
_reflns.pdbx_Rrim_I_all                  0.097 
_reflns.pdbx_Rpim_I_all                  0.035 
_reflns.pdbx_d_opt                       ? 
_reflns.pdbx_number_measured_all         101710 
_reflns.pdbx_diffrn_id                   1 
_reflns.pdbx_ordinal                     1 
_reflns.pdbx_CC_half                     ? 
_reflns.pdbx_R_split                     ? 
# 
loop_
_reflns_shell.d_res_high 
_reflns_shell.d_res_low 
_reflns_shell.meanI_over_sigI_all 
_reflns_shell.meanI_over_sigI_obs 
_reflns_shell.number_measured_all 
_reflns_shell.number_measured_obs 
_reflns_shell.number_possible 
_reflns_shell.number_unique_all 
_reflns_shell.number_unique_obs 
_reflns_shell.percent_possible_all 
_reflns_shell.percent_possible_obs 
_reflns_shell.Rmerge_F_all 
_reflns_shell.Rmerge_F_obs 
_reflns_shell.Rmerge_I_all 
_reflns_shell.Rmerge_I_obs 
_reflns_shell.meanI_over_sigI_gt 
_reflns_shell.meanI_over_uI_all 
_reflns_shell.meanI_over_uI_gt 
_reflns_shell.number_measured_gt 
_reflns_shell.number_unique_gt 
_reflns_shell.percent_possible_gt 
_reflns_shell.Rmerge_F_gt 
_reflns_shell.Rmerge_I_gt 
_reflns_shell.pdbx_redundancy 
_reflns_shell.pdbx_Rsym_value 
_reflns_shell.pdbx_chi_squared 
_reflns_shell.pdbx_netI_over_sigmaI_all 
_reflns_shell.pdbx_netI_over_sigmaI_obs 
_reflns_shell.pdbx_Rrim_I_all 
_reflns_shell.pdbx_Rpim_I_all 
_reflns_shell.pdbx_rejects 
_reflns_shell.pdbx_ordinal 
_reflns_shell.pdbx_diffrn_id 
_reflns_shell.pdbx_CC_half 
_reflns_shell.pdbx_R_split 
1.920 1.950  ? ? ? ? ? 631 ? 96.900 ? ? ? ? 0.668 ? ? ? ? ? ? ? ? 7.700 ? 0.797 ? ? 0.716 0.255 0 1  1 0.861 ? 
1.950 1.990  ? ? ? ? ? 666 ? 97.900 ? ? ? ? 0.570 ? ? ? ? ? ? ? ? 7.800 ? 0.824 ? ? 0.610 0.217 0 2  1 0.869 ? 
1.990 2.030  ? ? ? ? ? 643 ? 97.400 ? ? ? ? 0.481 ? ? ? ? ? ? ? ? 7.700 ? 0.885 ? ? 0.516 0.184 0 3  1 0.909 ? 
2.030 2.070  ? ? ? ? ? 635 ? 97.700 ? ? ? ? 0.383 ? ? ? ? ? ? ? ? 7.900 ? 0.929 ? ? 0.410 0.144 0 4  1 0.948 ? 
2.070 2.110  ? ? ? ? ? 657 ? 97.800 ? ? ? ? 0.326 ? ? ? ? ? ? ? ? 7.900 ? 1.035 ? ? 0.349 0.123 0 5  1 0.959 ? 
2.110 2.160  ? ? ? ? ? 638 ? 97.900 ? ? ? ? 0.268 ? ? ? ? ? ? ? ? 7.700 ? 1.110 ? ? 0.288 0.102 0 6  1 0.965 ? 
2.160 2.220  ? ? ? ? ? 691 ? 97.900 ? ? ? ? 0.212 ? ? ? ? ? ? ? ? 7.700 ? 1.172 ? ? 0.228 0.082 0 7  1 0.977 ? 
2.220 2.280  ? ? ? ? ? 609 ? 98.100 ? ? ? ? 0.193 ? ? ? ? ? ? ? ? 7.800 ? 1.243 ? ? 0.207 0.073 0 8  1 0.981 ? 
2.280 2.340  ? ? ? ? ? 690 ? 98.300 ? ? ? ? 0.174 ? ? ? ? ? ? ? ? 7.900 ? 1.394 ? ? 0.186 0.065 0 9  1 0.984 ? 
2.340 2.420  ? ? ? ? ? 618 ? 97.900 ? ? ? ? 0.158 ? ? ? ? ? ? ? ? 7.800 ? 1.475 ? ? 0.169 0.060 0 10 1 0.987 ? 
2.420 2.510  ? ? ? ? ? 687 ? 98.300 ? ? ? ? 0.145 ? ? ? ? ? ? ? ? 7.600 ? 1.768 ? ? 0.156 0.056 0 11 1 0.989 ? 
2.510 2.610  ? ? ? ? ? 635 ? 98.100 ? ? ? ? 0.123 ? ? ? ? ? ? ? ? 7.800 ? 1.992 ? ? 0.132 0.047 0 12 1 0.993 ? 
2.610 2.720  ? ? ? ? ? 660 ? 98.400 ? ? ? ? 0.112 ? ? ? ? ? ? ? ? 7.800 ? 1.047 ? ? 0.120 0.043 0 13 1 0.994 ? 
2.720 2.870  ? ? ? ? ? 701 ? 98.900 ? ? ? ? 0.101 ? ? ? ? ? ? ? ? 7.600 ? 1.383 ? ? 0.108 0.039 0 14 1 0.992 ? 
2.870 3.050  ? ? ? ? ? 652 ? 98.800 ? ? ? ? 0.089 ? ? ? ? ? ? ? ? 7.800 ? 1.437 ? ? 0.096 0.034 0 15 1 0.995 ? 
3.050 3.280  ? ? ? ? ? 685 ? 98.700 ? ? ? ? 0.085 ? ? ? ? ? ? ? ? 7.700 ? 1.679 ? ? 0.091 0.033 0 16 1 0.994 ? 
3.280 3.610  ? ? ? ? ? 666 ? 98.400 ? ? ? ? 0.077 ? ? ? ? ? ? ? ? 7.600 ? 1.980 ? ? 0.082 0.030 0 17 1 0.995 ? 
3.610 4.130  ? ? ? ? ? 669 ? 98.500 ? ? ? ? 0.071 ? ? ? ? ? ? ? ? 7.500 ? 1.965 ? ? 0.077 0.028 0 18 1 0.995 ? 
4.130 5.200  ? ? ? ? ? 693 ? 98.200 ? ? ? ? 0.064 ? ? ? ? ? ? ? ? 7.300 ? 2.015 ? ? 0.068 0.025 0 19 1 0.997 ? 
5.200 30.000 ? ? ? ? ? 717 ? 95.100 ? ? ? ? 0.061 ? ? ? ? ? ? ? ? 7.000 ? 2.230 ? ? 0.066 0.024 0 20 1 0.996 ? 
# 
_refine.aniso_B[1][1]                            -0.1700 
_refine.aniso_B[1][2]                            -0.0900 
_refine.aniso_B[1][3]                            0.0000 
_refine.aniso_B[2][2]                            -0.1700 
_refine.aniso_B[2][3]                            0.0000 
_refine.aniso_B[3][3]                            0.5500 
_refine.B_iso_max                                96.060 
_refine.B_iso_mean                               35.4380 
_refine.B_iso_min                                17.130 
_refine.correlation_coeff_Fo_to_Fc               0.9610 
_refine.correlation_coeff_Fo_to_Fc_free          0.9430 
_refine.details                                  
'HYDROGENS HAVE BEEN ADDED IN THE RIDING POSITIONS U VALUES      : REFINED INDIVIDUALLY' 
_refine.diff_density_max                         ? 
_refine.diff_density_max_esd                     ? 
_refine.diff_density_min                         ? 
_refine.diff_density_min_esd                     ? 
_refine.diff_density_rms                         ? 
_refine.diff_density_rms_esd                     ? 
_refine.entry_id                                 5D27 
_refine.pdbx_refine_id                           'X-RAY DIFFRACTION' 
_refine.ls_abs_structure_details                 ? 
_refine.ls_abs_structure_Flack                   ? 
_refine.ls_abs_structure_Flack_esd               ? 
_refine.ls_abs_structure_Rogers                  ? 
_refine.ls_abs_structure_Rogers_esd              ? 
_refine.ls_d_res_high                            1.9200 
_refine.ls_d_res_low                             30 
_refine.ls_extinction_coef                       ? 
_refine.ls_extinction_coef_esd                   ? 
_refine.ls_extinction_expression                 ? 
_refine.ls_extinction_method                     ? 
_refine.ls_goodness_of_fit_all                   ? 
_refine.ls_goodness_of_fit_all_esd               ? 
_refine.ls_goodness_of_fit_obs                   ? 
_refine.ls_goodness_of_fit_obs_esd               ? 
_refine.ls_hydrogen_treatment                    ? 
_refine.ls_matrix_type                           ? 
_refine.ls_number_constraints                    ? 
_refine.ls_number_parameters                     ? 
_refine.ls_number_reflns_all                     ? 
_refine.ls_number_reflns_obs                     12588 
_refine.ls_number_reflns_R_free                  655 
_refine.ls_number_reflns_R_work                  ? 
_refine.ls_number_restraints                     ? 
_refine.ls_percent_reflns_obs                    98.3300 
_refine.ls_percent_reflns_R_free                 4.9000 
_refine.ls_R_factor_all                          ? 
_refine.ls_R_factor_obs                          0.1899 
_refine.ls_R_factor_R_free                       0.2317 
_refine.ls_R_factor_R_free_error                 ? 
_refine.ls_R_factor_R_free_error_details         ? 
_refine.ls_R_factor_R_work                       0.1877 
_refine.ls_R_Fsqd_factor_obs                     ? 
_refine.ls_R_I_factor_obs                        ? 
_refine.ls_redundancy_reflns_all                 ? 
_refine.ls_redundancy_reflns_obs                 ? 
_refine.ls_restrained_S_all                      ? 
_refine.ls_restrained_S_obs                      ? 
_refine.ls_shift_over_esd_max                    ? 
_refine.ls_shift_over_esd_mean                   ? 
_refine.ls_structure_factor_coef                 ? 
_refine.ls_weighting_details                     ? 
_refine.ls_weighting_scheme                      ? 
_refine.ls_wR_factor_all                         ? 
_refine.ls_wR_factor_obs                         ? 
_refine.ls_wR_factor_R_free                      0.2454 
_refine.ls_wR_factor_R_work                      0.1999 
_refine.occupancy_max                            ? 
_refine.occupancy_min                            ? 
_refine.solvent_model_details                    MASK 
_refine.solvent_model_param_bsol                 ? 
_refine.solvent_model_param_ksol                 ? 
_refine.ls_R_factor_gt                           ? 
_refine.ls_goodness_of_fit_gt                    ? 
_refine.ls_goodness_of_fit_ref                   ? 
_refine.ls_shift_over_su_max                     ? 
_refine.ls_shift_over_su_max_lt                  ? 
_refine.ls_shift_over_su_mean                    ? 
_refine.ls_shift_over_su_mean_lt                 ? 
_refine.pdbx_ls_sigma_I                          ? 
_refine.pdbx_ls_sigma_F                          ? 
_refine.pdbx_ls_sigma_Fsqd                       ? 
_refine.pdbx_data_cutoff_high_absF               ? 
_refine.pdbx_data_cutoff_high_rms_absF           ? 
_refine.pdbx_data_cutoff_low_absF                ? 
_refine.pdbx_isotropic_thermal_model             ? 
_refine.pdbx_ls_cross_valid_method               THROUGHOUT 
_refine.pdbx_method_to_determine_struct          'MOLECULAR REPLACEMENT' 
_refine.pdbx_starting_model                      5D3V 
_refine.pdbx_stereochemistry_target_values       'MAXIMUM LIKELIHOOD' 
_refine.pdbx_R_Free_selection_details            RANDOM 
_refine.pdbx_stereochem_target_val_spec_case     ? 
_refine.pdbx_overall_ESU_R                       0.1590 
_refine.pdbx_overall_ESU_R_Free                  0.1490 
_refine.pdbx_solvent_vdw_probe_radii             1.2000 
_refine.pdbx_solvent_ion_probe_radii             0.8000 
_refine.pdbx_solvent_shrinkage_radii             0.8000 
_refine.pdbx_real_space_R                        ? 
_refine.pdbx_density_correlation                 ? 
_refine.pdbx_pd_number_of_powder_patterns        ? 
_refine.pdbx_pd_number_of_points                 ? 
_refine.pdbx_pd_meas_number_of_points            ? 
_refine.pdbx_pd_proc_ls_prof_R_factor            ? 
_refine.pdbx_pd_proc_ls_prof_wR_factor           ? 
_refine.pdbx_pd_Marquardt_correlation_coeff      ? 
_refine.pdbx_pd_Fsqrd_R_factor                   ? 
_refine.pdbx_pd_ls_matrix_band_width             ? 
_refine.pdbx_overall_phase_error                 ? 
_refine.pdbx_overall_SU_R_free_Cruickshank_DPI   ? 
_refine.pdbx_overall_SU_R_free_Blow_DPI          ? 
_refine.pdbx_overall_SU_R_Blow_DPI               ? 
_refine.pdbx_TLS_residual_ADP_flag               ? 
_refine.pdbx_diffrn_id                           1 
_refine.overall_SU_B                             4.0740 
_refine.overall_SU_ML                            0.1160 
_refine.overall_SU_R_Cruickshank_DPI             0.1594 
_refine.overall_SU_R_free                        0.1489 
_refine.overall_FOM_free_R_set                   ? 
_refine.overall_FOM_work_R_set                   0.8242 
_refine.pdbx_average_fsc_overall                 ? 
_refine.pdbx_average_fsc_work                    ? 
_refine.pdbx_average_fsc_free                    ? 
# 
_refine_hist.cycle_id                         final 
_refine_hist.pdbx_refine_id                   'X-RAY DIFFRACTION' 
_refine_hist.d_res_high                       1.9200 
_refine_hist.d_res_low                        30 
_refine_hist.pdbx_number_atoms_ligand         1 
_refine_hist.number_atoms_solvent             92 
_refine_hist.number_atoms_total               1344 
_refine_hist.pdbx_number_residues_total       154 
_refine_hist.pdbx_B_iso_mean_ligand           23.02 
_refine_hist.pdbx_B_iso_mean_solvent          38.71 
_refine_hist.pdbx_number_atoms_protein        1251 
_refine_hist.pdbx_number_atoms_nucleic_acid   0 
# 
loop_
_refine_ls_restr.pdbx_refine_id 
_refine_ls_restr.criterion 
_refine_ls_restr.dev_ideal 
_refine_ls_restr.dev_ideal_target 
_refine_ls_restr.number 
_refine_ls_restr.rejects 
_refine_ls_restr.type 
_refine_ls_restr.weight 
_refine_ls_restr.pdbx_restraint_function 
'X-RAY DIFFRACTION' ? 0.012  0.019  1271 ? r_bond_refined_d       ? ? 
'X-RAY DIFFRACTION' ? 0.002  0.020  1214 ? r_bond_other_d         ? ? 
'X-RAY DIFFRACTION' ? 1.525  1.940  1707 ? r_angle_refined_deg    ? ? 
'X-RAY DIFFRACTION' ? 0.923  3.000  2787 ? r_angle_other_deg      ? ? 
'X-RAY DIFFRACTION' ? 6.020  5.000  152  ? r_dihedral_angle_1_deg ? ? 
'X-RAY DIFFRACTION' ? 32.272 24.848 66   ? r_dihedral_angle_2_deg ? ? 
'X-RAY DIFFRACTION' ? 15.260 15.000 242  ? r_dihedral_angle_3_deg ? ? 
'X-RAY DIFFRACTION' ? 20.711 15.000 8    ? r_dihedral_angle_4_deg ? ? 
'X-RAY DIFFRACTION' ? 0.092  0.200  185  ? r_chiral_restr         ? ? 
'X-RAY DIFFRACTION' ? 0.005  0.020  1438 ? r_gen_planes_refined   ? ? 
'X-RAY DIFFRACTION' ? 0.002  0.020  304  ? r_gen_planes_other     ? ? 
'X-RAY DIFFRACTION' ? 2.283  3.244  614  ? r_mcbond_it            ? ? 
'X-RAY DIFFRACTION' ? 2.279  3.240  613  ? r_mcbond_other         ? ? 
'X-RAY DIFFRACTION' ? 3.351  4.834  764  ? r_mcangle_it           ? ? 
# 
_refine_ls_shell.pdbx_refine_id                   'X-RAY DIFFRACTION' 
_refine_ls_shell.d_res_high                       1.9210 
_refine_ls_shell.d_res_low                        1.9710 
_refine_ls_shell.number_reflns_all                943 
_refine_ls_shell.number_reflns_obs                ? 
_refine_ls_shell.number_reflns_R_free             42 
_refine_ls_shell.number_reflns_R_work             901 
_refine_ls_shell.percent_reflns_obs               97.1200 
_refine_ls_shell.percent_reflns_R_free            ? 
_refine_ls_shell.R_factor_all                     ? 
_refine_ls_shell.R_factor_obs                     ? 
_refine_ls_shell.R_factor_R_free                  0.3050 
_refine_ls_shell.R_factor_R_free_error            ? 
_refine_ls_shell.R_factor_R_work                  0.2650 
_refine_ls_shell.redundancy_reflns_all            ? 
_refine_ls_shell.redundancy_reflns_obs            ? 
_refine_ls_shell.wR_factor_all                    ? 
_refine_ls_shell.wR_factor_obs                    ? 
_refine_ls_shell.wR_factor_R_free                 ? 
_refine_ls_shell.wR_factor_R_work                 ? 
_refine_ls_shell.pdbx_total_number_of_bins_used   20 
_refine_ls_shell.pdbx_phase_error                 ? 
_refine_ls_shell.pdbx_fsc_work                    ? 
_refine_ls_shell.pdbx_fsc_free                    ? 
# 
_struct.entry_id                     5D27 
_struct.title                        'Crystal Structure of the P-Rex1 PH domain' 
_struct.pdbx_model_details           ? 
_struct.pdbx_formula_weight          ? 
_struct.pdbx_formula_weight_method   ? 
_struct.pdbx_model_type_details      ? 
_struct.pdbx_CASP_flag               ? 
# 
_struct_keywords.entry_id        5D27 
_struct_keywords.text            'pleckstrin homology domain, beta sandwich, phosphatidylinositol-binding, LIPID BINDING PROTEIN' 
_struct_keywords.pdbx_keywords   'LIPID BINDING PROTEIN' 
# 
loop_
_struct_asym.id 
_struct_asym.pdbx_blank_PDB_chainid_flag 
_struct_asym.pdbx_modified 
_struct_asym.entity_id 
_struct_asym.details 
A N N 1 ? 
B N N 2 ? 
C N N 3 ? 
# 
loop_
_struct_conf.conf_type_id 
_struct_conf.id 
_struct_conf.pdbx_PDB_helix_id 
_struct_conf.beg_label_comp_id 
_struct_conf.beg_label_asym_id 
_struct_conf.beg_label_seq_id 
_struct_conf.pdbx_beg_PDB_ins_code 
_struct_conf.end_label_comp_id 
_struct_conf.end_label_asym_id 
_struct_conf.end_label_seq_id 
_struct_conf.pdbx_end_PDB_ins_code 
_struct_conf.beg_auth_comp_id 
_struct_conf.beg_auth_asym_id 
_struct_conf.beg_auth_seq_id 
_struct_conf.end_auth_comp_id 
_struct_conf.end_auth_asym_id 
_struct_conf.end_auth_seq_id 
_struct_conf.pdbx_PDB_helix_class 
_struct_conf.details 
_struct_conf.pdbx_PDB_helix_length 
HELX_P HELX_P1 AA1 GLY A 1   ? HIS A 15  ? GLY A -2  HIS A 256 1 ? 15 
HELX_P HELX_P2 AA2 ASN A 23  ? CYS A 28  ? ASN A 264 CYS A 269 1 ? 6  
HELX_P HELX_P3 AA3 TYR A 107 ? ASN A 110 ? TYR A 348 ASN A 351 5 ? 4  
HELX_P HELX_P4 AA4 THR A 135 ? ASP A 163 ? THR A 376 ASP A 404 1 ? 29 
# 
_struct_conf_type.id          HELX_P 
_struct_conf_type.criteria    ? 
_struct_conf_type.reference   ? 
# 
loop_
_struct_conn.id 
_struct_conn.conn_type_id 
_struct_conn.pdbx_leaving_atom_flag 
_struct_conn.pdbx_PDB_id 
_struct_conn.ptnr1_label_asym_id 
_struct_conn.ptnr1_label_comp_id 
_struct_conn.ptnr1_label_seq_id 
_struct_conn.ptnr1_label_atom_id 
_struct_conn.pdbx_ptnr1_label_alt_id 
_struct_conn.pdbx_ptnr1_PDB_ins_code 
_struct_conn.pdbx_ptnr1_standard_comp_id 
_struct_conn.ptnr1_symmetry 
_struct_conn.ptnr2_label_asym_id 
_struct_conn.ptnr2_label_comp_id 
_struct_conn.ptnr2_label_seq_id 
_struct_conn.ptnr2_label_atom_id 
_struct_conn.pdbx_ptnr2_label_alt_id 
_struct_conn.pdbx_ptnr2_PDB_ins_code 
_struct_conn.ptnr1_auth_asym_id 
_struct_conn.ptnr1_auth_comp_id 
_struct_conn.ptnr1_auth_seq_id 
_struct_conn.ptnr2_auth_asym_id 
_struct_conn.ptnr2_auth_comp_id 
_struct_conn.ptnr2_auth_seq_id 
_struct_conn.ptnr2_symmetry 
_struct_conn.pdbx_ptnr3_label_atom_id 
_struct_conn.pdbx_ptnr3_label_seq_id 
_struct_conn.pdbx_ptnr3_label_comp_id 
_struct_conn.pdbx_ptnr3_label_asym_id 
_struct_conn.pdbx_ptnr3_label_alt_id 
_struct_conn.pdbx_ptnr3_PDB_ins_code 
_struct_conn.details 
_struct_conn.pdbx_dist_value 
_struct_conn.pdbx_value_order 
_struct_conn.pdbx_role 
metalc1 metalc ? ? A HIS 108 NE2 ? ? ? 1_555 B NI . NI ? ? A HIS 349 A NI 501 1_555 ? ? ? ? ? ? ? 2.329 ? ? 
metalc2 metalc ? ? A HIS 108 NE2 ? ? ? 1_555 B NI . NI ? ? A HIS 349 A NI 501 4_445 ? ? ? ? ? ? ? 2.300 ? ? 
metalc3 metalc ? ? A HIS 121 NE2 ? ? ? 1_555 B NI . NI ? ? A HIS 362 A NI 501 1_555 ? ? ? ? ? ? ? 2.355 ? ? 
metalc4 metalc ? ? A HIS 121 NE2 ? ? ? 1_555 B NI . NI ? ? A HIS 362 A NI 501 4_445 ? ? ? ? ? ? ? 2.309 ? ? 
# 
_struct_conn_type.id          metalc 
_struct_conn_type.criteria    ? 
_struct_conn_type.reference   ? 
# 
loop_
_struct_sheet.id 
_struct_sheet.type 
_struct_sheet.number_strands 
_struct_sheet.details 
AA1 ? 8 ? 
AA2 ? 2 ? 
# 
loop_
_struct_sheet_order.sheet_id 
_struct_sheet_order.range_id_1 
_struct_sheet_order.range_id_2 
_struct_sheet_order.offset 
_struct_sheet_order.sense 
AA1 1 2 ? parallel      
AA1 2 3 ? anti-parallel 
AA1 3 4 ? anti-parallel 
AA1 4 5 ? anti-parallel 
AA1 5 6 ? anti-parallel 
AA1 6 7 ? anti-parallel 
AA1 7 8 ? anti-parallel 
AA2 1 2 ? anti-parallel 
# 
loop_
_struct_sheet_range.sheet_id 
_struct_sheet_range.id 
_struct_sheet_range.beg_label_comp_id 
_struct_sheet_range.beg_label_asym_id 
_struct_sheet_range.beg_label_seq_id 
_struct_sheet_range.pdbx_beg_PDB_ins_code 
_struct_sheet_range.end_label_comp_id 
_struct_sheet_range.end_label_asym_id 
_struct_sheet_range.end_label_seq_id 
_struct_sheet_range.pdbx_end_PDB_ins_code 
_struct_sheet_range.beg_auth_comp_id 
_struct_sheet_range.beg_auth_asym_id 
_struct_sheet_range.beg_auth_seq_id 
_struct_sheet_range.end_auth_comp_id 
_struct_sheet_range.end_auth_asym_id 
_struct_sheet_range.end_auth_seq_id 
AA1 1 ILE A 16  ? GLU A 17  ? ILE A 257 GLU A 258 
AA1 2 TYR A 84  ? ASN A 91  ? TYR A 325 ASN A 332 
AA1 3 LEU A 56  ? ARG A 62  ? LEU A 297 ARG A 303 
AA1 4 ASN A 44  ? PHE A 53  ? ASN A 285 PHE A 294 
AA1 5 LEU A 31  ? SER A 41  ? LEU A 272 SER A 282 
AA1 6 LYS A 127 ? MET A 132 ? LYS A 368 MET A 373 
AA1 7 GLY A 117 ? ASN A 122 ? GLY A 358 ASN A 363 
AA1 8 MET A 95  ? ASN A 99  ? MET A 336 ASN A 340 
AA2 1 THR A 104 ? ALA A 105 ? THR A 345 ALA A 346 
AA2 2 THR A 113 ? VAL A 114 ? THR A 354 VAL A 355 
# 
loop_
_pdbx_struct_sheet_hbond.sheet_id 
_pdbx_struct_sheet_hbond.range_id_1 
_pdbx_struct_sheet_hbond.range_id_2 
_pdbx_struct_sheet_hbond.range_1_label_atom_id 
_pdbx_struct_sheet_hbond.range_1_label_comp_id 
_pdbx_struct_sheet_hbond.range_1_label_asym_id 
_pdbx_struct_sheet_hbond.range_1_label_seq_id 
_pdbx_struct_sheet_hbond.range_1_PDB_ins_code 
_pdbx_struct_sheet_hbond.range_1_auth_atom_id 
_pdbx_struct_sheet_hbond.range_1_auth_comp_id 
_pdbx_struct_sheet_hbond.range_1_auth_asym_id 
_pdbx_struct_sheet_hbond.range_1_auth_seq_id 
_pdbx_struct_sheet_hbond.range_2_label_atom_id 
_pdbx_struct_sheet_hbond.range_2_label_comp_id 
_pdbx_struct_sheet_hbond.range_2_label_asym_id 
_pdbx_struct_sheet_hbond.range_2_label_seq_id 
_pdbx_struct_sheet_hbond.range_2_PDB_ins_code 
_pdbx_struct_sheet_hbond.range_2_auth_atom_id 
_pdbx_struct_sheet_hbond.range_2_auth_comp_id 
_pdbx_struct_sheet_hbond.range_2_auth_asym_id 
_pdbx_struct_sheet_hbond.range_2_auth_seq_id 
AA1 1 2 N GLU A 17  ? N GLU A 258 O PHE A 86  ? O PHE A 327 
AA1 2 3 O ILE A 85  ? O ILE A 326 N LYS A 61  ? N LYS A 302 
AA1 3 4 O LEU A 56  ? O LEU A 297 N PHE A 53  ? N PHE A 294 
AA1 4 5 O LEU A 52  ? O LEU A 293 N LEU A 33  ? N LEU A 274 
AA1 5 6 N LEU A 38  ? N LEU A 279 O MET A 132 ? O MET A 373 
AA1 6 7 O PHE A 129 ? O PHE A 370 N ILE A 120 ? N ILE A 361 
AA1 7 8 O HIS A 121 ? O HIS A 362 N GLU A 96  ? N GLU A 337 
AA2 1 2 N THR A 104 ? N THR A 345 O VAL A 114 ? O VAL A 355 
# 
_struct_site.id                   AC1 
_struct_site.pdbx_evidence_code   Software 
_struct_site.pdbx_auth_asym_id    A 
_struct_site.pdbx_auth_comp_id    NI 
_struct_site.pdbx_auth_seq_id     501 
_struct_site.pdbx_auth_ins_code   ? 
_struct_site.pdbx_num_residues    4 
_struct_site.details              'binding site for residue NI A 501' 
# 
loop_
_struct_site_gen.id 
_struct_site_gen.site_id 
_struct_site_gen.pdbx_num_res 
_struct_site_gen.label_comp_id 
_struct_site_gen.label_asym_id 
_struct_site_gen.label_seq_id 
_struct_site_gen.pdbx_auth_ins_code 
_struct_site_gen.auth_comp_id 
_struct_site_gen.auth_asym_id 
_struct_site_gen.auth_seq_id 
_struct_site_gen.label_atom_id 
_struct_site_gen.label_alt_id 
_struct_site_gen.symmetry 
_struct_site_gen.details 
1 AC1 4 HIS A 108 ? HIS A 349 . ? 4_445 ? 
2 AC1 4 HIS A 108 ? HIS A 349 . ? 1_555 ? 
3 AC1 4 HIS A 121 ? HIS A 362 . ? 4_445 ? 
4 AC1 4 HIS A 121 ? HIS A 362 . ? 1_555 ? 
# 
_atom_sites.entry_id                    5D27 
_atom_sites.fract_transf_matrix[1][1]   0.01786194 
_atom_sites.fract_transf_matrix[1][2]   0.02264095 
_atom_sites.fract_transf_matrix[1][3]   -0.00245000 
_atom_sites.fract_transf_matrix[2][1]   0.00816665 
_atom_sites.fract_transf_matrix[2][2]   0.00922145 
_atom_sites.fract_transf_matrix[2][3]   -0.02618989 
_atom_sites.fract_transf_matrix[3][1]   -0.00419858 
_atom_sites.fract_transf_matrix[3][2]   0.00329627 
_atom_sites.fract_transf_matrix[3][3]   -0.00014861 
_atom_sites.fract_transf_vector[1]      -0.305290 
_atom_sites.fract_transf_vector[2]      -0.297614 
_atom_sites.fract_transf_vector[3]      0.090979 
# 
loop_
_atom_type.symbol 
C  
N  
NI 
O  
S  
# 
loop_
_atom_site.group_PDB 
_atom_site.id 
_atom_site.type_symbol 
_atom_site.label_atom_id 
_atom_site.label_alt_id 
_atom_site.label_comp_id 
_atom_site.label_asym_id 
_atom_site.label_entity_id 
_atom_site.label_seq_id 
_atom_site.pdbx_PDB_ins_code 
_atom_site.Cartn_x 
_atom_site.Cartn_y 
_atom_site.Cartn_z 
_atom_site.occupancy 
_atom_site.B_iso_or_equiv 
_atom_site.pdbx_formal_charge 
_atom_site.auth_seq_id 
_atom_site.auth_comp_id 
_atom_site.auth_asym_id 
_atom_site.auth_atom_id 
_atom_site.pdbx_PDB_model_num 
ATOM   1    N  N   . GLY A 1 1   ? 21.205  -10.955 7.139   1.00 66.43 ? -2  GLY A N   1 
ATOM   2    C  CA  . GLY A 1 1   ? 20.522  -10.655 5.833   1.00 64.76 ? -2  GLY A CA  1 
ATOM   3    C  C   . GLY A 1 1   ? 19.024  -10.460 5.995   1.00 64.86 ? -2  GLY A C   1 
ATOM   4    O  O   . GLY A 1 1   ? 18.428  -9.588  5.354   1.00 64.81 ? -2  GLY A O   1 
ATOM   5    N  N   . GLU A 1 2   ? 18.416  -11.290 6.844   1.00 60.46 ? -1  GLU A N   1 
ATOM   6    C  CA  . GLU A 1 2   ? 17.032  -11.104 7.278   1.00 57.38 ? -1  GLU A CA  1 
ATOM   7    C  C   . GLU A 1 2   ? 16.940  -9.927  8.250   1.00 52.46 ? -1  GLU A C   1 
ATOM   8    O  O   . GLU A 1 2   ? 16.071  -9.050  8.108   1.00 48.19 ? -1  GLU A O   1 
ATOM   9    C  CB  . GLU A 1 2   ? 16.500  -12.379 7.943   1.00 55.86 ? -1  GLU A CB  1 
ATOM   10   C  CG  . GLU A 1 2   ? 15.022  -12.301 8.323   1.00 58.04 ? -1  GLU A CG  1 
ATOM   11   C  CD  . GLU A 1 2   ? 14.255  -13.572 7.982   1.00 61.95 ? -1  GLU A CD  1 
ATOM   12   O  OE1 . GLU A 1 2   ? 14.779  -14.675 8.280   1.00 63.21 ? -1  GLU A OE1 1 
ATOM   13   O  OE2 . GLU A 1 2   ? 13.128  -13.472 7.417   1.00 59.45 ? -1  GLU A OE2 1 
ATOM   14   N  N   . PHE A 1 3   ? 17.842  -9.918  9.233   1.00 47.84 ? 0   PHE A N   1 
ATOM   15   C  CA  . PHE A 1 3   ? 17.928  -8.821  10.191  1.00 43.29 ? 0   PHE A CA  1 
ATOM   16   C  C   . PHE A 1 3   ? 18.257  -7.490  9.527   1.00 40.56 ? 0   PHE A C   1 
ATOM   17   O  O   . PHE A 1 3   ? 17.731  -6.483  9.934   1.00 36.61 ? 0   PHE A O   1 
ATOM   18   C  CB  . PHE A 1 3   ? 18.923  -9.129  11.327  1.00 41.44 ? 0   PHE A CB  1 
ATOM   19   C  CG  . PHE A 1 3   ? 18.856  -8.146  12.464  1.00 37.06 ? 0   PHE A CG  1 
ATOM   20   C  CD1 . PHE A 1 3   ? 17.814  -8.206  13.410  1.00 37.38 ? 0   PHE A CD1 1 
ATOM   21   C  CD2 . PHE A 1 3   ? 19.822  -7.155  12.601  1.00 36.74 ? 0   PHE A CD2 1 
ATOM   22   C  CE1 . PHE A 1 3   ? 17.751  -7.296  14.458  1.00 35.84 ? 0   PHE A CE1 1 
ATOM   23   C  CE2 . PHE A 1 3   ? 19.750  -6.232  13.649  1.00 36.71 ? 0   PHE A CE2 1 
ATOM   24   C  CZ  . PHE A 1 3   ? 18.721  -6.304  14.572  1.00 36.03 ? 0   PHE A CZ  1 
ATOM   25   N  N   . GLU A 1 4   ? 19.109  -7.491  8.506   1.00 43.70 ? 245 GLU A N   1 
ATOM   26   C  CA  . GLU A 1 4   ? 19.417  -6.273  7.729   1.00 45.93 ? 245 GLU A CA  1 
ATOM   27   C  C   . GLU A 1 4   ? 18.173  -5.621  7.091   1.00 42.87 ? 245 GLU A C   1 
ATOM   28   O  O   . GLU A 1 4   ? 18.067  -4.394  7.034   1.00 43.65 ? 245 GLU A O   1 
ATOM   29   C  CB  . GLU A 1 4   ? 20.463  -6.565  6.632   1.00 51.15 ? 245 GLU A CB  1 
ATOM   30   C  CG  . GLU A 1 4   ? 21.905  -6.630  7.118   1.00 54.22 ? 245 GLU A CG  1 
ATOM   31   C  CD  . GLU A 1 4   ? 22.318  -8.001  7.631   1.00 60.41 ? 245 GLU A CD  1 
ATOM   32   O  OE1 . GLU A 1 4   ? 21.471  -8.701  8.218   1.00 63.93 ? 245 GLU A OE1 1 
ATOM   33   O  OE2 . GLU A 1 4   ? 23.499  -8.395  7.458   1.00 66.92 ? 245 GLU A OE2 1 
ATOM   34   N  N   . LYS A 1 5   ? 17.247  -6.442  6.610   1.00 43.80 ? 246 LYS A N   1 
ATOM   35   C  CA  . LYS A 1 5   ? 15.968  -5.954  6.087   1.00 43.69 ? 246 LYS A CA  1 
ATOM   36   C  C   . LYS A 1 5   ? 15.120  -5.339  7.208   1.00 39.19 ? 246 LYS A C   1 
ATOM   37   O  O   . LYS A 1 5   ? 14.538  -4.285  7.005   1.00 37.36 ? 246 LYS A O   1 
ATOM   38   C  CB  . LYS A 1 5   ? 15.180  -7.074  5.391   1.00 48.84 ? 246 LYS A CB  1 
ATOM   39   C  CG  . LYS A 1 5   ? 15.597  -7.331  3.950   1.00 54.01 ? 246 LYS A CG  1 
ATOM   40   C  CD  . LYS A 1 5   ? 14.661  -8.335  3.293   1.00 59.01 ? 246 LYS A CD  1 
ATOM   41   C  CE  . LYS A 1 5   ? 14.878  -8.416  1.793   1.00 62.58 ? 246 LYS A CE  1 
ATOM   42   N  NZ  . LYS A 1 5   ? 16.121  -9.178  1.485   1.00 67.04 ? 246 LYS A NZ  1 
ATOM   43   N  N   . LEU A 1 6   ? 15.089  -5.983  8.383   1.00 30.86 ? 247 LEU A N   1 
ATOM   44   C  CA  . LEU A 1 6   ? 14.382  -5.434  9.539   1.00 31.58 ? 247 LEU A CA  1 
ATOM   45   C  C   . LEU A 1 6   ? 14.917  -4.069  9.906   1.00 30.06 ? 247 LEU A C   1 
ATOM   46   O  O   . LEU A 1 6   ? 14.152  -3.148  10.211  1.00 30.98 ? 247 LEU A O   1 
ATOM   47   C  CB  . LEU A 1 6   ? 14.378  -6.382  10.756  1.00 30.85 ? 247 LEU A CB  1 
ATOM   48   C  CG  . LEU A 1 6   ? 13.743  -7.755  10.554  1.00 34.41 ? 247 LEU A CG  1 
ATOM   49   C  CD1 . LEU A 1 6   ? 13.781  -8.575  11.848  1.00 35.86 ? 247 LEU A CD1 1 
ATOM   50   C  CD2 . LEU A 1 6   ? 12.314  -7.651  10.027  1.00 35.54 ? 247 LEU A CD2 1 
ATOM   51   N  N   . GLU A 1 7   ? 16.233  -3.927  9.892   1.00 32.21 ? 248 GLU A N   1 
ATOM   52   C  CA  . GLU A 1 7   ? 16.843  -2.653  10.196  1.00 32.15 ? 248 GLU A CA  1 
ATOM   53   C  C   . GLU A 1 7   ? 16.434  -1.567  9.192   1.00 29.89 ? 248 GLU A C   1 
ATOM   54   O  O   . GLU A 1 7   ? 16.192  -0.429  9.590   1.00 31.26 ? 248 GLU A O   1 
ATOM   55   C  CB  . GLU A 1 7   ? 18.364  -2.789  10.237  1.00 37.24 ? 248 GLU A CB  1 
ATOM   56   C  CG  . GLU A 1 7   ? 18.881  -3.460  11.501  1.00 42.61 ? 248 GLU A CG  1 
ATOM   57   C  CD  . GLU A 1 7   ? 20.399  -3.380  11.610  1.00 48.70 ? 248 GLU A CD  1 
ATOM   58   O  OE1 . GLU A 1 7   ? 21.089  -3.384  10.547  1.00 51.95 ? 248 GLU A OE1 1 
ATOM   59   O  OE2 . GLU A 1 7   ? 20.896  -3.270  12.757  1.00 50.29 ? 248 GLU A OE2 1 
ATOM   60   N  N   . ALA A 1 8   ? 16.373  -1.914  7.910   1.00 29.69 ? 249 ALA A N   1 
ATOM   61   C  CA  . ALA A 1 8   ? 15.872  -0.993  6.860   1.00 32.02 ? 249 ALA A CA  1 
ATOM   62   C  C   . ALA A 1 8   ? 14.410  -0.575  7.074   1.00 32.30 ? 249 ALA A C   1 
ATOM   63   O  O   . ALA A 1 8   ? 14.069  0.595   6.912   1.00 31.29 ? 249 ALA A O   1 
ATOM   64   C  CB  . ALA A 1 8   ? 16.063  -1.595  5.477   1.00 34.49 ? 249 ALA A CB  1 
ATOM   65   N  N   . LEU A 1 9   ? 13.560  -1.527  7.471   1.00 33.11 ? 250 LEU A N   1 
ATOM   66   C  CA  . LEU A 1 9   ? 12.160  -1.231  7.829   1.00 30.87 ? 250 LEU A CA  1 
ATOM   67   C  C   . LEU A 1 9   ? 12.080  -0.250  8.992   1.00 32.20 ? 250 LEU A C   1 
ATOM   68   O  O   . LEU A 1 9   ? 11.265  0.671   8.990   1.00 32.35 ? 250 LEU A O   1 
ATOM   69   C  CB  . LEU A 1 9   ? 11.407  -2.517  8.197   1.00 29.35 ? 250 LEU A CB  1 
ATOM   70   C  CG  . LEU A 1 9   ? 11.180  -3.521  7.058   1.00 30.51 ? 250 LEU A CG  1 
ATOM   71   C  CD1 . LEU A 1 9   ? 10.516  -4.763  7.619   1.00 30.36 ? 250 LEU A CD1 1 
ATOM   72   C  CD2 . LEU A 1 9   ? 10.327  -2.914  5.958   1.00 31.77 ? 250 LEU A CD2 1 
ATOM   73   N  N   . GLU A 1 10  ? 12.902  -0.475  10.010  1.00 31.03 ? 251 GLU A N   1 
ATOM   74   C  CA  . GLU A 1 10  ? 12.932  0.391   11.168  1.00 33.87 ? 251 GLU A CA  1 
ATOM   75   C  C   . GLU A 1 10  ? 13.406  1.778   10.771  1.00 30.19 ? 251 GLU A C   1 
ATOM   76   O  O   . GLU A 1 10  ? 12.893  2.755   11.281  1.00 29.28 ? 251 GLU A O   1 
ATOM   77   C  CB  . GLU A 1 10  ? 13.868  -0.174  12.253  1.00 37.96 ? 251 GLU A CB  1 
ATOM   78   C  CG  . GLU A 1 10  ? 14.001  0.668   13.521  1.00 43.58 ? 251 GLU A CG  1 
ATOM   79   C  CD  . GLU A 1 10  ? 12.782  0.627   14.437  1.00 51.90 ? 251 GLU A CD  1 
ATOM   80   O  OE1 . GLU A 1 10  ? 11.800  -0.108  14.182  1.00 57.95 ? 251 GLU A OE1 1 
ATOM   81   O  OE2 . GLU A 1 10  ? 12.811  1.346   15.457  1.00 65.53 ? 251 GLU A OE2 1 
ATOM   82   N  N   . GLN A 1 11  ? 14.412  1.857   9.913   1.00 30.86 ? 252 GLN A N   1 
ATOM   83   C  CA  . GLN A 1 11  ? 14.901  3.167   9.426   1.00 36.42 ? 252 GLN A CA  1 
ATOM   84   C  C   . GLN A 1 11  ? 13.808  3.982   8.700   1.00 34.63 ? 252 GLN A C   1 
ATOM   85   O  O   . GLN A 1 11  ? 13.620  5.190   8.920   1.00 32.67 ? 252 GLN A O   1 
ATOM   86   C  CB  . GLN A 1 11  ? 16.081  2.946   8.470   1.00 41.18 ? 252 GLN A CB  1 
ATOM   87   C  CG  . GLN A 1 11  ? 16.889  4.196   8.136   1.00 52.67 ? 252 GLN A CG  1 
ATOM   88   C  CD  . GLN A 1 11  ? 17.584  4.771   9.360   1.00 59.84 ? 252 GLN A CD  1 
ATOM   89   O  OE1 . GLN A 1 11  ? 18.145  4.019   10.174  1.00 67.16 ? 252 GLN A OE1 1 
ATOM   90   N  NE2 . GLN A 1 11  ? 17.543  6.096   9.511   1.00 61.63 ? 252 GLN A NE2 1 
ATOM   91   N  N   . LEU A 1 12  ? 13.104  3.290   7.815   1.00 34.52 ? 253 LEU A N   1 
ATOM   92   C  CA  . LEU A 1 12  ? 12.018  3.892   7.035   1.00 31.02 ? 253 LEU A CA  1 
ATOM   93   C  C   . LEU A 1 12  ? 10.954  4.387   7.975   1.00 29.92 ? 253 LEU A C   1 
ATOM   94   O  O   . LEU A 1 12  ? 10.531  5.519   7.867   1.00 29.27 ? 253 LEU A O   1 
ATOM   95   C  CB  . LEU A 1 12  ? 11.452  2.882   6.022   1.00 32.00 ? 253 LEU A CB  1 
ATOM   96   C  CG  . LEU A 1 12  ? 10.233  3.344   5.214   1.00 33.98 ? 253 LEU A CG  1 
ATOM   97   C  CD1 . LEU A 1 12  ? 10.580  4.577   4.371   1.00 34.26 ? 253 LEU A CD1 1 
ATOM   98   C  CD2 . LEU A 1 12  ? 9.705   2.225   4.342   1.00 36.34 ? 253 LEU A CD2 1 
ATOM   99   N  N   . GLN A 1 13  ? 10.542  3.563   8.931   1.00 31.40 ? 254 GLN A N   1 
ATOM   100  C  CA  . GLN A 1 13  ? 9.470   3.960   9.821   1.00 31.64 ? 254 GLN A CA  1 
ATOM   101  C  C   . GLN A 1 13  ? 9.825   5.184   10.662  1.00 33.80 ? 254 GLN A C   1 
ATOM   102  O  O   . GLN A 1 13  ? 8.934   6.005   10.978  1.00 33.55 ? 254 GLN A O   1 
ATOM   103  C  CB  . GLN A 1 13  ? 9.023   2.816   10.721  1.00 31.15 ? 254 GLN A CB  1 
ATOM   104  C  CG  . GLN A 1 13  ? 7.728   3.102   11.454  1.00 32.93 ? 254 GLN A CG  1 
ATOM   105  C  CD  . GLN A 1 13  ? 7.412   2.054   12.485  1.00 34.63 ? 254 GLN A CD  1 
ATOM   106  O  OE1 . GLN A 1 13  ? 7.523   0.857   12.222  1.00 33.88 ? 254 GLN A OE1 1 
ATOM   107  N  NE2 . GLN A 1 13  ? 7.042   2.490   13.677  1.00 34.22 ? 254 GLN A NE2 1 
ATOM   108  N  N   . SER A 1 14  ? 11.100  5.303   11.034  1.00 35.50 ? 255 SER A N   1 
ATOM   109  C  CA  . SER A 1 14  ? 11.570  6.454   11.826  1.00 38.54 ? 255 SER A CA  1 
ATOM   110  C  C   . SER A 1 14  ? 11.463  7.780   11.069  1.00 37.66 ? 255 SER A C   1 
ATOM   111  O  O   . SER A 1 14  ? 11.426  8.826   11.695  1.00 36.87 ? 255 SER A O   1 
ATOM   112  C  CB  . SER A 1 14  ? 13.036  6.255   12.277  1.00 39.81 ? 255 SER A CB  1 
ATOM   113  O  OG  . SER A 1 14  ? 13.945  6.483   11.200  1.00 41.72 ? 255 SER A OG  1 
ATOM   114  N  N   . HIS A 1 15  ? 11.448  7.721   9.734   1.00 37.97 ? 256 HIS A N   1 
ATOM   115  C  CA  . HIS A 1 15  ? 11.197  8.888   8.854   1.00 37.04 ? 256 HIS A CA  1 
ATOM   116  C  C   . HIS A 1 15  ? 9.704   9.225   8.579   1.00 35.52 ? 256 HIS A C   1 
ATOM   117  O  O   . HIS A 1 15  ? 9.414   10.148  7.804   1.00 34.60 ? 256 HIS A O   1 
ATOM   118  C  CB  . HIS A 1 15  ? 11.886  8.679   7.501   1.00 40.66 ? 256 HIS A CB  1 
ATOM   119  C  CG  . HIS A 1 15  ? 13.377  8.654   7.578   1.00 48.24 ? 256 HIS A CG  1 
ATOM   120  N  ND1 . HIS A 1 15  ? 14.109  9.615   8.241   1.00 52.76 ? 256 HIS A ND1 1 
ATOM   121  C  CD2 . HIS A 1 15  ? 14.280  7.803   7.038   1.00 51.17 ? 256 HIS A CD2 1 
ATOM   122  C  CE1 . HIS A 1 15  ? 15.396  9.343   8.129   1.00 54.47 ? 256 HIS A CE1 1 
ATOM   123  N  NE2 . HIS A 1 15  ? 15.527  8.245   7.407   1.00 52.88 ? 256 HIS A NE2 1 
ATOM   124  N  N   . ILE A 1 16  ? 8.786   8.494   9.198   1.00 31.33 ? 257 ILE A N   1 
ATOM   125  C  CA  . ILE A 1 16  ? 7.370   8.708   9.045   1.00 31.20 ? 257 ILE A CA  1 
ATOM   126  C  C   . ILE A 1 16  ? 6.808   9.258   10.357  1.00 31.68 ? 257 ILE A C   1 
ATOM   127  O  O   . ILE A 1 16  ? 6.631   8.531   11.346  1.00 34.32 ? 257 ILE A O   1 
ATOM   128  C  CB  . ILE A 1 16  ? 6.654   7.405   8.652   1.00 28.65 ? 257 ILE A CB  1 
ATOM   129  C  CG1 . ILE A 1 16  ? 7.258   6.844   7.364   1.00 28.07 ? 257 ILE A CG1 1 
ATOM   130  C  CG2 . ILE A 1 16  ? 5.146   7.622   8.526   1.00 27.29 ? 257 ILE A CG2 1 
ATOM   131  C  CD1 . ILE A 1 16  ? 6.789   5.461   7.020   1.00 28.48 ? 257 ILE A CD1 1 
ATOM   132  N  N   . GLU A 1 17  ? 6.471   10.533  10.377  1.00 33.37 ? 258 GLU A N   1 
ATOM   133  C  CA  . GLU A 1 17  ? 5.881   11.085  11.588  1.00 35.19 ? 258 GLU A CA  1 
ATOM   134  C  C   . GLU A 1 17  ? 4.409   10.724  11.659  1.00 34.07 ? 258 GLU A C   1 
ATOM   135  O  O   . GLU A 1 17  ? 3.757   10.484  10.637  1.00 32.24 ? 258 GLU A O   1 
ATOM   136  C  CB  . GLU A 1 17  ? 6.139   12.583  11.703  1.00 41.74 ? 258 GLU A CB  1 
ATOM   137  C  CG  . GLU A 1 17  ? 5.158   13.460  10.990  1.00 43.92 ? 258 GLU A CG  1 
ATOM   138  C  CD  . GLU A 1 17  ? 5.574   14.919  10.949  1.00 47.97 ? 258 GLU A CD  1 
ATOM   139  O  OE1 . GLU A 1 17  ? 4.659   15.754  10.809  1.00 50.02 ? 258 GLU A OE1 1 
ATOM   140  O  OE2 . GLU A 1 17  ? 6.778   15.234  11.051  1.00 49.48 ? 258 GLU A OE2 1 
ATOM   141  N  N   . GLY A 1 18  ? 3.906   10.649  12.885  1.00 29.05 ? 259 GLY A N   1 
ATOM   142  C  CA  . GLY A 1 18  ? 2.520   10.325  13.119  1.00 30.09 ? 259 GLY A CA  1 
ATOM   143  C  C   . GLY A 1 18  ? 2.184   8.864   12.881  1.00 28.23 ? 259 GLY A C   1 
ATOM   144  O  O   . GLY A 1 18  ? 1.029   8.548   12.690  1.00 27.86 ? 259 GLY A O   1 
ATOM   145  N  N   . TRP A 1 19  ? 3.182   7.980   12.904  1.00 29.33 ? 260 TRP A N   1 
ATOM   146  C  CA  . TRP A 1 19  ? 2.931   6.540   12.774  1.00 29.49 ? 260 TRP A CA  1 
ATOM   147  C  C   . TRP A 1 19  ? 1.852   6.032   13.730  1.00 31.74 ? 260 TRP A C   1 
ATOM   148  O  O   . TRP A 1 19  ? 1.815   6.420   14.883  1.00 29.37 ? 260 TRP A O   1 
ATOM   149  C  CB  . TRP A 1 19  ? 4.208   5.752   12.975  1.00 31.15 ? 260 TRP A CB  1 
ATOM   150  C  CG  . TRP A 1 19  ? 4.042   4.285   12.708  1.00 30.02 ? 260 TRP A CG  1 
ATOM   151  C  CD1 . TRP A 1 19  ? 3.760   3.307   13.624  1.00 30.31 ? 260 TRP A CD1 1 
ATOM   152  C  CD2 . TRP A 1 19  ? 4.119   3.635   11.436  1.00 28.19 ? 260 TRP A CD2 1 
ATOM   153  N  NE1 . TRP A 1 19  ? 3.695   2.073   13.000  1.00 29.07 ? 260 TRP A NE1 1 
ATOM   154  C  CE2 . TRP A 1 19  ? 3.901   2.248   11.657  1.00 27.26 ? 260 TRP A CE2 1 
ATOM   155  C  CE3 . TRP A 1 19  ? 4.372   4.080   10.137  1.00 29.52 ? 260 TRP A CE3 1 
ATOM   156  C  CZ2 . TRP A 1 19  ? 3.912   1.322   10.629  1.00 27.81 ? 260 TRP A CZ2 1 
ATOM   157  C  CZ3 . TRP A 1 19  ? 4.385   3.147   9.097   1.00 28.38 ? 260 TRP A CZ3 1 
ATOM   158  C  CH2 . TRP A 1 19  ? 4.158   1.782   9.353   1.00 30.45 ? 260 TRP A CH2 1 
ATOM   159  N  N   . GLU A 1 20  ? 0.944   5.197   13.218  1.00 30.57 ? 261 GLU A N   1 
ATOM   160  C  CA  . GLU A 1 20  ? -0.093  4.561   14.012  1.00 33.35 ? 261 GLU A CA  1 
ATOM   161  C  C   . GLU A 1 20  ? 0.031   3.049   13.867  1.00 31.47 ? 261 GLU A C   1 
ATOM   162  O  O   . GLU A 1 20  ? 0.416   2.557   12.806  1.00 29.13 ? 261 GLU A O   1 
ATOM   163  C  CB  . GLU A 1 20  ? -1.500  4.993   13.567  1.00 35.85 ? 261 GLU A CB  1 
ATOM   164  C  CG  . GLU A 1 20  ? -1.831  6.469   13.739  1.00 37.92 ? 261 GLU A CG  1 
ATOM   165  C  CD  . GLU A 1 20  ? -3.173  6.840   13.133  1.00 42.74 ? 261 GLU A CD  1 
ATOM   166  O  OE1 . GLU A 1 20  ? -3.953  5.920   12.785  1.00 42.23 ? 261 GLU A OE1 1 
ATOM   167  O  OE2 . GLU A 1 20  ? -3.446  8.060   12.972  1.00 42.37 ? 261 GLU A OE2 1 
ATOM   168  N  N   . GLY A 1 21  ? -0.302  2.338   14.943  1.00 29.56 ? 262 GLY A N   1 
ATOM   169  C  CA  . GLY A 1 21  ? -0.356  0.872   14.954  1.00 31.27 ? 262 GLY A CA  1 
ATOM   170  C  C   . GLY A 1 21  ? 0.984   0.195   15.152  1.00 29.64 ? 262 GLY A C   1 
ATOM   171  O  O   . GLY A 1 21  ? 2.001   0.835   15.456  1.00 27.39 ? 262 GLY A O   1 
ATOM   172  N  N   . SER A 1 22  ? 0.986   -1.123  14.954  1.00 30.78 ? 263 SER A N   1 
ATOM   173  C  CA  . SER A 1 22  ? 2.193   -1.946  15.160  1.00 30.66 ? 263 SER A CA  1 
ATOM   174  C  C   . SER A 1 22  ? 3.334   -1.540  14.240  1.00 32.01 ? 263 SER A C   1 
ATOM   175  O  O   . SER A 1 22  ? 3.126   -1.008  13.124  1.00 28.73 ? 263 SER A O   1 
ATOM   176  C  CB  . SER A 1 22  ? 1.888   -3.419  14.939  1.00 29.78 ? 263 SER A CB  1 
ATOM   177  O  OG  . SER A 1 22  ? 1.447   -3.637  13.604  1.00 32.62 ? 263 SER A OG  1 
ATOM   178  N  N   . ASN A 1 23  ? 4.547   -1.818  14.715  1.00 30.13 ? 264 ASN A N   1 
ATOM   179  C  CA  . ASN A 1 23  ? 5.757   -1.471  14.008  1.00 31.26 ? 264 ASN A CA  1 
ATOM   180  C  C   . ASN A 1 23  ? 5.964   -2.371  12.826  1.00 27.16 ? 264 ASN A C   1 
ATOM   181  O  O   . ASN A 1 23  ? 5.577   -3.548  12.844  1.00 29.51 ? 264 ASN A O   1 
ATOM   182  C  CB  . ASN A 1 23  ? 6.985   -1.588  14.922  1.00 34.63 ? 264 ASN A CB  1 
ATOM   183  C  CG  . ASN A 1 23  ? 6.907   -0.672  16.127  1.00 39.40 ? 264 ASN A CG  1 
ATOM   184  O  OD1 . ASN A 1 23  ? 6.461   0.460   16.031  1.00 43.19 ? 264 ASN A OD1 1 
ATOM   185  N  ND2 . ASN A 1 23  ? 7.330   -1.170  17.275  1.00 41.28 ? 264 ASN A ND2 1 
ATOM   186  N  N   . LEU A 1 24  ? 6.610   -1.829  11.804  1.00 25.80 ? 265 LEU A N   1 
ATOM   187  C  CA  . LEU A 1 24  ? 6.985   -2.607  10.598  1.00 26.57 ? 265 LEU A CA  1 
ATOM   188  C  C   . LEU A 1 24  ? 7.798   -3.884  10.907  1.00 28.29 ? 265 LEU A C   1 
ATOM   189  O  O   . LEU A 1 24  ? 7.582   -4.952  10.298  1.00 25.87 ? 265 LEU A O   1 
ATOM   190  C  CB  . LEU A 1 24  ? 7.799   -1.730  9.658   1.00 28.14 ? 265 LEU A CB  1 
ATOM   191  C  CG  . LEU A 1 24  ? 7.031   -0.593  8.953   1.00 27.05 ? 265 LEU A CG  1 
ATOM   192  C  CD1 . LEU A 1 24  ? 7.938   0.132   7.998   1.00 29.30 ? 265 LEU A CD1 1 
ATOM   193  C  CD2 . LEU A 1 24  ? 5.836   -1.165  8.211   1.00 31.63 ? 265 LEU A CD2 1 
ATOM   194  N  N   . THR A 1 25  ? 8.740   -3.761  11.842  1.00 28.72 ? 266 THR A N   1 
ATOM   195  C  CA  . THR A 1 25  ? 9.557   -4.905  12.227  1.00 32.26 ? 266 THR A CA  1 
ATOM   196  C  C   . THR A 1 25  ? 8.744   -5.997  12.956  1.00 34.30 ? 266 THR A C   1 
ATOM   197  O  O   . THR A 1 25  ? 9.193   -7.136  12.980  1.00 36.82 ? 266 THR A O   1 
ATOM   198  C  CB  . THR A 1 25  ? 10.767  -4.495  13.074  1.00 31.61 ? 266 THR A CB  1 
ATOM   199  O  OG1 . THR A 1 25  ? 10.335  -3.779  14.226  1.00 32.58 ? 266 THR A OG1 1 
ATOM   200  C  CG2 . THR A 1 25  ? 11.719  -3.630  12.284  1.00 33.31 ? 266 THR A CG2 1 
ATOM   201  N  N   . ASP A 1 26  ? 7.594   -5.660  13.555  1.00 34.63 ? 267 ASP A N   1 
ATOM   202  C  CA  . ASP A 1 26  ? 6.695   -6.669  14.161  1.00 39.31 ? 267 ASP A CA  1 
ATOM   203  C  C   . ASP A 1 26  ? 5.917   -7.506  13.138  1.00 40.54 ? 267 ASP A C   1 
ATOM   204  O  O   . ASP A 1 26  ? 5.653   -8.678  13.415  1.00 37.65 ? 267 ASP A O   1 
ATOM   205  C  CB  . ASP A 1 26  ? 5.608   -6.058  15.058  1.00 43.38 ? 267 ASP A CB  1 
ATOM   206  C  CG  . ASP A 1 26  ? 6.145   -5.293  16.243  1.00 47.93 ? 267 ASP A CG  1 
ATOM   207  O  OD1 . ASP A 1 26  ? 7.198   -5.659  16.791  1.00 48.03 ? 267 ASP A OD1 1 
ATOM   208  O  OD2 . ASP A 1 26  ? 5.458   -4.324  16.641  1.00 53.11 ? 267 ASP A OD2 1 
ATOM   209  N  N   . ILE A 1 27  ? 5.484   -6.905  12.015  1.00 36.38 ? 268 ILE A N   1 
ATOM   210  C  CA  . ILE A 1 27  ? 4.545   -7.575  11.069  1.00 35.86 ? 268 ILE A CA  1 
ATOM   211  C  C   . ILE A 1 27  ? 5.041   -7.775  9.613   1.00 35.85 ? 268 ILE A C   1 
ATOM   212  O  O   . ILE A 1 27  ? 4.399   -8.507  8.856   1.00 33.75 ? 268 ILE A O   1 
ATOM   213  C  CB  . ILE A 1 27  ? 3.160   -6.873  11.029  1.00 37.27 ? 268 ILE A CB  1 
ATOM   214  C  CG1 . ILE A 1 27  ? 3.283   -5.404  10.619  1.00 37.81 ? 268 ILE A CG1 1 
ATOM   215  C  CG2 . ILE A 1 27  ? 2.430   -6.958  12.373  1.00 39.68 ? 268 ILE A CG2 1 
ATOM   216  C  CD1 . ILE A 1 27  ? 1.964   -4.810  10.150  1.00 38.95 ? 268 ILE A CD1 1 
ATOM   217  N  N   . CYS A 1 28  ? 6.153   -7.129  9.230   1.00 34.10 ? 269 CYS A N   1 
ATOM   218  C  CA  . CYS A 1 28  ? 6.688   -7.151  7.858   1.00 32.03 ? 269 CYS A CA  1 
ATOM   219  C  C   . CYS A 1 28  ? 8.113   -7.650  7.851   1.00 31.34 ? 269 CYS A C   1 
ATOM   220  O  O   . CYS A 1 28  ? 8.793   -7.589  8.852   1.00 28.82 ? 269 CYS A O   1 
ATOM   221  C  CB  . CYS A 1 28  ? 6.669   -5.744  7.234   1.00 32.65 ? 269 CYS A CB  1 
ATOM   222  S  SG  . CYS A 1 28  ? 4.996   -5.026  7.244   1.00 33.90 ? 269 CYS A SG  1 
ATOM   223  N  N   . THR A 1 29  ? 8.546   -8.133  6.698   1.00 32.46 ? 270 THR A N   1 
ATOM   224  C  CA  . THR A 1 29  ? 9.914   -8.547  6.502   1.00 35.81 ? 270 THR A CA  1 
ATOM   225  C  C   . THR A 1 29  ? 10.591  -7.805  5.363   1.00 35.28 ? 270 THR A C   1 
ATOM   226  O  O   . THR A 1 29  ? 11.807  -7.808  5.285   1.00 35.13 ? 270 THR A O   1 
ATOM   227  C  CB  . THR A 1 29  ? 10.006  -10.081 6.287   1.00 36.50 ? 270 THR A CB  1 
ATOM   228  O  OG1 . THR A 1 29  ? 9.370   -10.438 5.058   1.00 38.19 ? 270 THR A OG1 1 
ATOM   229  C  CG2 . THR A 1 29  ? 9.348   -10.833 7.450   1.00 37.47 ? 270 THR A CG2 1 
ATOM   230  N  N   . GLN A 1 30  ? 9.830   -7.169  4.470   1.00 33.10 ? 271 GLN A N   1 
ATOM   231  C  CA  . GLN A 1 30  ? 10.429  -6.426  3.373   1.00 32.92 ? 271 GLN A CA  1 
ATOM   232  C  C   . GLN A 1 30  ? 9.444   -5.455  2.712   1.00 31.59 ? 271 GLN A C   1 
ATOM   233  O  O   . GLN A 1 30  ? 8.228   -5.646  2.772   1.00 27.65 ? 271 GLN A O   1 
ATOM   234  C  CB  . GLN A 1 30  ? 10.948  -7.381  2.307   1.00 37.35 ? 271 GLN A CB  1 
ATOM   235  C  CG  . GLN A 1 30  ? 9.888   -8.313  1.737   1.00 42.36 ? 271 GLN A CG  1 
ATOM   236  C  CD  . GLN A 1 30  ? 10.442  -9.229  0.671   1.00 46.74 ? 271 GLN A CD  1 
ATOM   237  O  OE1 . GLN A 1 30  ? 11.377  -8.871  -0.032  1.00 52.49 ? 271 GLN A OE1 1 
ATOM   238  N  NE2 . GLN A 1 30  ? 9.876   -10.423 0.553   1.00 49.89 ? 271 GLN A NE2 1 
ATOM   239  N  N   . LEU A 1 31  ? 9.996   -4.448  2.050   1.00 29.25 ? 272 LEU A N   1 
ATOM   240  C  CA  . LEU A 1 31  ? 9.232   -3.529  1.219   1.00 29.23 ? 272 LEU A CA  1 
ATOM   241  C  C   . LEU A 1 31  ? 9.238   -4.096  -0.181  1.00 30.56 ? 272 LEU A C   1 
ATOM   242  O  O   . LEU A 1 31  ? 10.303  -4.339  -0.729  1.00 30.07 ? 272 LEU A O   1 
ATOM   243  C  CB  . LEU A 1 31  ? 9.892   -2.147  1.205   1.00 32.00 ? 272 LEU A CB  1 
ATOM   244  C  CG  . LEU A 1 31  ? 9.219   -1.075  0.343   1.00 32.12 ? 272 LEU A CG  1 
ATOM   245  C  CD1 . LEU A 1 31  ? 7.810   -0.801  0.789   1.00 30.95 ? 272 LEU A CD1 1 
ATOM   246  C  CD2 . LEU A 1 31  ? 10.010  0.216   0.437   1.00 34.72 ? 272 LEU A CD2 1 
ATOM   247  N  N   . LEU A 1 32  ? 8.059   -4.306  -0.759  1.00 27.47 ? 273 LEU A N   1 
ATOM   248  C  CA  . LEU A 1 32  ? 7.935   -4.895  -2.098  1.00 27.52 ? 273 LEU A CA  1 
ATOM   249  C  C   . LEU A 1 32  ? 7.904   -3.841  -3.180  1.00 28.56 ? 273 LEU A C   1 
ATOM   250  O  O   . LEU A 1 32  ? 8.474   -4.040  -4.251  1.00 28.03 ? 273 LEU A O   1 
ATOM   251  C  CB  . LEU A 1 32  ? 6.677   -5.766  -2.183  1.00 28.73 ? 273 LEU A CB  1 
ATOM   252  C  CG  . LEU A 1 32  ? 6.666   -6.905  -1.136  1.00 28.81 ? 273 LEU A CG  1 
ATOM   253  C  CD1 . LEU A 1 32  ? 5.296   -7.566  -1.068  1.00 29.46 ? 273 LEU A CD1 1 
ATOM   254  C  CD2 . LEU A 1 32  ? 7.755   -7.921  -1.433  1.00 29.95 ? 273 LEU A CD2 1 
ATOM   255  N  N   . LEU A 1 33  ? 7.239   -2.719  -2.902  1.00 26.40 ? 274 LEU A N   1 
ATOM   256  C  CA  . LEU A 1 33  ? 7.105   -1.647  -3.885  1.00 25.41 ? 274 LEU A CA  1 
ATOM   257  C  C   . LEU A 1 33  ? 6.785   -0.361  -3.189  1.00 24.56 ? 274 LEU A C   1 
ATOM   258  O  O   . LEU A 1 33  ? 6.046   -0.354  -2.217  1.00 23.01 ? 274 LEU A O   1 
ATOM   259  C  CB  . LEU A 1 33  ? 6.010   -2.001  -4.902  1.00 25.94 ? 274 LEU A CB  1 
ATOM   260  C  CG  . LEU A 1 33  ? 5.815   -1.067  -6.106  1.00 27.68 ? 274 LEU A CG  1 
ATOM   261  C  CD1 . LEU A 1 33  ? 7.067   -1.051  -6.978  1.00 30.37 ? 274 LEU A CD1 1 
ATOM   262  C  CD2 . LEU A 1 33  ? 4.615   -1.512  -6.931  1.00 27.02 ? 274 LEU A CD2 1 
ATOM   263  N  N   . GLN A 1 34  ? 7.356   0.739   -3.671  1.00 24.53 ? 275 GLN A N   1 
ATOM   264  C  CA  . GLN A 1 34  ? 6.945   2.047   -3.231  1.00 25.87 ? 275 GLN A CA  1 
ATOM   265  C  C   . GLN A 1 34  ? 6.837   2.955   -4.435  1.00 25.55 ? 275 GLN A C   1 
ATOM   266  O  O   . GLN A 1 34  ? 7.470   2.709   -5.424  1.00 25.09 ? 275 GLN A O   1 
ATOM   267  C  CB  . GLN A 1 34  ? 7.899   2.631   -2.187  1.00 30.23 ? 275 GLN A CB  1 
ATOM   268  C  CG  . GLN A 1 34  ? 9.296   2.930   -2.699  1.00 32.56 ? 275 GLN A CG  1 
ATOM   269  C  CD  . GLN A 1 34  ? 10.132  3.583   -1.615  1.00 38.72 ? 275 GLN A CD  1 
ATOM   270  O  OE1 . GLN A 1 34  ? 9.737   4.626   -1.060  1.00 41.08 ? 275 GLN A OE1 1 
ATOM   271  N  NE2 . GLN A 1 34  ? 11.261  2.960   -1.268  1.00 37.42 ? 275 GLN A NE2 1 
ATOM   272  N  N   . GLY A 1 35  ? 6.031   3.997   -4.322  1.00 25.61 ? 276 GLY A N   1 
ATOM   273  C  CA  . GLY A 1 35  ? 5.805   4.932   -5.440  1.00 26.17 ? 276 GLY A CA  1 
ATOM   274  C  C   . GLY A 1 35  ? 4.749   5.938   -5.091  1.00 25.19 ? 276 GLY A C   1 
ATOM   275  O  O   . GLY A 1 35  ? 3.995   5.745   -4.143  1.00 26.63 ? 276 GLY A O   1 
ATOM   276  N  N   . THR A 1 36  ? 4.700   7.017   -5.868  1.00 25.05 ? 277 THR A N   1 
ATOM   277  C  CA  . THR A 1 36  ? 3.670   8.012   -5.749  1.00 26.05 ? 277 THR A CA  1 
ATOM   278  C  C   . THR A 1 36  ? 2.495   7.638   -6.611  1.00 23.77 ? 277 THR A C   1 
ATOM   279  O  O   . THR A 1 36  ? 2.687   7.174   -7.738  1.00 25.89 ? 277 THR A O   1 
ATOM   280  C  CB  . THR A 1 36  ? 4.218   9.377   -6.208  1.00 28.77 ? 277 THR A CB  1 
ATOM   281  O  OG1 . THR A 1 36  ? 5.382   9.654   -5.449  1.00 34.36 ? 277 THR A OG1 1 
ATOM   282  C  CG2 . THR A 1 36  ? 3.273   10.418  -5.899  1.00 30.59 ? 277 THR A CG2 1 
ATOM   283  N  N   . LEU A 1 37  ? 1.299   7.821   -6.065  1.00 23.45 ? 278 LEU A N   1 
ATOM   284  C  CA  . LEU A 1 37  ? 0.033   7.670   -6.758  1.00 25.03 ? 278 LEU A CA  1 
ATOM   285  C  C   . LEU A 1 37  ? -0.891  8.796   -6.386  1.00 23.28 ? 278 LEU A C   1 
ATOM   286  O  O   . LEU A 1 37  ? -0.745  9.420   -5.334  1.00 23.60 ? 278 LEU A O   1 
ATOM   287  C  CB  . LEU A 1 37  ? -0.668  6.359   -6.379  1.00 23.67 ? 278 LEU A CB  1 
ATOM   288  C  CG  . LEU A 1 37  ? 0.154   5.107   -6.588  1.00 23.47 ? 278 LEU A CG  1 
ATOM   289  C  CD1 . LEU A 1 37  ? -0.570  3.963   -5.885  1.00 24.51 ? 278 LEU A CD1 1 
ATOM   290  C  CD2 . LEU A 1 37  ? 0.300   4.853   -8.071  1.00 23.77 ? 278 LEU A CD2 1 
ATOM   291  N  N   . LEU A 1 38  ? -1.872  9.034   -7.238  1.00 22.51 ? 279 LEU A N   1 
ATOM   292  C  CA  . LEU A 1 38  ? -2.944  9.954   -6.908  1.00 24.69 ? 279 LEU A CA  1 
ATOM   293  C  C   . LEU A 1 38  ? -4.002  9.191   -6.127  1.00 24.44 ? 279 LEU A C   1 
ATOM   294  O  O   . LEU A 1 38  ? -4.369  8.071   -6.510  1.00 24.14 ? 279 LEU A O   1 
ATOM   295  C  CB  . LEU A 1 38  ? -3.544  10.546  -8.184  1.00 27.30 ? 279 LEU A CB  1 
ATOM   296  C  CG  . LEU A 1 38  ? -2.513  11.305  -9.058  1.00 29.53 ? 279 LEU A CG  1 
ATOM   297  C  CD1 . LEU A 1 38  ? -3.101  11.638  -10.423 1.00 33.41 ? 279 LEU A CD1 1 
ATOM   298  C  CD2 . LEU A 1 38  ? -2.059  12.578  -8.345  1.00 29.19 ? 279 LEU A CD2 1 
ATOM   299  N  N   . LYS A 1 39  ? -4.430  9.753   -4.998  1.00 22.80 ? 280 LYS A N   1 
ATOM   300  C  CA  . LYS A 1 39  ? -5.493  9.191   -4.165  1.00 25.34 ? 280 LYS A CA  1 
ATOM   301  C  C   . LYS A 1 39  ? -6.711  10.088  -4.212  1.00 25.18 ? 280 LYS A C   1 
ATOM   302  O  O   . LYS A 1 39  ? -6.605  11.306  -4.019  1.00 27.63 ? 280 LYS A O   1 
ATOM   303  C  CB  . LYS A 1 39  ? -4.999  9.007   -2.705  1.00 26.21 ? 280 LYS A CB  1 
ATOM   304  C  CG  . LYS A 1 39  ? -6.040  8.457   -1.755  1.00 27.49 ? 280 LYS A CG  1 
ATOM   305  C  CD  . LYS A 1 39  ? -5.375  7.990   -0.484  1.00 29.25 ? 280 LYS A CD  1 
ATOM   306  C  CE  . LYS A 1 39  ? -6.384  7.611   0.563   1.00 30.00 ? 280 LYS A CE  1 
ATOM   307  N  NZ  . LYS A 1 39  ? -7.166  8.751   1.072   1.00 32.36 ? 280 LYS A NZ  1 
ATOM   308  N  N   . ILE A 1 40  ? -7.860  9.495   -4.488  1.00 22.41 ? 281 ILE A N   1 
ATOM   309  C  CA  . ILE A 1 40  ? -9.098  10.230  -4.628  1.00 26.78 ? 281 ILE A CA  1 
ATOM   310  C  C   . ILE A 1 40  ? -9.920  10.112  -3.367  1.00 30.09 ? 281 ILE A C   1 
ATOM   311  O  O   . ILE A 1 40  ? -10.174 8.997   -2.869  1.00 28.67 ? 281 ILE A O   1 
ATOM   312  C  CB  . ILE A 1 40  ? -9.945  9.755   -5.813  1.00 27.50 ? 281 ILE A CB  1 
ATOM   313  C  CG1 . ILE A 1 40  ? -9.134  9.854   -7.108  1.00 28.91 ? 281 ILE A CG1 1 
ATOM   314  C  CG2 . ILE A 1 40  ? -11.239 10.561  -5.900  1.00 28.20 ? 281 ILE A CG2 1 
ATOM   315  C  CD1 . ILE A 1 40  ? -9.775  9.201   -8.300  1.00 29.17 ? 281 ILE A CD1 1 
ATOM   316  N  N   . SER A 1 41  ? -10.328 11.286  -2.895  1.00 34.08 ? 282 SER A N   1 
ATOM   317  C  CA  . SER A 1 41  ? -11.358 11.487  -1.887  1.00 39.98 ? 282 SER A CA  1 
ATOM   318  C  C   . SER A 1 41  ? -12.308 12.606  -2.399  1.00 41.41 ? 282 SER A C   1 
ATOM   319  O  O   . SER A 1 41  ? -12.079 13.212  -3.470  1.00 38.25 ? 282 SER A O   1 
ATOM   320  C  CB  . SER A 1 41  ? -10.733 11.918  -0.549  1.00 43.40 ? 282 SER A CB  1 
ATOM   321  O  OG  . SER A 1 41  ? -10.004 13.132  -0.662  1.00 47.43 ? 282 SER A OG  1 
ATOM   322  N  N   . ALA A 1 42  ? -13.362 12.867  -1.618  1.00 40.49 ? 283 ALA A N   1 
ATOM   323  C  CA  . ALA A 1 42  ? -14.306 13.947  -1.882  1.00 39.51 ? 283 ALA A CA  1 
ATOM   324  C  C   . ALA A 1 42  ? -13.530 15.252  -2.113  1.00 44.06 ? 283 ALA A C   1 
ATOM   325  O  O   . ALA A 1 42  ? -12.707 15.637  -1.275  1.00 42.31 ? 283 ALA A O   1 
ATOM   326  C  CB  . ALA A 1 42  ? -15.221 14.103  -0.705  1.00 41.44 ? 283 ALA A CB  1 
ATOM   327  N  N   . GLY A 1 43  ? -13.725 15.879  -3.269  1.00 46.51 ? 284 GLY A N   1 
ATOM   328  C  CA  . GLY A 1 43  ? -13.061 17.160  -3.567  1.00 52.59 ? 284 GLY A CA  1 
ATOM   329  C  C   . GLY A 1 43  ? -11.529 17.192  -3.575  1.00 57.05 ? 284 GLY A C   1 
ATOM   330  O  O   . GLY A 1 43  ? -10.939 18.281  -3.544  1.00 61.05 ? 284 GLY A O   1 
ATOM   331  N  N   . ASN A 1 44  ? -10.877 16.023  -3.626  1.00 53.45 ? 285 ASN A N   1 
ATOM   332  C  CA  . ASN A 1 44  ? -9.408  15.929  -3.548  1.00 54.48 ? 285 ASN A CA  1 
ATOM   333  C  C   . ASN A 1 44  ? -8.894  14.837  -4.426  1.00 48.70 ? 285 ASN A C   1 
ATOM   334  O  O   . ASN A 1 44  ? -9.309  13.686  -4.301  1.00 46.72 ? 285 ASN A O   1 
ATOM   335  C  CB  . ASN A 1 44  ? -8.946  15.553  -2.145  1.00 61.42 ? 285 ASN A CB  1 
ATOM   336  C  CG  . ASN A 1 44  ? -8.951  16.713  -1.195  1.00 66.83 ? 285 ASN A CG  1 
ATOM   337  O  OD1 . ASN A 1 44  ? -8.202  17.675  -1.383  1.00 70.20 ? 285 ASN A OD1 1 
ATOM   338  N  ND2 . ASN A 1 44  ? -9.783  16.632  -0.152  1.00 69.09 ? 285 ASN A ND2 1 
ATOM   339  N  N   . ILE A 1 45  ? -8.019  15.207  -5.338  1.00 43.45 ? 286 ILE A N   1 
ATOM   340  C  CA  . ILE A 1 45  ? -7.082  14.277  -5.882  1.00 41.08 ? 286 ILE A CA  1 
ATOM   341  C  C   . ILE A 1 45  ? -5.811  14.801  -5.214  1.00 47.92 ? 286 ILE A C   1 
ATOM   342  O  O   . ILE A 1 45  ? -5.550  16.030  -5.207  1.00 46.31 ? 286 ILE A O   1 
ATOM   343  C  CB  . ILE A 1 45  ? -7.108  14.246  -7.421  1.00 38.18 ? 286 ILE A CB  1 
ATOM   344  C  CG1 . ILE A 1 45  ? -8.526  13.918  -7.898  1.00 38.78 ? 286 ILE A CG1 1 
ATOM   345  C  CG2 . ILE A 1 45  ? -6.113  13.231  -7.964  1.00 38.83 ? 286 ILE A CG2 1 
ATOM   346  C  CD1 . ILE A 1 45  ? -8.700  13.760  -9.395  1.00 40.75 ? 286 ILE A CD1 1 
ATOM   347  N  N   . GLN A 1 46  ? -5.110  13.894  -4.531  1.00 43.69 ? 287 GLN A N   1 
ATOM   348  C  CA  . GLN A 1 46  ? -3.921  14.246  -3.777  1.00 43.61 ? 287 GLN A CA  1 
ATOM   349  C  C   . GLN A 1 46  ? -2.882  13.229  -4.095  1.00 39.03 ? 287 GLN A C   1 
ATOM   350  O  O   . GLN A 1 46  ? -3.144  12.028  -4.080  1.00 31.11 ? 287 GLN A O   1 
ATOM   351  C  CB  . GLN A 1 46  ? -4.191  14.210  -2.271  1.00 47.10 ? 287 GLN A CB  1 
ATOM   352  C  CG  . GLN A 1 46  ? -5.090  15.324  -1.736  1.00 53.74 ? 287 GLN A CG  1 
ATOM   353  C  CD  . GLN A 1 46  ? -4.317  16.488  -1.122  1.00 59.21 ? 287 GLN A CD  1 
ATOM   354  O  OE1 . GLN A 1 46  ? -3.407  16.296  -0.300  1.00 65.48 ? 287 GLN A OE1 1 
ATOM   355  N  NE2 . GLN A 1 46  ? -4.687  17.709  -1.503  1.00 60.50 ? 287 GLN A NE2 1 
ATOM   356  N  N   . GLU A 1 47  ? -1.686  13.717  -4.354  1.00 35.56 ? 288 GLU A N   1 
ATOM   357  C  CA  . GLU A 1 47  ? -0.533  12.881  -4.473  1.00 34.56 ? 288 GLU A CA  1 
ATOM   358  C  C   . GLU A 1 47  ? -0.155  12.268  -3.094  1.00 31.60 ? 288 GLU A C   1 
ATOM   359  O  O   . GLU A 1 47  ? -0.140  12.959  -2.090  1.00 30.41 ? 288 GLU A O   1 
ATOM   360  C  CB  . GLU A 1 47  ? 0.592   13.719  -5.037  1.00 43.92 ? 288 GLU A CB  1 
ATOM   361  C  CG  . GLU A 1 47  ? 1.705   12.897  -5.589  1.00 49.25 ? 288 GLU A CG  1 
ATOM   362  C  CD  . GLU A 1 47  ? 2.057   13.218  -7.042  1.00 57.13 ? 288 GLU A CD  1 
ATOM   363  O  OE1 . GLU A 1 47  ? 3.261   13.519  -7.310  1.00 51.93 ? 288 GLU A OE1 1 
ATOM   364  O  OE2 . GLU A 1 47  ? 1.142   13.126  -7.909  1.00 60.44 ? 288 GLU A OE2 1 
ATOM   365  N  N   . ARG A 1 48  ? 0.081   10.960  -3.048  1.00 27.99 ? 289 ARG A N   1 
ATOM   366  C  CA  . ARG A 1 48  ? 0.481   10.279  -1.800  1.00 27.90 ? 289 ARG A CA  1 
ATOM   367  C  C   . ARG A 1 48  ? 1.562   9.278   -2.097  1.00 24.19 ? 289 ARG A C   1 
ATOM   368  O  O   . ARG A 1 48  ? 1.605   8.677   -3.181  1.00 25.30 ? 289 ARG A O   1 
ATOM   369  C  CB  . ARG A 1 48  ? -0.698  9.535   -1.161  1.00 29.18 ? 289 ARG A CB  1 
ATOM   370  C  CG  . ARG A 1 48  ? -1.795  10.411  -0.653  1.00 31.62 ? 289 ARG A CG  1 
ATOM   371  C  CD  . ARG A 1 48  ? -1.425  10.992  0.696   1.00 30.92 ? 289 ARG A CD  1 
ATOM   372  N  NE  . ARG A 1 48  ? -2.441  11.918  1.182   1.00 34.14 ? 289 ARG A NE  1 
ATOM   373  C  CZ  . ARG A 1 48  ? -2.447  13.241  0.992   1.00 36.74 ? 289 ARG A CZ  1 
ATOM   374  N  NH1 . ARG A 1 48  ? -1.484  13.859  0.308   1.00 38.93 ? 289 ARG A NH1 1 
ATOM   375  N  NH2 . ARG A 1 48  ? -3.433  13.957  1.506   1.00 40.17 ? 289 ARG A NH2 1 
ATOM   376  N  N   . ALA A 1 49  ? 2.429   9.056   -1.115  1.00 24.86 ? 290 ALA A N   1 
ATOM   377  C  CA  . ALA A 1 49  ? 3.445   8.036   -1.204  1.00 24.80 ? 290 ALA A CA  1 
ATOM   378  C  C   . ALA A 1 49  ? 2.808   6.735   -0.672  1.00 24.02 ? 290 ALA A C   1 
ATOM   379  O  O   . ALA A 1 49  ? 2.261   6.737   0.419   1.00 22.56 ? 290 ALA A O   1 
ATOM   380  C  CB  . ALA A 1 49  ? 4.643   8.409   -0.368  1.00 26.20 ? 290 ALA A CB  1 
ATOM   381  N  N   . PHE A 1 50  ? 2.871   5.676   -1.489  1.00 23.87 ? 291 PHE A N   1 
ATOM   382  C  CA  . PHE A 1 50  ? 2.350   4.352   -1.144  1.00 22.76 ? 291 PHE A CA  1 
ATOM   383  C  C   . PHE A 1 50  ? 3.547   3.407   -0.987  1.00 22.90 ? 291 PHE A C   1 
ATOM   384  O  O   . PHE A 1 50  ? 4.488   3.469   -1.754  1.00 23.85 ? 291 PHE A O   1 
ATOM   385  C  CB  . PHE A 1 50  ? 1.426   3.819   -2.251  1.00 23.14 ? 291 PHE A CB  1 
ATOM   386  C  CG  . PHE A 1 50  ? 0.037   4.357   -2.183  1.00 21.39 ? 291 PHE A CG  1 
ATOM   387  C  CD1 . PHE A 1 50  ? -0.252  5.614   -2.679  1.00 22.24 ? 291 PHE A CD1 1 
ATOM   388  C  CD2 . PHE A 1 50  ? -0.994  3.629   -1.602  1.00 21.51 ? 291 PHE A CD2 1 
ATOM   389  C  CE1 . PHE A 1 50  ? -1.531  6.134   -2.608  1.00 22.04 ? 291 PHE A CE1 1 
ATOM   390  C  CE2 . PHE A 1 50  ? -2.290  4.146   -1.515  1.00 22.68 ? 291 PHE A CE2 1 
ATOM   391  C  CZ  . PHE A 1 50  ? -2.558  5.416   -2.021  1.00 22.59 ? 291 PHE A CZ  1 
ATOM   392  N  N   . PHE A 1 51  ? 3.439   2.512   -0.001  1.00 22.31 ? 292 PHE A N   1 
ATOM   393  C  CA  . PHE A 1 51  ? 4.422   1.512   0.312   1.00 21.62 ? 292 PHE A CA  1 
ATOM   394  C  C   . PHE A 1 51  ? 3.699   0.186   0.514   1.00 21.88 ? 292 PHE A C   1 
ATOM   395  O  O   . PHE A 1 51  ? 2.825   0.085   1.383   1.00 23.71 ? 292 PHE A O   1 
ATOM   396  C  CB  . PHE A 1 51  ? 5.072   1.845   1.645   1.00 23.69 ? 292 PHE A CB  1 
ATOM   397  C  CG  . PHE A 1 51  ? 5.705   3.196   1.702   1.00 23.18 ? 292 PHE A CG  1 
ATOM   398  C  CD1 . PHE A 1 51  ? 4.977   4.315   2.098   1.00 26.02 ? 292 PHE A CD1 1 
ATOM   399  C  CD2 . PHE A 1 51  ? 7.047   3.336   1.409   1.00 26.08 ? 292 PHE A CD2 1 
ATOM   400  C  CE1 . PHE A 1 51  ? 5.592   5.579   2.159   1.00 24.47 ? 292 PHE A CE1 1 
ATOM   401  C  CE2 . PHE A 1 51  ? 7.669   4.586   1.463   1.00 25.41 ? 292 PHE A CE2 1 
ATOM   402  C  CZ  . PHE A 1 51  ? 6.933   5.704   1.840   1.00 25.70 ? 292 PHE A CZ  1 
ATOM   403  N  N   . LEU A 1 52  ? 4.055   -0.802  -0.286  1.00 22.63 ? 293 LEU A N   1 
ATOM   404  C  CA  . LEU A 1 52  ? 3.523   -2.155  -0.152  1.00 24.05 ? 293 LEU A CA  1 
ATOM   405  C  C   . LEU A 1 52  ? 4.619   -3.033  0.437   1.00 23.06 ? 293 LEU A C   1 
ATOM   406  O  O   . LEU A 1 52  ? 5.637   -3.246  -0.202  1.00 24.55 ? 293 LEU A O   1 
ATOM   407  C  CB  . LEU A 1 52  ? 3.137   -2.695  -1.528  1.00 23.83 ? 293 LEU A CB  1 
ATOM   408  C  CG  . LEU A 1 52  ? 2.597   -4.118  -1.571  1.00 24.56 ? 293 LEU A CG  1 
ATOM   409  C  CD1 . LEU A 1 52  ? 1.308   -4.194  -0.813  1.00 23.39 ? 293 LEU A CD1 1 
ATOM   410  C  CD2 . LEU A 1 52  ? 2.445   -4.577  -3.027  1.00 26.86 ? 293 LEU A CD2 1 
ATOM   411  N  N   . PHE A 1 53  ? 4.364   -3.555  1.627   1.00 23.67 ? 294 PHE A N   1 
ATOM   412  C  CA  . PHE A 1 53  ? 5.234   -4.517  2.290   1.00 25.36 ? 294 PHE A CA  1 
ATOM   413  C  C   . PHE A 1 53  ? 4.532   -5.868  2.241   1.00 27.61 ? 294 PHE A C   1 
ATOM   414  O  O   . PHE A 1 53  ? 3.374   -5.956  1.873   1.00 27.71 ? 294 PHE A O   1 
ATOM   415  C  CB  . PHE A 1 53  ? 5.371   -4.153  3.770   1.00 25.82 ? 294 PHE A CB  1 
ATOM   416  C  CG  . PHE A 1 53  ? 5.811   -2.743  4.008   1.00 27.52 ? 294 PHE A CG  1 
ATOM   417  C  CD1 . PHE A 1 53  ? 4.874   -1.703  4.087   1.00 27.50 ? 294 PHE A CD1 1 
ATOM   418  C  CD2 . PHE A 1 53  ? 7.162   -2.444  4.161   1.00 27.81 ? 294 PHE A CD2 1 
ATOM   419  C  CE1 . PHE A 1 53  ? 5.293   -0.392  4.321   1.00 28.28 ? 294 PHE A CE1 1 
ATOM   420  C  CE2 . PHE A 1 53  ? 7.578   -1.125  4.395   1.00 27.84 ? 294 PHE A CE2 1 
ATOM   421  C  CZ  . PHE A 1 53  ? 6.647   -0.106  4.468   1.00 27.93 ? 294 PHE A CZ  1 
ATOM   422  N  N   . ASP A 1 54  ? 5.211   -6.931  2.626   1.00 29.01 ? 295 ASP A N   1 
ATOM   423  C  CA  . ASP A 1 54  ? 4.475   -8.167  2.882   1.00 31.06 ? 295 ASP A CA  1 
ATOM   424  C  C   . ASP A 1 54  ? 3.571   -7.893  4.080   1.00 29.32 ? 295 ASP A C   1 
ATOM   425  O  O   . ASP A 1 54  ? 4.013   -7.330  5.089   1.00 32.51 ? 295 ASP A O   1 
ATOM   426  C  CB  . ASP A 1 54  ? 5.408   -9.390  3.068   1.00 34.02 ? 295 ASP A CB  1 
ATOM   427  C  CG  . ASP A 1 54  ? 6.482   -9.185  4.147   1.00 35.15 ? 295 ASP A CG  1 
ATOM   428  O  OD1 . ASP A 1 54  ? 7.018   -8.069  4.286   1.00 32.15 ? 295 ASP A OD1 1 
ATOM   429  O  OD2 . ASP A 1 54  ? 6.810   -10.154 4.856   1.00 38.08 ? 295 ASP A OD2 1 
ATOM   430  N  N   . ASN A 1 55  ? 2.290   -8.214  3.920   1.00 26.28 ? 296 ASN A N   1 
ATOM   431  C  CA  . ASN A 1 55  ? 1.240   -8.052  4.932   1.00 25.79 ? 296 ASN A CA  1 
ATOM   432  C  C   . ASN A 1 55  ? 0.678   -6.673  5.175   1.00 22.88 ? 296 ASN A C   1 
ATOM   433  O  O   . ASN A 1 55  ? -0.245  -6.555  5.967   1.00 21.64 ? 296 ASN A O   1 
ATOM   434  C  CB  . ASN A 1 55  ? 1.605   -8.652  6.288   1.00 29.50 ? 296 ASN A CB  1 
ATOM   435  C  CG  . ASN A 1 55  ? 2.244   -10.001 6.145   1.00 33.16 ? 296 ASN A CG  1 
ATOM   436  O  OD1 . ASN A 1 55  ? 1.686   -10.894 5.503   1.00 34.93 ? 296 ASN A OD1 1 
ATOM   437  N  ND2 . ASN A 1 55  ? 3.447   -10.123 6.637   1.00 35.12 ? 296 ASN A ND2 1 
ATOM   438  N  N   . LEU A 1 56  ? 1.194   -5.635  4.512   1.00 24.99 ? 297 LEU A N   1 
ATOM   439  C  CA  . LEU A 1 56  ? 0.765   -4.263  4.851   1.00 23.01 ? 297 LEU A CA  1 
ATOM   440  C  C   . LEU A 1 56  ? 0.929   -3.277  3.701   1.00 23.06 ? 297 LEU A C   1 
ATOM   441  O  O   . LEU A 1 56  ? 1.967   -3.247  3.013   1.00 21.18 ? 297 LEU A O   1 
ATOM   442  C  CB  . LEU A 1 56  ? 1.564   -3.758  6.067   1.00 25.76 ? 297 LEU A CB  1 
ATOM   443  C  CG  . LEU A 1 56  ? 1.188   -2.433  6.697   1.00 21.78 ? 297 LEU A CG  1 
ATOM   444  C  CD1 . LEU A 1 56  ? -0.083  -2.595  7.501   1.00 22.39 ? 297 LEU A CD1 1 
ATOM   445  C  CD2 . LEU A 1 56  ? 2.272   -1.902  7.615   1.00 23.97 ? 297 LEU A CD2 1 
ATOM   446  N  N   . LEU A 1 57  ? -0.132  -2.488  3.495   1.00 21.87 ? 298 LEU A N   1 
ATOM   447  C  CA  . LEU A 1 57  ? -0.070  -1.300  2.642   1.00 22.13 ? 298 LEU A CA  1 
ATOM   448  C  C   . LEU A 1 57  ? -0.113  -0.066  3.532   1.00 21.90 ? 298 LEU A C   1 
ATOM   449  O  O   . LEU A 1 57  ? -0.928  0.016   4.443   1.00 22.83 ? 298 LEU A O   1 
ATOM   450  C  CB  . LEU A 1 57  ? -1.255  -1.249  1.701   1.00 22.90 ? 298 LEU A CB  1 
ATOM   451  C  CG  . LEU A 1 57  ? -1.193  -0.096  0.699   1.00 23.17 ? 298 LEU A CG  1 
ATOM   452  C  CD1 . LEU A 1 57  ? -0.180  -0.410  -0.373  1.00 25.63 ? 298 LEU A CD1 1 
ATOM   453  C  CD2 . LEU A 1 57  ? -2.581  0.161   0.138   1.00 27.99 ? 298 LEU A CD2 1 
ATOM   454  N  N   . VAL A 1 58  ? 0.755   0.898   3.242   1.00 22.06 ? 299 VAL A N   1 
ATOM   455  C  CA  . VAL A 1 58  ? 0.803   2.161   3.981   1.00 22.49 ? 299 VAL A CA  1 
ATOM   456  C  C   . VAL A 1 58  ? 0.784   3.312   2.971   1.00 21.62 ? 299 VAL A C   1 
ATOM   457  O  O   . VAL A 1 58  ? 1.430   3.230   1.931   1.00 22.46 ? 299 VAL A O   1 
ATOM   458  C  CB  . VAL A 1 58  ? 2.073   2.262   4.845   1.00 22.98 ? 299 VAL A CB  1 
ATOM   459  C  CG1 . VAL A 1 58  ? 2.142   3.602   5.561   1.00 24.26 ? 299 VAL A CG1 1 
ATOM   460  C  CG2 . VAL A 1 58  ? 2.132   1.114   5.850   1.00 24.24 ? 299 VAL A CG2 1 
ATOM   461  N  N   . TYR A 1 59  ? 0.037   4.359   3.294   1.00 23.39 ? 300 TYR A N   1 
ATOM   462  C  CA  . TYR A 1 59  ? 0.046   5.579   2.471   1.00 23.74 ? 300 TYR A CA  1 
ATOM   463  C  C   . TYR A 1 59  ? 0.318   6.807   3.374   1.00 24.13 ? 300 TYR A C   1 
ATOM   464  O  O   . TYR A 1 59  ? -0.079  6.853   4.551   1.00 22.19 ? 300 TYR A O   1 
ATOM   465  C  CB  . TYR A 1 59  ? -1.206  5.711   1.611   1.00 22.70 ? 300 TYR A CB  1 
ATOM   466  C  CG  . TYR A 1 59  ? -2.513  5.597   2.333   1.00 23.02 ? 300 TYR A CG  1 
ATOM   467  C  CD1 . TYR A 1 59  ? -3.102  4.347   2.573   1.00 22.49 ? 300 TYR A CD1 1 
ATOM   468  C  CD2 . TYR A 1 59  ? -3.158  6.713   2.801   1.00 21.63 ? 300 TYR A CD2 1 
ATOM   469  C  CE1 . TYR A 1 59  ? -4.294  4.254   3.236   1.00 23.99 ? 300 TYR A CE1 1 
ATOM   470  C  CE2 . TYR A 1 59  ? -4.336  6.624   3.495   1.00 24.73 ? 300 TYR A CE2 1 
ATOM   471  C  CZ  . TYR A 1 59  ? -4.933  5.396   3.689   1.00 26.03 ? 300 TYR A CZ  1 
ATOM   472  O  OH  . TYR A 1 59  ? -6.146  5.305   4.365   1.00 26.65 ? 300 TYR A OH  1 
ATOM   473  N  N   . CYS A 1 60  ? 1.046   7.750   2.786   1.00 25.64 ? 301 CYS A N   1 
ATOM   474  C  CA  . CYS A 1 60  ? 1.600   8.903   3.480   1.00 26.34 ? 301 CYS A CA  1 
ATOM   475  C  C   . CYS A 1 60  ? 1.590   10.121  2.572   1.00 28.57 ? 301 CYS A C   1 
ATOM   476  O  O   . CYS A 1 60  ? 1.639   9.994   1.329   1.00 27.44 ? 301 CYS A O   1 
ATOM   477  C  CB  . CYS A 1 60  ? 3.075   8.681   3.836   1.00 25.89 ? 301 CYS A CB  1 
ATOM   478  S  SG  . CYS A 1 60  ? 3.430   7.348   4.988   1.00 30.92 ? 301 CYS A SG  1 
ATOM   479  N  N   . LYS A 1 61  ? 1.611   11.280  3.215   1.00 30.00 ? 302 LYS A N   1 
ATOM   480  C  CA  . LYS A 1 61  ? 1.929   12.533  2.550   1.00 34.46 ? 302 LYS A CA  1 
ATOM   481  C  C   . LYS A 1 61  ? 3.439   12.696  2.550   1.00 35.41 ? 302 LYS A C   1 
ATOM   482  O  O   . LYS A 1 61  ? 4.102   12.543  3.588   1.00 33.81 ? 302 LYS A O   1 
ATOM   483  C  CB  . LYS A 1 61  ? 1.245   13.723  3.234   1.00 37.83 ? 302 LYS A CB  1 
ATOM   484  C  CG  . LYS A 1 61  ? 1.370   15.011  2.403   1.00 42.88 ? 302 LYS A CG  1 
ATOM   485  C  CD  . LYS A 1 61  ? 0.402   16.096  2.855   1.00 47.71 ? 302 LYS A CD  1 
ATOM   486  C  CE  . LYS A 1 61  ? 1.103   17.187  3.658   1.00 53.42 ? 302 LYS A CE  1 
ATOM   487  N  NZ  . LYS A 1 61  ? 0.161   18.263  4.077   1.00 53.06 ? 302 LYS A NZ  1 
ATOM   488  N  N   . ARG A 1 62  ? 3.976   12.988  1.376   1.00 33.95 ? 303 ARG A N   1 
ATOM   489  C  CA  . ARG A 1 62  ? 5.373   13.234  1.207   1.00 40.24 ? 303 ARG A CA  1 
ATOM   490  C  C   . ARG A 1 62  ? 5.680   14.677  1.657   1.00 44.60 ? 303 ARG A C   1 
ATOM   491  O  O   . ARG A 1 62  ? 4.955   15.600  1.317   1.00 40.69 ? 303 ARG A O   1 
ATOM   492  C  CB  . ARG A 1 62  ? 5.742   13.019  -0.257  1.00 44.96 ? 303 ARG A CB  1 
ATOM   493  C  CG  . ARG A 1 62  ? 7.224   13.025  -0.518  1.00 49.40 ? 303 ARG A CG  1 
ATOM   494  C  CD  . ARG A 1 62  ? 7.565   12.264  -1.784  1.00 55.41 ? 303 ARG A CD  1 
ATOM   495  N  NE  . ARG A 1 62  ? 9.002   12.335  -2.012  1.00 60.23 ? 303 ARG A NE  1 
ATOM   496  C  CZ  . ARG A 1 62  ? 9.655   13.395  -2.495  1.00 65.70 ? 303 ARG A CZ  1 
ATOM   497  N  NH1 . ARG A 1 62  ? 9.012   14.513  -2.848  1.00 70.25 ? 303 ARG A NH1 1 
ATOM   498  N  NH2 . ARG A 1 62  ? 10.976  13.332  -2.641  1.00 69.85 ? 303 ARG A NH2 1 
ATOM   499  N  N   . LYS A 1 63  ? 6.714   14.844  2.480   1.00 49.36 ? 304 LYS A N   1 
ATOM   500  C  CA  . LYS A 1 63  ? 7.258   16.175  2.797   1.00 52.48 ? 304 LYS A CA  1 
ATOM   501  C  C   . LYS A 1 63  ? 8.362   16.471  1.781   1.00 54.23 ? 304 LYS A C   1 
ATOM   502  O  O   . LYS A 1 63  ? 9.194   15.600  1.487   1.00 53.54 ? 304 LYS A O   1 
ATOM   503  C  CB  . LYS A 1 63  ? 7.814   16.223  4.223   1.00 52.69 ? 304 LYS A CB  1 
ATOM   504  C  CG  . LYS A 1 63  ? 6.770   15.967  5.292   1.00 52.35 ? 304 LYS A CG  1 
ATOM   505  C  CD  . LYS A 1 63  ? 7.350   16.075  6.690   1.00 54.91 ? 304 LYS A CD  1 
ATOM   506  C  CE  . LYS A 1 63  ? 7.366   17.507  7.200   1.00 58.91 ? 304 LYS A CE  1 
ATOM   507  N  NZ  . LYS A 1 63  ? 7.421   17.537  8.691   1.00 62.07 ? 304 LYS A NZ  1 
ATOM   508  N  N   . SER A 1 64  ? 8.355   17.687  1.239   1.00 60.05 ? 305 SER A N   1 
ATOM   509  C  CA  . SER A 1 64  ? 9.366   18.136  0.260   1.00 62.59 ? 305 SER A CA  1 
ATOM   510  C  C   . SER A 1 64  ? 10.767  18.325  0.870   1.00 64.28 ? 305 SER A C   1 
ATOM   511  O  O   . SER A 1 64  ? 10.933  18.403  2.096   1.00 60.40 ? 305 SER A O   1 
ATOM   512  C  CB  . SER A 1 64  ? 8.918   19.454  -0.370  1.00 65.04 ? 305 SER A CB  1 
ATOM   513  O  OG  . SER A 1 64  ? 8.626   20.393  0.650   1.00 66.54 ? 305 SER A OG  1 
ATOM   514  N  N   . LYS A 1 77  ? 17.414  14.010  2.483   1.00 54.00 ? 318 LYS A N   1 
ATOM   515  C  CA  . LYS A 1 77  ? 17.615  14.644  3.802   1.00 54.50 ? 318 LYS A CA  1 
ATOM   516  C  C   . LYS A 1 77  ? 16.748  15.885  4.079   1.00 51.38 ? 318 LYS A C   1 
ATOM   517  O  O   . LYS A 1 77  ? 16.955  16.953  3.492   1.00 56.14 ? 318 LYS A O   1 
ATOM   518  C  CB  . LYS A 1 77  ? 19.092  15.006  3.989   1.00 51.53 ? 318 LYS A CB  1 
ATOM   519  C  CG  . LYS A 1 77  ? 19.820  14.074  4.938   1.00 50.77 ? 318 LYS A CG  1 
ATOM   520  C  CD  . LYS A 1 77  ? 21.292  14.405  4.965   1.00 49.14 ? 318 LYS A CD  1 
ATOM   521  C  CE  . LYS A 1 77  ? 22.138  13.196  5.343   1.00 50.64 ? 318 LYS A CE  1 
ATOM   522  N  NZ  . LYS A 1 77  ? 23.568  13.593  5.492   1.00 53.05 ? 318 LYS A NZ  1 
ATOM   523  N  N   . SER A 1 78  ? 15.802  15.744  5.002   1.00 48.82 ? 319 SER A N   1 
ATOM   524  C  CA  . SER A 1 78  ? 14.954  16.858  5.423   1.00 42.43 ? 319 SER A CA  1 
ATOM   525  C  C   . SER A 1 78  ? 15.576  17.585  6.627   1.00 37.14 ? 319 SER A C   1 
ATOM   526  O  O   . SER A 1 78  ? 16.481  17.057  7.281   1.00 34.16 ? 319 SER A O   1 
ATOM   527  C  CB  . SER A 1 78  ? 13.593  16.329  5.829   1.00 42.97 ? 319 SER A CB  1 
ATOM   528  O  OG  . SER A 1 78  ? 13.734  15.484  6.961   1.00 41.13 ? 319 SER A OG  1 
ATOM   529  N  N   . ILE A 1 79  ? 15.050  18.760  6.954   1.00 34.87 ? 320 ILE A N   1 
ATOM   530  C  CA  . ILE A 1 79  ? 15.586  19.520  8.088   1.00 36.22 ? 320 ILE A CA  1 
ATOM   531  C  C   . ILE A 1 79  ? 15.371  18.755  9.393   1.00 36.95 ? 320 ILE A C   1 
ATOM   532  O  O   . ILE A 1 79  ? 16.346  18.488  10.117  1.00 35.12 ? 320 ILE A O   1 
ATOM   533  C  CB  . ILE A 1 79  ? 15.005  20.950  8.162   1.00 39.98 ? 320 ILE A CB  1 
ATOM   534  C  CG1 . ILE A 1 79  ? 15.383  21.738  6.909   1.00 37.50 ? 320 ILE A CG1 1 
ATOM   535  C  CG2 . ILE A 1 79  ? 15.553  21.668  9.374   1.00 39.25 ? 320 ILE A CG2 1 
ATOM   536  C  CD1 . ILE A 1 79  ? 14.616  23.034  6.762   1.00 40.82 ? 320 ILE A CD1 1 
ATOM   537  N  N   . ASN A 1 80  ? 14.126  18.357  9.673   1.00 37.35 ? 321 ASN A N   1 
ATOM   538  C  CA  . ASN A 1 80  ? 13.805  17.663  10.932  1.00 39.65 ? 321 ASN A CA  1 
ATOM   539  C  C   . ASN A 1 80  ? 13.997  16.131  10.967  1.00 40.06 ? 321 ASN A C   1 
ATOM   540  O  O   . ASN A 1 80  ? 13.828  15.521  12.016  1.00 40.12 ? 321 ASN A O   1 
ATOM   541  C  CB  . ASN A 1 80  ? 12.414  18.065  11.450  1.00 43.36 ? 321 ASN A CB  1 
ATOM   542  C  CG  . ASN A 1 80  ? 11.239  17.351  10.752  1.00 44.85 ? 321 ASN A CG  1 
ATOM   543  O  OD1 . ASN A 1 80  ? 11.378  16.330  10.060  1.00 41.12 ? 321 ASN A OD1 1 
ATOM   544  N  ND2 . ASN A 1 80  ? 10.046  17.890  10.983  1.00 47.85 ? 321 ASN A ND2 1 
ATOM   545  N  N   . GLY A 1 81  ? 14.341  15.527  9.838   1.00 40.02 ? 322 GLY A N   1 
ATOM   546  C  CA  . GLY A 1 81  ? 14.570  14.077  9.763   1.00 46.35 ? 322 GLY A CA  1 
ATOM   547  C  C   . GLY A 1 81  ? 13.411  13.294  9.157   1.00 44.46 ? 322 GLY A C   1 
ATOM   548  O  O   . GLY A 1 81  ? 13.644  12.339  8.414   1.00 51.07 ? 322 GLY A O   1 
ATOM   549  N  N   . SER A 1 82  ? 12.178  13.695  9.458   1.00 43.80 ? 323 SER A N   1 
ATOM   550  C  CA  . SER A 1 82  ? 10.985  13.000  8.943   1.00 43.54 ? 323 SER A CA  1 
ATOM   551  C  C   . SER A 1 82  ? 10.758  13.361  7.471   1.00 44.43 ? 323 SER A C   1 
ATOM   552  O  O   . SER A 1 82  ? 10.900  14.519  7.081   1.00 44.40 ? 323 SER A O   1 
ATOM   553  C  CB  . SER A 1 82  ? 9.768   13.335  9.786   1.00 45.07 ? 323 SER A CB  1 
ATOM   554  O  OG  . SER A 1 82  ? 9.262   14.604  9.433   1.00 52.15 ? 323 SER A OG  1 
ATOM   555  N  N   . LEU A 1 83  ? 10.468  12.354  6.647   1.00 42.87 ? 324 LEU A N   1 
ATOM   556  C  CA  . LEU A 1 83  ? 10.252  12.543  5.212   1.00 39.47 ? 324 LEU A CA  1 
ATOM   557  C  C   . LEU A 1 83  ? 8.798   12.356  4.780   1.00 38.51 ? 324 LEU A C   1 
ATOM   558  O  O   . LEU A 1 83  ? 8.443   12.711  3.645   1.00 38.91 ? 324 LEU A O   1 
ATOM   559  C  CB  . LEU A 1 83  ? 11.112  11.564  4.427   1.00 42.41 ? 324 LEU A CB  1 
ATOM   560  C  CG  . LEU A 1 83  ? 12.611  11.627  4.674   1.00 44.62 ? 324 LEU A CG  1 
ATOM   561  C  CD1 . LEU A 1 83  ? 13.262  10.470  3.948   1.00 45.94 ? 324 LEU A CD1 1 
ATOM   562  C  CD2 . LEU A 1 83  ? 13.162  12.965  4.204   1.00 47.14 ? 324 LEU A CD2 1 
ATOM   563  N  N   . TYR A 1 84  ? 7.969   11.810  5.668   1.00 31.92 ? 325 TYR A N   1 
ATOM   564  C  CA  . TYR A 1 84  ? 6.611   11.510  5.328   1.00 29.11 ? 325 TYR A CA  1 
ATOM   565  C  C   . TYR A 1 84  ? 5.741   11.758  6.515   1.00 28.25 ? 325 TYR A C   1 
ATOM   566  O  O   . TYR A 1 84  ? 6.191   11.688  7.667   1.00 28.45 ? 325 TYR A O   1 
ATOM   567  C  CB  . TYR A 1 84  ? 6.515   10.027  4.943   1.00 28.49 ? 325 TYR A CB  1 
ATOM   568  C  CG  . TYR A 1 84  ? 7.389   9.609   3.801   1.00 27.05 ? 325 TYR A CG  1 
ATOM   569  C  CD1 . TYR A 1 84  ? 7.022   9.869   2.491   1.00 27.62 ? 325 TYR A CD1 1 
ATOM   570  C  CD2 . TYR A 1 84  ? 8.565   8.931   4.017   1.00 28.63 ? 325 TYR A CD2 1 
ATOM   571  C  CE1 . TYR A 1 84  ? 7.812   9.461   1.425   1.00 30.23 ? 325 TYR A CE1 1 
ATOM   572  C  CE2 . TYR A 1 84  ? 9.376   8.531   2.958   1.00 29.13 ? 325 TYR A CE2 1 
ATOM   573  C  CZ  . TYR A 1 84  ? 8.985   8.793   1.667   1.00 29.64 ? 325 TYR A CZ  1 
ATOM   574  O  OH  . TYR A 1 84  ? 9.770   8.417   0.611   1.00 32.20 ? 325 TYR A OH  1 
ATOM   575  N  N   . ILE A 1 85  ? 4.474   12.008  6.257   1.00 27.75 ? 326 ILE A N   1 
ATOM   576  C  CA  . ILE A 1 85  ? 3.497   12.115  7.322   1.00 29.42 ? 326 ILE A CA  1 
ATOM   577  C  C   . ILE A 1 85  ? 2.538   10.963  7.101   1.00 29.43 ? 326 ILE A C   1 
ATOM   578  O  O   . ILE A 1 85  ? 1.962   10.829  6.018   1.00 27.63 ? 326 ILE A O   1 
ATOM   579  C  CB  . ILE A 1 85  ? 2.765   13.467  7.328   1.00 35.00 ? 326 ILE A CB  1 
ATOM   580  C  CG1 . ILE A 1 85  ? 3.782   14.617  7.420   1.00 39.21 ? 326 ILE A CG1 1 
ATOM   581  C  CG2 . ILE A 1 85  ? 1.820   13.546  8.530   1.00 34.88 ? 326 ILE A CG2 1 
ATOM   582  C  CD1 . ILE A 1 85  ? 3.200   15.970  7.087   1.00 41.57 ? 326 ILE A CD1 1 
ATOM   583  N  N   . PHE A 1 86  ? 2.392   10.129  8.121   1.00 26.97 ? 327 PHE A N   1 
ATOM   584  C  CA  . PHE A 1 86  ? 1.508   8.985   8.064   1.00 26.54 ? 327 PHE A CA  1 
ATOM   585  C  C   . PHE A 1 86  ? 0.084   9.395   7.738   1.00 27.83 ? 327 PHE A C   1 
ATOM   586  O  O   . PHE A 1 86  ? -0.440  10.290  8.385   1.00 28.42 ? 327 PHE A O   1 
ATOM   587  C  CB  . PHE A 1 86  ? 1.521   8.311   9.433   1.00 25.93 ? 327 PHE A CB  1 
ATOM   588  C  CG  . PHE A 1 86  ? 0.665   7.087   9.516   1.00 26.72 ? 327 PHE A CG  1 
ATOM   589  C  CD1 . PHE A 1 86  ? 1.186   5.855   9.186   1.00 26.23 ? 327 PHE A CD1 1 
ATOM   590  C  CD2 . PHE A 1 86  ? -0.643  7.175   9.945   1.00 26.50 ? 327 PHE A CD2 1 
ATOM   591  C  CE1 . PHE A 1 86  ? 0.408   4.718   9.268   1.00 27.43 ? 327 PHE A CE1 1 
ATOM   592  C  CE2 . PHE A 1 86  ? -1.437  6.059   10.021  1.00 28.20 ? 327 PHE A CE2 1 
ATOM   593  C  CZ  . PHE A 1 86  ? -0.900  4.819   9.693   1.00 28.39 ? 327 PHE A CZ  1 
ATOM   594  N  N   . ARG A 1 87  ? -0.555  8.725   6.775   1.00 26.79 ? 328 ARG A N   1 
ATOM   595  C  CA  . ARG A 1 87  ? -1.986  8.926   6.527   1.00 26.79 ? 328 ARG A CA  1 
ATOM   596  C  C   . ARG A 1 87  ? -2.851  7.710   6.794   1.00 26.01 ? 328 ARG A C   1 
ATOM   597  O  O   . ARG A 1 87  ? -3.981  7.855   7.208   1.00 27.03 ? 328 ARG A O   1 
ATOM   598  C  CB  . ARG A 1 87  ? -2.251  9.340   5.075   1.00 28.99 ? 328 ARG A CB  1 
ATOM   599  C  CG  . ARG A 1 87  ? -1.478  10.526  4.584   1.00 34.65 ? 328 ARG A CG  1 
ATOM   600  C  CD  . ARG A 1 87  ? -1.434  11.690  5.513   1.00 38.94 ? 328 ARG A CD  1 
ATOM   601  N  NE  . ARG A 1 87  ? -2.744  12.262  5.731   1.00 42.36 ? 328 ARG A NE  1 
ATOM   602  C  CZ  . ARG A 1 87  ? -2.953  13.567  5.923   1.00 52.46 ? 328 ARG A CZ  1 
ATOM   603  N  NH1 . ARG A 1 87  ? -1.935  14.446  5.926   1.00 54.19 ? 328 ARG A NH1 1 
ATOM   604  N  NH2 . ARG A 1 87  ? -4.201  14.007  6.119   1.00 53.43 ? 328 ARG A NH2 1 
ATOM   605  N  N   . GLY A 1 88  ? -2.362  6.517   6.491   1.00 24.03 ? 329 GLY A N   1 
ATOM   606  C  CA  . GLY A 1 88  ? -3.161  5.331   6.756   1.00 22.92 ? 329 GLY A CA  1 
ATOM   607  C  C   . GLY A 1 88  ? -2.399  4.073   6.436   1.00 22.50 ? 329 GLY A C   1 
ATOM   608  O  O   . GLY A 1 88  ? -1.310  4.119   5.848   1.00 21.28 ? 329 GLY A O   1 
ATOM   609  N  N   . ARG A 1 89  ? -2.995  2.958   6.853   1.00 21.79 ? 330 ARG A N   1 
ATOM   610  C  CA  . ARG A 1 89  ? -2.432  1.641   6.634   1.00 22.39 ? 330 ARG A CA  1 
ATOM   611  C  C   . ARG A 1 89  ? -3.548  0.610   6.498   1.00 21.93 ? 330 ARG A C   1 
ATOM   612  O  O   . ARG A 1 89  ? -4.623  0.790   7.065   1.00 20.50 ? 330 ARG A O   1 
ATOM   613  C  CB  . ARG A 1 89  ? -1.508  1.242   7.810   1.00 22.94 ? 330 ARG A CB  1 
ATOM   614  C  CG  . ARG A 1 89  ? -2.233  1.150   9.141   1.00 23.42 ? 330 ARG A CG  1 
ATOM   615  C  CD  . ARG A 1 89  ? -1.287  0.943   10.300  1.00 25.73 ? 330 ARG A CD  1 
ATOM   616  N  NE  . ARG A 1 89  ? -0.924  -0.466  10.493  1.00 25.14 ? 330 ARG A NE  1 
ATOM   617  C  CZ  . ARG A 1 89  ? 0.126   -0.891  11.193  1.00 27.72 ? 330 ARG A CZ  1 
ATOM   618  N  NH1 . ARG A 1 89  ? 0.963   -0.041  11.771  1.00 26.75 ? 330 ARG A NH1 1 
ATOM   619  N  NH2 . ARG A 1 89  ? 0.353   -2.200  11.305  1.00 29.25 ? 330 ARG A NH2 1 
ATOM   620  N  N   . ILE A 1 90  ? -3.275  -0.471  5.765   1.00 21.06 ? 331 ILE A N   1 
ATOM   621  C  CA  . ILE A 1 90  ? -4.249  -1.558  5.577   1.00 21.08 ? 331 ILE A CA  1 
ATOM   622  C  C   . ILE A 1 90  ? -3.526  -2.900  5.673   1.00 21.30 ? 331 ILE A C   1 
ATOM   623  O  O   . ILE A 1 90  ? -2.596  -3.174  4.908   1.00 20.76 ? 331 ILE A O   1 
ATOM   624  C  CB  . ILE A 1 90  ? -4.983  -1.510  4.190   1.00 23.01 ? 331 ILE A CB  1 
ATOM   625  C  CG1 . ILE A 1 90  ? -5.537  -0.104  3.869   1.00 22.60 ? 331 ILE A CG1 1 
ATOM   626  C  CG2 . ILE A 1 90  ? -6.147  -2.504  4.145   1.00 23.11 ? 331 ILE A CG2 1 
ATOM   627  C  CD1 . ILE A 1 90  ? -6.021  0.022   2.442   1.00 23.70 ? 331 ILE A CD1 1 
ATOM   628  N  N   . ASN A 1 91  ? -3.998  -3.753  6.565   1.00 20.95 ? 332 ASN A N   1 
ATOM   629  C  CA  . ASN A 1 91  ? -3.488  -5.129  6.584   1.00 23.02 ? 332 ASN A CA  1 
ATOM   630  C  C   . ASN A 1 91  ? -3.909  -5.779  5.279   1.00 21.93 ? 332 ASN A C   1 
ATOM   631  O  O   . ASN A 1 91  ? -5.079  -5.784  4.946   1.00 25.57 ? 332 ASN A O   1 
ATOM   632  C  CB  . ASN A 1 91  ? -3.994  -5.855  7.825   1.00 25.64 ? 332 ASN A CB  1 
ATOM   633  C  CG  . ASN A 1 91  ? -3.671  -7.356  7.811   1.00 27.49 ? 332 ASN A CG  1 
ATOM   634  O  OD1 . ASN A 1 91  ? -3.204  -7.915  6.828   1.00 27.01 ? 332 ASN A OD1 1 
ATOM   635  N  ND2 . ASN A 1 91  ? -4.022  -8.009  8.885   1.00 33.77 ? 332 ASN A ND2 1 
ATOM   636  N  N   . THR A 1 92  ? -2.974  -6.283  4.493   1.00 22.57 ? 333 THR A N   1 
ATOM   637  C  CA  . THR A 1 92  ? -3.327  -6.762  3.163   1.00 23.74 ? 333 THR A CA  1 
ATOM   638  C  C   . THR A 1 92  ? -4.380  -7.896  3.171   1.00 27.08 ? 333 THR A C   1 
ATOM   639  O  O   . THR A 1 92  ? -5.064  -8.096  2.165   1.00 24.14 ? 333 THR A O   1 
ATOM   640  C  CB  . THR A 1 92  ? -2.127  -7.163  2.319   1.00 25.27 ? 333 THR A CB  1 
ATOM   641  O  OG1 . THR A 1 92  ? -1.344  -8.151  3.002   1.00 24.69 ? 333 THR A OG1 1 
ATOM   642  C  CG2 . THR A 1 92  ? -1.250  -5.949  1.982   1.00 25.69 ? 333 THR A CG2 1 
ATOM   643  N  N   . GLU A 1 93  ? -4.521  -8.591  4.301   1.00 26.49 ? 334 GLU A N   1 
ATOM   644  C  CA  . GLU A 1 93  ? -5.598  -9.592  4.480   1.00 30.91 ? 334 GLU A CA  1 
ATOM   645  C  C   . GLU A 1 93  ? -7.015  -9.037  4.419   1.00 30.28 ? 334 GLU A C   1 
ATOM   646  O  O   . GLU A 1 93  ? -7.952  -9.781  4.124   1.00 29.99 ? 334 GLU A O   1 
ATOM   647  C  CB  . GLU A 1 93  ? -5.438  -10.282 5.834   1.00 33.91 ? 334 GLU A CB  1 
ATOM   648  C  CG  . GLU A 1 93  ? -4.336  -11.318 5.840   1.00 40.78 ? 334 GLU A CG  1 
ATOM   649  C  CD  . GLU A 1 93  ? -4.875  -12.726 5.991   1.00 50.44 ? 334 GLU A CD  1 
ATOM   650  O  OE1 . GLU A 1 93  ? -5.214  -13.100 7.143   1.00 55.77 ? 334 GLU A OE1 1 
ATOM   651  O  OE2 . GLU A 1 93  ? -4.956  -13.450 4.973   1.00 60.34 ? 334 GLU A OE2 1 
ATOM   652  N  N   . VAL A 1 94  ? -7.180  -7.758  4.766   1.00 27.20 ? 335 VAL A N   1 
ATOM   653  C  CA  . VAL A 1 94  ? -8.488  -7.100  4.739   1.00 25.62 ? 335 VAL A CA  1 
ATOM   654  C  C   . VAL A 1 94  ? -8.584  -6.072  3.570   1.00 26.66 ? 335 VAL A C   1 
ATOM   655  O  O   . VAL A 1 94  ? -9.485  -5.273  3.516   1.00 26.39 ? 335 VAL A O   1 
ATOM   656  C  CB  . VAL A 1 94  ? -8.805  -6.442  6.100   1.00 25.85 ? 335 VAL A CB  1 
ATOM   657  C  CG1 . VAL A 1 94  ? -8.683  -7.459  7.227   1.00 27.88 ? 335 VAL A CG1 1 
ATOM   658  C  CG2 . VAL A 1 94  ? -7.895  -5.262  6.429   1.00 25.13 ? 335 VAL A CG2 1 
ATOM   659  N  N   . MET A 1 95  ? -7.643  -6.113  2.642   1.00 28.38 ? 336 MET A N   1 
ATOM   660  C  CA  . MET A 1 95  ? -7.586  -5.161  1.551   1.00 27.94 ? 336 MET A CA  1 
ATOM   661  C  C   . MET A 1 95  ? -8.184  -5.797  0.304   1.00 28.38 ? 336 MET A C   1 
ATOM   662  O  O   . MET A 1 95  ? -7.650  -6.765  -0.211  1.00 33.56 ? 336 MET A O   1 
ATOM   663  C  CB  . MET A 1 95  ? -6.129  -4.776  1.311   1.00 25.84 ? 336 MET A CB  1 
ATOM   664  C  CG  . MET A 1 95  ? -5.910  -3.672  0.272   1.00 26.75 ? 336 MET A CG  1 
ATOM   665  S  SD  . MET A 1 95  ? -4.162  -3.378  -0.007  1.00 29.00 ? 336 MET A SD  1 
ATOM   666  C  CE  . MET A 1 95  ? -3.657  -4.847  -0.916  1.00 30.63 ? 336 MET A CE  1 
ATOM   667  N  N   . GLU A 1 96  ? -9.294  -5.271  -0.178  1.00 26.44 ? 337 GLU A N   1 
ATOM   668  C  CA  . GLU A 1 96  ? -9.935  -5.777  -1.398  1.00 26.01 ? 337 GLU A CA  1 
ATOM   669  C  C   . GLU A 1 96  ? -9.602  -4.823  -2.533  1.00 26.07 ? 337 GLU A C   1 
ATOM   670  O  O   . GLU A 1 96  ? -9.924  -3.628  -2.444  1.00 25.15 ? 337 GLU A O   1 
ATOM   671  C  CB  . GLU A 1 96  ? -11.432 -5.809  -1.211  1.00 26.85 ? 337 GLU A CB  1 
ATOM   672  C  CG  . GLU A 1 96  ? -11.891 -6.653  -0.044  1.00 32.59 ? 337 GLU A CG  1 
ATOM   673  C  CD  . GLU A 1 96  ? -11.727 -8.149  -0.314  1.00 34.76 ? 337 GLU A CD  1 
ATOM   674  O  OE1 . GLU A 1 96  ? -11.636 -8.516  -1.500  1.00 33.49 ? 337 GLU A OE1 1 
ATOM   675  O  OE2 . GLU A 1 96  ? -11.693 -8.923  0.670   1.00 39.29 ? 337 GLU A OE2 1 
ATOM   676  N  N   . VAL A 1 97  ? -8.988  -5.323  -3.591  1.00 23.30 ? 338 VAL A N   1 
ATOM   677  C  CA  . VAL A 1 97  ? -8.536  -4.473  -4.688  1.00 24.35 ? 338 VAL A CA  1 
ATOM   678  C  C   . VAL A 1 97  ? -9.369  -4.843  -5.914  1.00 26.94 ? 338 VAL A C   1 
ATOM   679  O  O   . VAL A 1 97  ? -9.506  -6.034  -6.231  1.00 25.34 ? 338 VAL A O   1 
ATOM   680  C  CB  . VAL A 1 97  ? -7.025  -4.675  -4.948  1.00 23.91 ? 338 VAL A CB  1 
ATOM   681  C  CG1 . VAL A 1 97  ? -6.527  -3.797  -6.106  1.00 24.33 ? 338 VAL A CG1 1 
ATOM   682  C  CG2 . VAL A 1 97  ? -6.237  -4.425  -3.678  1.00 25.22 ? 338 VAL A CG2 1 
ATOM   683  N  N   . GLU A 1 98  ? -9.919  -3.844  -6.606  1.00 25.34 ? 339 GLU A N   1 
ATOM   684  C  CA  . GLU A 1 98  ? -10.603 -4.070  -7.883  1.00 27.95 ? 339 GLU A CA  1 
ATOM   685  C  C   . GLU A 1 98  ? -10.137 -3.141  -8.983  1.00 25.52 ? 339 GLU A C   1 
ATOM   686  O  O   . GLU A 1 98  ? -9.761  -2.014  -8.723  1.00 24.68 ? 339 GLU A O   1 
ATOM   687  C  CB  . GLU A 1 98  ? -12.097 -3.899  -7.709  1.00 31.24 ? 339 GLU A CB  1 
ATOM   688  C  CG  . GLU A 1 98  ? -12.725 -5.031  -6.935  1.00 36.12 ? 339 GLU A CG  1 
ATOM   689  C  CD  . GLU A 1 98  ? -14.115 -4.670  -6.484  1.00 40.31 ? 339 GLU A CD  1 
ATOM   690  O  OE1 . GLU A 1 98  ? -14.247 -3.645  -5.789  1.00 42.58 ? 339 GLU A OE1 1 
ATOM   691  O  OE2 . GLU A 1 98  ? -15.056 -5.404  -6.823  1.00 43.40 ? 339 GLU A OE2 1 
ATOM   692  N  N   . ASN A 1 99  ? -10.167 -3.628  -10.221 1.00 25.71 ? 340 ASN A N   1 
ATOM   693  C  CA  . ASN A 1 99  ? -9.752  -2.830  -11.358 1.00 26.39 ? 340 ASN A CA  1 
ATOM   694  C  C   . ASN A 1 99  ? -10.816 -1.804  -11.633 1.00 25.76 ? 340 ASN A C   1 
ATOM   695  O  O   . ASN A 1 99  ? -12.000 -2.047  -11.352 1.00 23.43 ? 340 ASN A O   1 
ATOM   696  C  CB  . ASN A 1 99  ? -9.508  -3.686  -12.591 1.00 29.96 ? 340 ASN A CB  1 
ATOM   697  C  CG  . ASN A 1 99  ? -9.001  -2.876  -13.752 1.00 32.08 ? 340 ASN A CG  1 
ATOM   698  O  OD1 . ASN A 1 99  ? -8.045  -2.120  -13.612 1.00 27.02 ? 340 ASN A OD1 1 
ATOM   699  N  ND2 . ASN A 1 99  ? -9.691  -2.963  -14.896 1.00 33.58 ? 340 ASN A ND2 1 
ATOM   700  N  N   . VAL A 1 100 ? -10.399 -0.637  -12.137 1.00 22.93 ? 341 VAL A N   1 
ATOM   701  C  CA  . VAL A 1 100 ? -11.344 0.373   -12.636 1.00 23.96 ? 341 VAL A CA  1 
ATOM   702  C  C   . VAL A 1 100 ? -11.015 0.592   -14.104 1.00 24.47 ? 341 VAL A C   1 
ATOM   703  O  O   . VAL A 1 100 ? -9.863  0.772   -14.460 1.00 20.94 ? 341 VAL A O   1 
ATOM   704  C  CB  . VAL A 1 100 ? -11.254 1.704   -11.870 1.00 23.61 ? 341 VAL A CB  1 
ATOM   705  C  CG1 . VAL A 1 100 ? -12.105 2.795   -12.537 1.00 21.60 ? 341 VAL A CG1 1 
ATOM   706  C  CG2 . VAL A 1 100 ? -11.684 1.500   -10.430 1.00 23.35 ? 341 VAL A CG2 1 
ATOM   707  N  N   . GLU A 1 101 ? -12.015 0.567   -14.974 1.00 24.49 ? 342 GLU A N   1 
ATOM   708  C  CA  . GLU A 1 101 ? -11.725 0.770   -16.403 1.00 26.45 ? 342 GLU A CA  1 
ATOM   709  C  C   . GLU A 1 101 ? -11.566 2.263   -16.686 1.00 24.81 ? 342 GLU A C   1 
ATOM   710  O  O   . GLU A 1 101 ? -12.273 3.097   -16.098 1.00 24.23 ? 342 GLU A O   1 
ATOM   711  C  CB  . GLU A 1 101 ? -12.844 0.238   -17.291 1.00 32.48 ? 342 GLU A CB  1 
ATOM   712  C  CG  . GLU A 1 101 ? -13.034 -1.256  -17.192 1.00 42.13 ? 342 GLU A CG  1 
ATOM   713  C  CD  . GLU A 1 101 ? -13.862 -1.819  -18.347 1.00 49.71 ? 342 GLU A CD  1 
ATOM   714  O  OE1 . GLU A 1 101 ? -14.761 -1.104  -18.876 1.00 54.61 ? 342 GLU A OE1 1 
ATOM   715  O  OE2 . GLU A 1 101 ? -13.591 -2.983  -18.725 1.00 55.49 ? 342 GLU A OE2 1 
ATOM   716  N  N   . ASP A 1 102 ? -10.672 2.573   -17.618 1.00 25.32 ? 343 ASP A N   1 
ATOM   717  C  CA  . ASP A 1 102 ? -10.370 3.952   -18.014 1.00 29.58 ? 343 ASP A CA  1 
ATOM   718  C  C   . ASP A 1 102 ? -11.637 4.637   -18.436 1.00 29.37 ? 343 ASP A C   1 
ATOM   719  O  O   . ASP A 1 102 ? -12.494 4.018   -19.044 1.00 26.52 ? 343 ASP A O   1 
ATOM   720  C  CB  . ASP A 1 102 ? -9.349  4.012   -19.176 1.00 31.93 ? 343 ASP A CB  1 
ATOM   721  C  CG  . ASP A 1 102 ? -7.938  3.651   -18.748 1.00 33.00 ? 343 ASP A CG  1 
ATOM   722  O  OD1 . ASP A 1 102 ? -7.685  3.562   -17.526 1.00 30.52 ? 343 ASP A OD1 1 
ATOM   723  O  OD2 . ASP A 1 102 ? -7.084  3.444   -19.646 1.00 32.28 ? 343 ASP A OD2 1 
ATOM   724  N  N   . GLY A 1 103 ? -11.786 5.889   -18.029 1.00 28.28 ? 344 GLY A N   1 
ATOM   725  C  CA  . GLY A 1 103 ? -12.974 6.653   -18.339 1.00 27.01 ? 344 GLY A CA  1 
ATOM   726  C  C   . GLY A 1 103 ? -14.117 6.562   -17.351 1.00 27.73 ? 344 GLY A C   1 
ATOM   727  O  O   . GLY A 1 103 ? -15.074 7.288   -17.506 1.00 28.08 ? 344 GLY A O   1 
ATOM   728  N  N   . THR A 1 104 ? -14.054 5.667   -16.359 1.00 26.00 ? 345 THR A N   1 
ATOM   729  C  CA  . THR A 1 104 ? -15.121 5.479   -15.374 1.00 26.48 ? 345 THR A CA  1 
ATOM   730  C  C   . THR A 1 104 ? -15.173 6.686   -14.457 1.00 24.19 ? 345 THR A C   1 
ATOM   731  O  O   . THR A 1 104 ? -14.128 7.166   -14.021 1.00 26.08 ? 345 THR A O   1 
ATOM   732  C  CB  . THR A 1 104 ? -14.851 4.248   -14.436 1.00 27.54 ? 345 THR A CB  1 
ATOM   733  O  OG1 . THR A 1 104 ? -14.828 3.054   -15.189 1.00 28.33 ? 345 THR A OG1 1 
ATOM   734  C  CG2 . THR A 1 104 ? -15.930 4.088   -13.355 1.00 30.05 ? 345 THR A CG2 1 
ATOM   735  N  N   . ALA A 1 105 ? -16.377 7.135   -14.155 1.00 23.23 ? 346 ALA A N   1 
ATOM   736  C  CA  . ALA A 1 105 ? -16.628 8.194   -13.180 1.00 26.30 ? 346 ALA A CA  1 
ATOM   737  C  C   . ALA A 1 105 ? -17.873 7.792   -12.444 1.00 28.76 ? 346 ALA A C   1 
ATOM   738  O  O   . ALA A 1 105 ? -18.933 7.622   -13.070 1.00 28.61 ? 346 ALA A O   1 
ATOM   739  C  CB  . ALA A 1 105 ? -16.822 9.559   -13.852 1.00 26.86 ? 346 ALA A CB  1 
ATOM   740  N  N   . ASP A 1 106 ? -17.757 7.576   -11.130 1.00 27.35 ? 347 ASP A N   1 
ATOM   741  C  CA  . ASP A 1 106 ? -18.901 7.099   -10.354 1.00 25.84 ? 347 ASP A CA  1 
ATOM   742  C  C   . ASP A 1 106 ? -18.687 7.459   -8.893  1.00 24.88 ? 347 ASP A C   1 
ATOM   743  O  O   . ASP A 1 106 ? -17.701 8.116   -8.553  1.00 21.80 ? 347 ASP A O   1 
ATOM   744  C  CB  . ASP A 1 106 ? -19.130 5.585   -10.585 1.00 30.84 ? 347 ASP A CB  1 
ATOM   745  C  CG  . ASP A 1 106 ? -17.961 4.700   -10.102 1.00 32.60 ? 347 ASP A CG  1 
ATOM   746  O  OD1 . ASP A 1 106 ? -17.106 5.154   -9.303  1.00 32.45 ? 347 ASP A OD1 1 
ATOM   747  O  OD2 . ASP A 1 106 ? -17.878 3.523   -10.524 1.00 40.54 ? 347 ASP A OD2 1 
ATOM   748  N  N   . TYR A 1 107 ? -19.594 7.022   -8.028  1.00 25.34 ? 348 TYR A N   1 
ATOM   749  C  CA  . TYR A 1 107 ? -19.517 7.464   -6.629  1.00 27.15 ? 348 TYR A CA  1 
ATOM   750  C  C   . TYR A 1 107 ? -18.260 6.921   -5.954  1.00 25.50 ? 348 TYR A C   1 
ATOM   751  O  O   . TYR A 1 107 ? -17.739 7.599   -5.076  1.00 25.77 ? 348 TYR A O   1 
ATOM   752  C  CB  . TYR A 1 107 ? -20.804 7.149   -5.845  1.00 30.07 ? 348 TYR A CB  1 
ATOM   753  C  CG  . TYR A 1 107 ? -21.050 5.708   -5.524  1.00 30.95 ? 348 TYR A CG  1 
ATOM   754  C  CD1 . TYR A 1 107 ? -20.432 5.130   -4.453  1.00 31.96 ? 348 TYR A CD1 1 
ATOM   755  C  CD2 . TYR A 1 107 ? -21.950 4.926   -6.268  1.00 35.45 ? 348 TYR A CD2 1 
ATOM   756  C  CE1 . TYR A 1 107 ? -20.636 3.811   -4.135  1.00 32.74 ? 348 TYR A CE1 1 
ATOM   757  C  CE2 . TYR A 1 107 ? -22.161 3.590   -5.955  1.00 37.12 ? 348 TYR A CE2 1 
ATOM   758  C  CZ  . TYR A 1 107 ? -21.488 3.046   -4.864  1.00 37.82 ? 348 TYR A CZ  1 
ATOM   759  O  OH  . TYR A 1 107 ? -21.634 1.733   -4.459  1.00 40.31 ? 348 TYR A OH  1 
ATOM   760  N  N   . HIS A 1 108 ? -17.771 5.731   -6.370  1.00 25.17 ? 349 HIS A N   1 
ATOM   761  C  CA  . HIS A 1 108 ? -16.500 5.188   -5.826  1.00 25.58 ? 349 HIS A CA  1 
ATOM   762  C  C   . HIS A 1 108 ? -15.308 6.044   -6.118  1.00 25.85 ? 349 HIS A C   1 
ATOM   763  O  O   . HIS A 1 108 ? -14.385 6.094   -5.285  1.00 26.31 ? 349 HIS A O   1 
ATOM   764  C  CB  . HIS A 1 108 ? -16.171 3.781   -6.307  1.00 26.58 ? 349 HIS A CB  1 
ATOM   765  C  CG  . HIS A 1 108 ? -16.935 2.723   -5.597  1.00 28.86 ? 349 HIS A CG  1 
ATOM   766  N  ND1 . HIS A 1 108 ? -17.976 2.053   -6.202  1.00 30.48 ? 349 HIS A ND1 1 
ATOM   767  C  CD2 . HIS A 1 108 ? -16.830 2.213   -4.342  1.00 29.02 ? 349 HIS A CD2 1 
ATOM   768  C  CE1 . HIS A 1 108 ? -18.493 1.188   -5.355  1.00 33.27 ? 349 HIS A CE1 1 
ATOM   769  N  NE2 . HIS A 1 108 ? -17.805 1.253   -4.226  1.00 30.49 ? 349 HIS A NE2 1 
ATOM   770  N  N   . SER A 1 109 ? -15.320 6.732   -7.275  1.00 22.15 ? 350 SER A N   1 
ATOM   771  C  CA  . SER A 1 109 ? -14.268 7.691   -7.582  1.00 21.13 ? 350 SER A CA  1 
ATOM   772  C  C   . SER A 1 109 ? -14.624 9.137   -7.192  1.00 22.56 ? 350 SER A C   1 
ATOM   773  O  O   . SER A 1 109 ? -14.003 10.099  -7.709  1.00 23.61 ? 350 SER A O   1 
ATOM   774  C  CB  . SER A 1 109 ? -13.904 7.592   -9.069  1.00 21.61 ? 350 SER A CB  1 
ATOM   775  O  OG  . SER A 1 109 ? -14.993 7.952   -9.912  1.00 23.05 ? 350 SER A OG  1 
ATOM   776  N  N   . ASN A 1 110 ? -15.610 9.300   -6.313  1.00 22.02 ? 351 ASN A N   1 
ATOM   777  C  CA  . ASN A 1 110 ? -16.058 10.610  -5.818  1.00 24.26 ? 351 ASN A CA  1 
ATOM   778  C  C   . ASN A 1 110 ? -16.470 11.576  -6.999  1.00 24.29 ? 351 ASN A C   1 
ATOM   779  O  O   . ASN A 1 110 ? -16.268 12.776  -6.917  1.00 26.87 ? 351 ASN A O   1 
ATOM   780  C  CB  . ASN A 1 110 ? -14.981 11.204  -4.888  1.00 24.83 ? 351 ASN A CB  1 
ATOM   781  C  CG  . ASN A 1 110 ? -14.778 10.371  -3.601  1.00 26.19 ? 351 ASN A CG  1 
ATOM   782  O  OD1 . ASN A 1 110 ? -13.787 9.629   -3.474  1.00 30.24 ? 351 ASN A OD1 1 
ATOM   783  N  ND2 . ASN A 1 110 ? -15.711 10.469  -2.679  1.00 23.69 ? 351 ASN A ND2 1 
ATOM   784  N  N   . GLY A 1 111 ? -17.023 11.014  -8.075  1.00 26.04 ? 352 GLY A N   1 
ATOM   785  C  CA  . GLY A 1 111 ? -17.392 11.786  -9.290  1.00 26.14 ? 352 GLY A CA  1 
ATOM   786  C  C   . GLY A 1 111 ? -16.276 12.076  -10.285 1.00 28.01 ? 352 GLY A C   1 
ATOM   787  O  O   . GLY A 1 111 ? -16.565 12.569  -11.373 1.00 30.16 ? 352 GLY A O   1 
ATOM   788  N  N   . TYR A 1 112 ? -15.024 11.761  -9.956  1.00 25.75 ? 353 TYR A N   1 
ATOM   789  C  CA  . TYR A 1 112 ? -13.892 12.054  -10.827 1.00 26.17 ? 353 TYR A CA  1 
ATOM   790  C  C   . TYR A 1 112 ? -13.678 10.961  -11.869 1.00 26.90 ? 353 TYR A C   1 
ATOM   791  O  O   . TYR A 1 112 ? -14.041 9.780   -11.640 1.00 24.46 ? 353 TYR A O   1 
ATOM   792  C  CB  . TYR A 1 112 ? -12.618 12.196  -10.008 1.00 27.80 ? 353 TYR A CB  1 
ATOM   793  C  CG  . TYR A 1 112 ? -12.587 13.441  -9.123  1.00 29.56 ? 353 TYR A CG  1 
ATOM   794  C  CD1 . TYR A 1 112 ? -12.403 14.728  -9.680  1.00 27.90 ? 353 TYR A CD1 1 
ATOM   795  C  CD2 . TYR A 1 112 ? -12.754 13.335  -7.754  1.00 30.28 ? 353 TYR A CD2 1 
ATOM   796  C  CE1 . TYR A 1 112 ? -12.394 15.849  -8.870  1.00 28.63 ? 353 TYR A CE1 1 
ATOM   797  C  CE2 . TYR A 1 112 ? -12.737 14.442  -6.934  1.00 30.63 ? 353 TYR A CE2 1 
ATOM   798  C  CZ  . TYR A 1 112 ? -12.567 15.701  -7.500  1.00 30.66 ? 353 TYR A CZ  1 
ATOM   799  O  OH  . TYR A 1 112 ? -12.535 16.760  -6.651  1.00 30.77 ? 353 TYR A OH  1 
ATOM   800  N  N   . THR A 1 113 ? -13.031 11.333  -12.976 1.00 24.21 ? 354 THR A N   1 
ATOM   801  C  CA  . THR A 1 113 ? -12.757 10.398  -14.069 1.00 24.27 ? 354 THR A CA  1 
ATOM   802  C  C   . THR A 1 113 ? -11.480 9.669   -13.807 1.00 22.97 ? 354 THR A C   1 
ATOM   803  O  O   . THR A 1 113 ? -10.430 10.278  -13.550 1.00 24.40 ? 354 THR A O   1 
ATOM   804  C  CB  . THR A 1 113 ? -12.761 11.092  -15.461 1.00 25.69 ? 354 THR A CB  1 
ATOM   805  O  OG1 . THR A 1 113 ? -14.072 11.586  -15.664 1.00 27.24 ? 354 THR A OG1 1 
ATOM   806  C  CG2 . THR A 1 113 ? -12.466 10.121  -16.563 1.00 26.83 ? 354 THR A CG2 1 
ATOM   807  N  N   . VAL A 1 114 ? -11.555 8.352   -13.852 1.00 22.21 ? 355 VAL A N   1 
ATOM   808  C  CA  . VAL A 1 114 ? -10.407 7.525   -13.551 1.00 23.22 ? 355 VAL A CA  1 
ATOM   809  C  C   . VAL A 1 114 ? -9.663  7.086   -14.817 1.00 22.42 ? 355 VAL A C   1 
ATOM   810  O  O   . VAL A 1 114 ? -10.243 6.548   -15.750 1.00 25.58 ? 355 VAL A O   1 
ATOM   811  C  CB  . VAL A 1 114 ? -10.837 6.294   -12.701 1.00 23.90 ? 355 VAL A CB  1 
ATOM   812  C  CG1 . VAL A 1 114 ? -9.619  5.451   -12.349 1.00 25.48 ? 355 VAL A CG1 1 
ATOM   813  C  CG2 . VAL A 1 114 ? -11.588 6.789   -11.462 1.00 23.87 ? 355 VAL A CG2 1 
ATOM   814  N  N   . THR A 1 115 ? -8.362  7.313   -14.833 1.00 21.72 ? 356 THR A N   1 
ATOM   815  C  CA  . THR A 1 115 ? -7.471  6.656   -15.807 1.00 23.31 ? 356 THR A CA  1 
ATOM   816  C  C   . THR A 1 115 ? -6.350  5.977   -15.077 1.00 23.99 ? 356 THR A C   1 
ATOM   817  O  O   . THR A 1 115 ? -5.812  6.514   -14.108 1.00 24.70 ? 356 THR A O   1 
ATOM   818  C  CB  . THR A 1 115 ? -6.964  7.637   -16.893 1.00 25.32 ? 356 THR A CB  1 
ATOM   819  O  OG1 . THR A 1 115 ? -8.080  8.397   -17.359 1.00 27.19 ? 356 THR A OG1 1 
ATOM   820  C  CG2 . THR A 1 115 ? -6.356  6.854   -18.114 1.00 26.55 ? 356 THR A CG2 1 
ATOM   821  N  N   . ASN A 1 116 ? -6.012  4.778   -15.539 1.00 21.73 ? 357 ASN A N   1 
ATOM   822  C  CA  . ASN A 1 116 ? -4.932  3.975   -14.955 1.00 22.75 ? 357 ASN A CA  1 
ATOM   823  C  C   . ASN A 1 116 ? -5.109  3.794   -13.458 1.00 21.29 ? 357 ASN A C   1 
ATOM   824  O  O   . ASN A 1 116 ? -4.144  3.900   -12.694 1.00 20.26 ? 357 ASN A O   1 
ATOM   825  C  CB  . ASN A 1 116 ? -3.555  4.590   -15.229 1.00 23.66 ? 357 ASN A CB  1 
ATOM   826  C  CG  . ASN A 1 116 ? -3.306  4.830   -16.686 1.00 26.20 ? 357 ASN A CG  1 
ATOM   827  O  OD1 . ASN A 1 116 ? -3.461  3.931   -17.486 1.00 26.02 ? 357 ASN A OD1 1 
ATOM   828  N  ND2 . ASN A 1 116 ? -2.914  6.044   -17.042 1.00 26.15 ? 357 ASN A ND2 1 
ATOM   829  N  N   . GLY A 1 117 ? -6.338  3.522   -13.060 1.00 19.79 ? 358 GLY A N   1 
ATOM   830  C  CA  . GLY A 1 117 ? -6.688  3.412   -11.683 1.00 21.44 ? 358 GLY A CA  1 
ATOM   831  C  C   . GLY A 1 117 ? -7.245  2.082   -11.224 1.00 21.92 ? 358 GLY A C   1 
ATOM   832  O  O   . GLY A 1 117 ? -7.469  1.131   -11.992 1.00 21.95 ? 358 GLY A O   1 
ATOM   833  N  N   . TRP A 1 118 ? -7.441  2.044   -9.922  1.00 21.88 ? 359 TRP A N   1 
ATOM   834  C  CA  . TRP A 1 118 ? -8.001  0.889   -9.230  1.00 22.83 ? 359 TRP A CA  1 
ATOM   835  C  C   . TRP A 1 118 ? -8.619  1.325   -7.908  1.00 23.42 ? 359 TRP A C   1 
ATOM   836  O  O   . TRP A 1 118 ? -8.395  2.433   -7.455  1.00 21.55 ? 359 TRP A O   1 
ATOM   837  C  CB  . TRP A 1 118 ? -6.957  -0.203  -9.066  1.00 22.50 ? 359 TRP A CB  1 
ATOM   838  C  CG  . TRP A 1 118 ? -5.716  0.141   -8.273  1.00 23.91 ? 359 TRP A CG  1 
ATOM   839  C  CD1 . TRP A 1 118 ? -5.515  -0.073  -6.947  1.00 25.95 ? 359 TRP A CD1 1 
ATOM   840  C  CD2 . TRP A 1 118 ? -4.503  0.720   -8.772  1.00 25.24 ? 359 TRP A CD2 1 
ATOM   841  N  NE1 . TRP A 1 118 ? -4.253  0.333   -6.584  1.00 26.26 ? 359 TRP A NE1 1 
ATOM   842  C  CE2 . TRP A 1 118 ? -3.615  0.833   -7.686  1.00 24.66 ? 359 TRP A CE2 1 
ATOM   843  C  CE3 . TRP A 1 118 ? -4.087  1.157   -10.027 1.00 23.51 ? 359 TRP A CE3 1 
ATOM   844  C  CZ2 . TRP A 1 118 ? -2.347  1.378   -7.820  1.00 26.26 ? 359 TRP A CZ2 1 
ATOM   845  C  CZ3 . TRP A 1 118 ? -2.851  1.690   -10.161 1.00 25.25 ? 359 TRP A CZ3 1 
ATOM   846  C  CH2 . TRP A 1 118 ? -1.969  1.785   -9.071  1.00 25.77 ? 359 TRP A CH2 1 
ATOM   847  N  N   . LYS A 1 119 ? -9.431  0.458   -7.314  1.00 20.95 ? 360 LYS A N   1 
ATOM   848  C  CA  . LYS A 1 119 ? -10.214 0.774   -6.165  1.00 23.38 ? 360 LYS A CA  1 
ATOM   849  C  C   . LYS A 1 119 ? -9.762  -0.138  -5.024  1.00 23.74 ? 360 LYS A C   1 
ATOM   850  O  O   . LYS A 1 119 ? -9.538  -1.328  -5.238  1.00 22.86 ? 360 LYS A O   1 
ATOM   851  C  CB  . LYS A 1 119 ? -11.647 0.441   -6.545  1.00 28.97 ? 360 LYS A CB  1 
ATOM   852  C  CG  . LYS A 1 119 ? -12.761 0.960   -5.720  1.00 34.25 ? 360 LYS A CG  1 
ATOM   853  C  CD  . LYS A 1 119 ? -14.112 0.847   -6.474  1.00 37.42 ? 360 LYS A CD  1 
ATOM   854  C  CE  . LYS A 1 119 ? -14.247 -0.392  -7.366  1.00 39.33 ? 360 LYS A CE  1 
ATOM   855  N  NZ  . LYS A 1 119 ? -15.610 -0.573  -7.944  1.00 42.17 ? 360 LYS A NZ  1 
ATOM   856  N  N   . ILE A 1 120 ? -9.678  0.407   -3.827  1.00 22.69 ? 361 ILE A N   1 
ATOM   857  C  CA  . ILE A 1 120 ? -9.310  -0.374  -2.647  1.00 24.13 ? 361 ILE A CA  1 
ATOM   858  C  C   . ILE A 1 120 ? -10.359 -0.186  -1.573  1.00 22.71 ? 361 ILE A C   1 
ATOM   859  O  O   . ILE A 1 120 ? -10.696 0.933   -1.237  1.00 20.45 ? 361 ILE A O   1 
ATOM   860  C  CB  . ILE A 1 120 ? -7.899  0.031   -2.143  1.00 23.54 ? 361 ILE A CB  1 
ATOM   861  C  CG1 . ILE A 1 120 ? -6.857  -0.339  -3.191  1.00 25.73 ? 361 ILE A CG1 1 
ATOM   862  C  CG2 . ILE A 1 120 ? -7.601  -0.617  -0.812  1.00 26.70 ? 361 ILE A CG2 1 
ATOM   863  C  CD1 . ILE A 1 120 ? -5.441  0.039   -2.837  1.00 27.13 ? 361 ILE A CD1 1 
ATOM   864  N  N   . HIS A 1 121 ? -10.874 -1.292  -1.038  1.00 20.98 ? 362 HIS A N   1 
ATOM   865  C  CA  . HIS A 1 121 ? -11.730 -1.279  0.135   1.00 21.94 ? 362 HIS A CA  1 
ATOM   866  C  C   . HIS A 1 121 ? -10.962 -1.923  1.280   1.00 21.60 ? 362 HIS A C   1 
ATOM   867  O  O   . HIS A 1 121 ? -10.342 -2.956  1.076   1.00 23.20 ? 362 HIS A O   1 
ATOM   868  C  CB  . HIS A 1 121 ? -13.036 -2.040  -0.071  1.00 22.80 ? 362 HIS A CB  1 
ATOM   869  C  CG  . HIS A 1 121 ? -13.971 -1.395  -1.042  1.00 25.32 ? 362 HIS A CG  1 
ATOM   870  N  ND1 . HIS A 1 121 ? -13.725 -1.395  -2.392  1.00 27.94 ? 362 HIS A ND1 1 
ATOM   871  C  CD2 . HIS A 1 121 ? -15.140 -0.746  -0.872  1.00 25.59 ? 362 HIS A CD2 1 
ATOM   872  C  CE1 . HIS A 1 121 ? -14.697 -0.770  -3.021  1.00 27.88 ? 362 HIS A CE1 1 
ATOM   873  N  NE2 . HIS A 1 121 ? -15.563 -0.348  -2.122  1.00 28.40 ? 362 HIS A NE2 1 
ATOM   874  N  N   . ASN A 1 122 ? -11.012 -1.292  2.447   1.00 20.39 ? 363 ASN A N   1 
ATOM   875  C  CA  . ASN A 1 122 ? -10.415 -1.770  3.680   1.00 21.85 ? 363 ASN A CA  1 
ATOM   876  C  C   . ASN A 1 122 ? -11.601 -2.279  4.495   1.00 21.58 ? 363 ASN A C   1 
ATOM   877  O  O   . ASN A 1 122 ? -12.399 -1.488  5.044   1.00 19.83 ? 363 ASN A O   1 
ATOM   878  C  CB  . ASN A 1 122 ? -9.682  -0.613  4.369   1.00 23.34 ? 363 ASN A CB  1 
ATOM   879  C  CG  . ASN A 1 122 ? -9.197  -0.936  5.770   1.00 24.89 ? 363 ASN A CG  1 
ATOM   880  O  OD1 . ASN A 1 122 ? -9.487  -1.986  6.340   1.00 25.31 ? 363 ASN A OD1 1 
ATOM   881  N  ND2 . ASN A 1 122 ? -8.449  -0.007  6.340   1.00 24.72 ? 363 ASN A ND2 1 
ATOM   882  N  N   . THR A 1 123 ? -11.728 -3.595  4.574   1.00 22.28 ? 364 THR A N   1 
ATOM   883  C  CA  . THR A 1 123 ? -12.868 -4.179  5.285   1.00 24.68 ? 364 THR A CA  1 
ATOM   884  C  C   . THR A 1 123 ? -12.721 -4.214  6.796   1.00 25.72 ? 364 THR A C   1 
ATOM   885  O  O   . THR A 1 123 ? -13.697 -4.479  7.487   1.00 27.13 ? 364 THR A O   1 
ATOM   886  C  CB  . THR A 1 123 ? -13.200 -5.595  4.785   1.00 25.62 ? 364 THR A CB  1 
ATOM   887  O  OG1 . THR A 1 123 ? -12.056 -6.429  4.910   1.00 23.24 ? 364 THR A OG1 1 
ATOM   888  C  CG2 . THR A 1 123 ? -13.643 -5.553  3.319   1.00 26.52 ? 364 THR A CG2 1 
ATOM   889  N  N   . ALA A 1 124 ? -11.536 -3.907  7.321   1.00 27.24 ? 365 ALA A N   1 
ATOM   890  C  CA  . ALA A 1 124 ? -11.419 -3.728  8.773   1.00 27.86 ? 365 ALA A CA  1 
ATOM   891  C  C   . ALA A 1 124 ? -12.018 -2.411  9.225   1.00 29.35 ? 365 ALA A C   1 
ATOM   892  O  O   . ALA A 1 124 ? -12.537 -2.328  10.328  1.00 30.27 ? 365 ALA A O   1 
ATOM   893  C  CB  . ALA A 1 124 ? -9.971  -3.820  9.224   1.00 29.81 ? 365 ALA A CB  1 
ATOM   894  N  N   . LYS A 1 125 ? -11.940 -1.376  8.390   1.00 27.80 ? 366 LYS A N   1 
ATOM   895  C  CA  . LYS A 1 125 ? -12.432 -0.072  8.762   1.00 27.75 ? 366 LYS A CA  1 
ATOM   896  C  C   . LYS A 1 125 ? -13.641 0.372   7.957   1.00 25.60 ? 366 LYS A C   1 
ATOM   897  O  O   . LYS A 1 125 ? -14.196 1.396   8.258   1.00 24.03 ? 366 LYS A O   1 
ATOM   898  C  CB  . LYS A 1 125 ? -11.312 0.944   8.627   1.00 31.85 ? 366 LYS A CB  1 
ATOM   899  C  CG  . LYS A 1 125 ? -10.191 0.711   9.633   1.00 38.25 ? 366 LYS A CG  1 
ATOM   900  C  CD  . LYS A 1 125 ? -9.199  1.852   9.556   1.00 45.25 ? 366 LYS A CD  1 
ATOM   901  C  CE  . LYS A 1 125 ? -8.210  1.833   10.708  1.00 51.89 ? 366 LYS A CE  1 
ATOM   902  N  NZ  . LYS A 1 125 ? -7.869  3.239   11.088  1.00 55.67 ? 366 LYS A NZ  1 
ATOM   903  N  N   . ASN A 1 126 ? -14.050 -0.415  6.965   1.00 21.35 ? 367 ASN A N   1 
ATOM   904  C  CA  . ASN A 1 126 ? -15.124 -0.068  6.060   1.00 19.76 ? 367 ASN A CA  1 
ATOM   905  C  C   . ASN A 1 126 ? -14.894 1.326   5.432   1.00 20.75 ? 367 ASN A C   1 
ATOM   906  O  O   . ASN A 1 126 ? -15.825 2.148   5.377   1.00 17.47 ? 367 ASN A O   1 
ATOM   907  C  CB  . ASN A 1 126 ? -16.500 -0.233  6.704   1.00 21.36 ? 367 ASN A CB  1 
ATOM   908  C  CG  . ASN A 1 126 ? -17.003 -1.681  6.626   1.00 22.89 ? 367 ASN A CG  1 
ATOM   909  O  OD1 . ASN A 1 126 ? -16.209 -2.604  6.689   1.00 25.24 ? 367 ASN A OD1 1 
ATOM   910  N  ND2 . ASN A 1 126 ? -18.289 -1.868  6.475   1.00 21.72 ? 367 ASN A ND2 1 
ATOM   911  N  N   . LYS A 1 127 ? -13.665 1.500   4.935   1.00 19.76 ? 368 LYS A N   1 
ATOM   912  C  CA  . LYS A 1 127 ? -13.259 2.675   4.153   1.00 23.02 ? 368 LYS A CA  1 
ATOM   913  C  C   . LYS A 1 127 ? -12.803 2.271   2.772   1.00 19.26 ? 368 LYS A C   1 
ATOM   914  O  O   . LYS A 1 127 ? -12.286 1.182   2.570   1.00 19.38 ? 368 LYS A O   1 
ATOM   915  C  CB  . LYS A 1 127 ? -12.153 3.401   4.906   1.00 26.57 ? 368 LYS A CB  1 
ATOM   916  C  CG  . LYS A 1 127 ? -12.703 4.038   6.184   1.00 32.89 ? 368 LYS A CG  1 
ATOM   917  C  CD  . LYS A 1 127 ? -11.614 4.520   7.128   1.00 42.06 ? 368 LYS A CD  1 
ATOM   918  C  CE  . LYS A 1 127 ? -12.220 5.314   8.296   1.00 50.68 ? 368 LYS A CE  1 
ATOM   919  N  NZ  . LYS A 1 127 ? -11.731 5.017   9.690   1.00 52.71 ? 368 LYS A NZ  1 
ATOM   920  N  N   . TRP A 1 128 ? -12.932 3.163   1.791   1.00 18.74 ? 369 TRP A N   1 
ATOM   921  C  CA  . TRP A 1 128 ? -12.459 2.855   0.456   1.00 18.38 ? 369 TRP A CA  1 
ATOM   922  C  C   . TRP A 1 128 ? -11.841 4.087   -0.183  1.00 19.17 ? 369 TRP A C   1 
ATOM   923  O  O   . TRP A 1 128 ? -12.082 5.206   0.280   1.00 17.13 ? 369 TRP A O   1 
ATOM   924  C  CB  . TRP A 1 128 ? -13.598 2.283   -0.427  1.00 19.50 ? 369 TRP A CB  1 
ATOM   925  C  CG  . TRP A 1 128 ? -14.296 3.359   -1.234  1.00 20.10 ? 369 TRP A CG  1 
ATOM   926  C  CD1 . TRP A 1 128 ? -13.937 3.821   -2.468  1.00 20.80 ? 369 TRP A CD1 1 
ATOM   927  C  CD2 . TRP A 1 128 ? -15.429 4.109   -0.826  1.00 20.08 ? 369 TRP A CD2 1 
ATOM   928  N  NE1 . TRP A 1 128 ? -14.775 4.835   -2.848  1.00 23.59 ? 369 TRP A NE1 1 
ATOM   929  C  CE2 . TRP A 1 128 ? -15.712 5.035   -1.865  1.00 21.17 ? 369 TRP A CE2 1 
ATOM   930  C  CE3 . TRP A 1 128 ? -16.258 4.092   0.327   1.00 19.61 ? 369 TRP A CE3 1 
ATOM   931  C  CZ2 . TRP A 1 128 ? -16.790 5.941   -1.785  1.00 20.42 ? 369 TRP A CZ2 1 
ATOM   932  C  CZ3 . TRP A 1 128 ? -17.319 4.958   0.396   1.00 19.21 ? 369 TRP A CZ3 1 
ATOM   933  C  CH2 . TRP A 1 128 ? -17.559 5.903   -0.645  1.00 20.56 ? 369 TRP A CH2 1 
ATOM   934  N  N   . PHE A 1 129 ? -11.017 3.864   -1.194  1.00 18.44 ? 370 PHE A N   1 
ATOM   935  C  CA  . PHE A 1 129 ? -10.556 4.960   -2.046  1.00 19.94 ? 370 PHE A CA  1 
ATOM   936  C  C   . PHE A 1 129 ? -10.171 4.383   -3.383  1.00 20.18 ? 370 PHE A C   1 
ATOM   937  O  O   . PHE A 1 129 ? -10.015 3.157   -3.551  1.00 19.41 ? 370 PHE A O   1 
ATOM   938  C  CB  . PHE A 1 129 ? -9.356  5.744   -1.426  1.00 20.35 ? 370 PHE A CB  1 
ATOM   939  C  CG  . PHE A 1 129 ? -8.171  4.865   -1.043  1.00 21.67 ? 370 PHE A CG  1 
ATOM   940  C  CD1 . PHE A 1 129 ? -7.194  4.545   -1.991  1.00 22.13 ? 370 PHE A CD1 1 
ATOM   941  C  CD2 . PHE A 1 129 ? -8.048  4.332   0.254   1.00 23.08 ? 370 PHE A CD2 1 
ATOM   942  C  CE1 . PHE A 1 129 ? -6.145  3.722   -1.653  1.00 22.43 ? 370 PHE A CE1 1 
ATOM   943  C  CE2 . PHE A 1 129 ? -6.959  3.535   0.606   1.00 21.90 ? 370 PHE A CE2 1 
ATOM   944  C  CZ  . PHE A 1 129 ? -6.025  3.222   -0.362  1.00 22.99 ? 370 PHE A CZ  1 
ATOM   945  N  N   . VAL A 1 130 ? -9.997  5.293   -4.337  1.00 20.56 ? 371 VAL A N   1 
ATOM   946  C  CA  . VAL A 1 130 ? -9.437  4.984   -5.626  1.00 21.72 ? 371 VAL A CA  1 
ATOM   947  C  C   . VAL A 1 130 ? -8.037  5.560   -5.730  1.00 20.64 ? 371 VAL A C   1 
ATOM   948  O  O   . VAL A 1 130 ? -7.813  6.663   -5.263  1.00 21.10 ? 371 VAL A O   1 
ATOM   949  C  CB  . VAL A 1 130 ? -10.365 5.574   -6.727  1.00 22.51 ? 371 VAL A CB  1 
ATOM   950  C  CG1 . VAL A 1 130 ? -9.679  5.633   -8.089  1.00 24.13 ? 371 VAL A CG1 1 
ATOM   951  C  CG2 . VAL A 1 130 ? -11.627 4.751   -6.846  1.00 23.66 ? 371 VAL A CG2 1 
ATOM   952  N  N   . CYS A 1 131 ? -7.119  4.812   -6.338  1.00 21.27 ? 372 CYS A N   1 
ATOM   953  C  CA  . CYS A 1 131 ? -5.739  5.225   -6.646  1.00 25.41 ? 372 CYS A CA  1 
ATOM   954  C  C   . CYS A 1 131 ? -5.618  5.321   -8.150  1.00 26.01 ? 372 CYS A C   1 
ATOM   955  O  O   . CYS A 1 131 ? -6.203  4.488   -8.845  1.00 25.03 ? 372 CYS A O   1 
ATOM   956  C  CB  . CYS A 1 131 ? -4.710  4.126   -6.344  1.00 31.26 ? 372 CYS A CB  1 
ATOM   957  S  SG  . CYS A 1 131 ? -4.601  3.597   -4.666  1.00 39.85 ? 372 CYS A SG  1 
ATOM   958  N  N   . MET A 1 132 ? -4.798  6.248   -8.627  1.00 24.55 ? 373 MET A N   1 
ATOM   959  C  CA  . MET A 1 132 ? -4.403  6.329   -10.030 1.00 25.11 ? 373 MET A CA  1 
ATOM   960  C  C   . MET A 1 132 ? -2.933  6.510   -10.174 1.00 24.01 ? 373 MET A C   1 
ATOM   961  O  O   . MET A 1 132 ? -2.317  7.362   -9.511  1.00 20.92 ? 373 MET A O   1 
ATOM   962  C  CB  . MET A 1 132 ? -5.048  7.541   -10.709 1.00 26.54 ? 373 MET A CB  1 
ATOM   963  C  CG  . MET A 1 132 ? -6.525  7.483   -10.664 1.00 30.62 ? 373 MET A CG  1 
ATOM   964  S  SD  . MET A 1 132 ? -7.250  8.734   -11.681 1.00 32.15 ? 373 MET A SD  1 
ATOM   965  C  CE  . MET A 1 132 ? -7.154  10.154  -10.605 1.00 32.49 ? 373 MET A CE  1 
ATOM   966  N  N   . ALA A 1 133 ? -2.379  5.766   -11.110 1.00 23.18 ? 374 ALA A N   1 
ATOM   967  C  CA  . ALA A 1 133 ? -1.019  5.950   -11.509 1.00 24.56 ? 374 ALA A CA  1 
ATOM   968  C  C   . ALA A 1 133 ? -1.019  6.875   -12.694 1.00 25.82 ? 374 ALA A C   1 
ATOM   969  O  O   . ALA A 1 133 ? -2.029  7.048   -13.373 1.00 25.45 ? 374 ALA A O   1 
ATOM   970  C  CB  . ALA A 1 133 ? -0.408  4.622   -11.888 1.00 24.33 ? 374 ALA A CB  1 
ATOM   971  N  N   . LYS A 1 134 ? 0.141   7.420   -12.984 1.00 27.19 ? 375 LYS A N   1 
ATOM   972  C  CA  . LYS A 1 134 ? 0.272   8.337   -14.082 1.00 29.06 ? 375 LYS A CA  1 
ATOM   973  C  C   . LYS A 1 134 ? 0.231   7.634   -15.420 1.00 31.12 ? 375 LYS A C   1 
ATOM   974  O  O   . LYS A 1 134 ? -0.274  8.206   -16.347 1.00 31.25 ? 375 LYS A O   1 
ATOM   975  C  CB  . LYS A 1 134 ? 1.556   9.097   -13.919 1.00 33.35 ? 375 LYS A CB  1 
ATOM   976  C  CG  . LYS A 1 134 ? 1.602   10.375  -14.686 1.00 32.97 ? 375 LYS A CG  1 
ATOM   977  C  CD  . LYS A 1 134 ? 2.884   11.092  -14.302 1.00 33.27 ? 375 LYS A CD  1 
ATOM   978  C  CE  . LYS A 1 134 ? 2.768   12.537  -14.651 1.00 33.12 ? 375 LYS A CE  1 
ATOM   979  N  NZ  . LYS A 1 134 ? 4.009   13.227  -14.269 1.00 31.88 ? 375 LYS A NZ  1 
ATOM   980  N  N   . THR A 1 135 ? 0.712   6.384   -15.521 1.00 29.76 ? 376 THR A N   1 
ATOM   981  C  CA  . THR A 1 135 ? 0.751   5.648   -16.783 1.00 28.95 ? 376 THR A CA  1 
ATOM   982  C  C   . THR A 1 135 ? 0.218   4.238   -16.642 1.00 28.80 ? 376 THR A C   1 
ATOM   983  O  O   . THR A 1 135 ? 0.144   3.706   -15.537 1.00 25.00 ? 376 THR A O   1 
ATOM   984  C  CB  . THR A 1 135 ? 2.180   5.535   -17.321 1.00 30.58 ? 376 THR A CB  1 
ATOM   985  O  OG1 . THR A 1 135 ? 2.968   4.726   -16.440 1.00 32.33 ? 376 THR A OG1 1 
ATOM   986  C  CG2 . THR A 1 135 ? 2.824   6.920   -17.456 1.00 31.52 ? 376 THR A CG2 1 
ATOM   987  N  N   . ALA A 1 136 ? -0.156  3.632   -17.764 1.00 29.34 ? 377 ALA A N   1 
ATOM   988  C  CA  . ALA A 1 136 ? -0.591  2.219   -17.787 1.00 30.53 ? 377 ALA A CA  1 
ATOM   989  C  C   . ALA A 1 136 ? 0.472   1.270   -17.246 1.00 30.40 ? 377 ALA A C   1 
ATOM   990  O  O   . ALA A 1 136 ? 0.162   0.343   -16.497 1.00 27.46 ? 377 ALA A O   1 
ATOM   991  C  CB  . ALA A 1 136 ? -0.960  1.803   -19.195 1.00 32.25 ? 377 ALA A CB  1 
ATOM   992  N  N   . GLU A 1 137 ? 1.727   1.503   -17.632 1.00 31.53 ? 378 GLU A N   1 
ATOM   993  C  CA  . GLU A 1 137 ? 2.804   0.607   -17.239 1.00 33.71 ? 378 GLU A CA  1 
ATOM   994  C  C   . GLU A 1 137 ? 2.983   0.643   -15.716 1.00 31.37 ? 378 GLU A C   1 
ATOM   995  O  O   . GLU A 1 137 ? 3.232   -0.375  -15.083 1.00 28.70 ? 378 GLU A O   1 
ATOM   996  C  CB  . GLU A 1 137 ? 4.108   0.983   -17.943 1.00 40.97 ? 378 GLU A CB  1 
ATOM   997  C  CG  . GLU A 1 137 ? 5.182   -0.094  -17.848 1.00 49.99 ? 378 GLU A CG  1 
ATOM   998  C  CD  . GLU A 1 137 ? 6.589   0.422   -18.153 1.00 60.45 ? 378 GLU A CD  1 
ATOM   999  O  OE1 . GLU A 1 137 ? 6.724   1.434   -18.881 1.00 62.54 ? 378 GLU A OE1 1 
ATOM   1000 O  OE2 . GLU A 1 137 ? 7.567   -0.195  -17.660 1.00 67.15 ? 378 GLU A OE2 1 
ATOM   1001 N  N   . GLU A 1 138 ? 2.844   1.828   -15.142 1.00 29.01 ? 379 GLU A N   1 
ATOM   1002 C  CA  . GLU A 1 138 ? 2.921   1.988   -13.707 1.00 29.95 ? 379 GLU A CA  1 
ATOM   1003 C  C   . GLU A 1 138 ? 1.737   1.292   -13.014 1.00 26.28 ? 379 GLU A C   1 
ATOM   1004 O  O   . GLU A 1 138 ? 1.934   0.622   -12.016 1.00 22.95 ? 379 GLU A O   1 
ATOM   1005 C  CB  . GLU A 1 138 ? 2.952   3.461   -13.381 1.00 34.57 ? 379 GLU A CB  1 
ATOM   1006 C  CG  . GLU A 1 138 ? 3.367   3.807   -11.979 1.00 41.79 ? 379 GLU A CG  1 
ATOM   1007 C  CD  . GLU A 1 138 ? 3.257   5.312   -11.725 1.00 50.49 ? 379 GLU A CD  1 
ATOM   1008 O  OE1 . GLU A 1 138 ? 3.249   6.114   -12.693 1.00 52.29 ? 379 GLU A OE1 1 
ATOM   1009 O  OE2 . GLU A 1 138 ? 3.152   5.690   -10.543 1.00 62.25 ? 379 GLU A OE2 1 
ATOM   1010 N  N   . LYS A 1 139 ? 0.520   1.437   -13.532 1.00 23.71 ? 380 LYS A N   1 
ATOM   1011 C  CA  . LYS A 1 139 ? -0.611  0.648   -12.982 1.00 24.83 ? 380 LYS A CA  1 
ATOM   1012 C  C   . LYS A 1 139 ? -0.313  -0.861  -13.009 1.00 25.85 ? 380 LYS A C   1 
ATOM   1013 O  O   . LYS A 1 139 ? -0.524  -1.563  -12.018 1.00 25.54 ? 380 LYS A O   1 
ATOM   1014 C  CB  . LYS A 1 139 ? -1.929  0.980   -13.693 1.00 22.86 ? 380 LYS A CB  1 
ATOM   1015 C  CG  . LYS A 1 139 ? -3.036  -0.053  -13.496 1.00 22.48 ? 380 LYS A CG  1 
ATOM   1016 C  CD  . LYS A 1 139 ? -4.340  0.481   -14.000 1.00 22.85 ? 380 LYS A CD  1 
ATOM   1017 C  CE  . LYS A 1 139 ? -5.433  -0.574  -13.872 1.00 22.40 ? 380 LYS A CE  1 
ATOM   1018 N  NZ  . LYS A 1 139 ? -6.678  0.060   -14.364 1.00 23.48 ? 380 LYS A NZ  1 
ATOM   1019 N  N   . GLN A 1 140 ? 0.198   -1.359  -14.123 1.00 27.37 ? 381 GLN A N   1 
ATOM   1020 C  CA  . GLN A 1 140 ? 0.518   -2.793  -14.232 1.00 30.62 ? 381 GLN A CA  1 
ATOM   1021 C  C   . GLN A 1 140 ? 1.577   -3.232  -13.207 1.00 28.61 ? 381 GLN A C   1 
ATOM   1022 O  O   . GLN A 1 140 ? 1.458   -4.273  -12.574 1.00 26.73 ? 381 GLN A O   1 
ATOM   1023 C  CB  . GLN A 1 140 ? 0.967   -3.134  -15.658 1.00 33.61 ? 381 GLN A CB  1 
ATOM   1024 C  CG  . GLN A 1 140 ? 0.893   -4.612  -16.008 1.00 41.18 ? 381 GLN A CG  1 
ATOM   1025 C  CD  . GLN A 1 140 ? -0.528  -5.169  -15.927 1.00 45.49 ? 381 GLN A CD  1 
ATOM   1026 O  OE1 . GLN A 1 140 ? -1.410  -4.722  -16.652 1.00 50.68 ? 381 GLN A OE1 1 
ATOM   1027 N  NE2 . GLN A 1 140 ? -0.754  -6.139  -15.041 1.00 48.49 ? 381 GLN A NE2 1 
ATOM   1028 N  N   . LYS A 1 141 ? 2.587   -2.402  -13.025 1.00 29.06 ? 382 LYS A N   1 
ATOM   1029 C  CA  . LYS A 1 141 ? 3.577   -2.621  -11.967 1.00 31.27 ? 382 LYS A CA  1 
ATOM   1030 C  C   . LYS A 1 141 ? 2.903   -2.778  -10.596 1.00 28.31 ? 382 LYS A C   1 
ATOM   1031 O  O   . LYS A 1 141 ? 3.203   -3.716  -9.865  1.00 26.78 ? 382 LYS A O   1 
ATOM   1032 C  CB  . LYS A 1 141 ? 4.556   -1.448  -11.961 1.00 38.19 ? 382 LYS A CB  1 
ATOM   1033 C  CG  . LYS A 1 141 ? 5.892   -1.694  -11.280 1.00 45.82 ? 382 LYS A CG  1 
ATOM   1034 C  CD  . LYS A 1 141 ? 6.998   -0.811  -11.879 1.00 51.88 ? 382 LYS A CD  1 
ATOM   1035 C  CE  . LYS A 1 141 ? 6.673   0.687   -11.881 1.00 57.56 ? 382 LYS A CE  1 
ATOM   1036 N  NZ  . LYS A 1 141 ? 6.210   1.242   -10.567 1.00 60.46 ? 382 LYS A NZ  1 
ATOM   1037 N  N   . TRP A 1 142 ? 1.981   -1.868  -10.251 1.00 24.53 ? 383 TRP A N   1 
ATOM   1038 C  CA  . TRP A 1 142 ? 1.311   -1.906  -8.932  1.00 25.33 ? 383 TRP A CA  1 
ATOM   1039 C  C   . TRP A 1 142 ? 0.415   -3.146  -8.771  1.00 26.47 ? 383 TRP A C   1 
ATOM   1040 O  O   . TRP A 1 142 ? 0.485   -3.848  -7.765  1.00 24.28 ? 383 TRP A O   1 
ATOM   1041 C  CB  . TRP A 1 142 ? 0.507   -0.611  -8.690  1.00 25.02 ? 383 TRP A CB  1 
ATOM   1042 C  CG  . TRP A 1 142 ? 1.382   0.410   -8.060  1.00 24.47 ? 383 TRP A CG  1 
ATOM   1043 C  CD1 . TRP A 1 142 ? 2.053   1.415   -8.676  1.00 23.75 ? 383 TRP A CD1 1 
ATOM   1044 C  CD2 . TRP A 1 142 ? 1.736   0.473   -6.664  1.00 24.62 ? 383 TRP A CD2 1 
ATOM   1045 N  NE1 . TRP A 1 142 ? 2.795   2.117   -7.754  1.00 24.19 ? 383 TRP A NE1 1 
ATOM   1046 C  CE2 . TRP A 1 142 ? 2.625   1.556   -6.512  1.00 25.85 ? 383 TRP A CE2 1 
ATOM   1047 C  CE3 . TRP A 1 142 ? 1.388   -0.285  -5.543  1.00 25.73 ? 383 TRP A CE3 1 
ATOM   1048 C  CZ2 . TRP A 1 142 ? 3.183   1.906   -5.275  1.00 27.07 ? 383 TRP A CZ2 1 
ATOM   1049 C  CZ3 . TRP A 1 142 ? 1.956   0.042   -4.310  1.00 27.03 ? 383 TRP A CZ3 1 
ATOM   1050 C  CH2 . TRP A 1 142 ? 2.834   1.151   -4.190  1.00 26.65 ? 383 TRP A CH2 1 
ATOM   1051 N  N   . LEU A 1 143 ? -0.401  -3.410  -9.791  1.00 26.63 ? 384 LEU A N   1 
ATOM   1052 C  CA  . LEU A 1 143 ? -1.260  -4.597  -9.785  1.00 27.80 ? 384 LEU A CA  1 
ATOM   1053 C  C   . LEU A 1 143 ? -0.455  -5.894  -9.704  1.00 27.62 ? 384 LEU A C   1 
ATOM   1054 O  O   . LEU A 1 143 ? -0.791  -6.741  -8.902  1.00 26.75 ? 384 LEU A O   1 
ATOM   1055 C  CB  . LEU A 1 143 ? -2.208  -4.586  -10.985 1.00 28.34 ? 384 LEU A CB  1 
ATOM   1056 C  CG  . LEU A 1 143 ? -3.229  -3.427  -10.915 1.00 29.72 ? 384 LEU A CG  1 
ATOM   1057 C  CD1 . LEU A 1 143 ? -4.211  -3.517  -12.074 1.00 32.23 ? 384 LEU A CD1 1 
ATOM   1058 C  CD2 . LEU A 1 143 ? -3.948  -3.365  -9.581  1.00 29.87 ? 384 LEU A CD2 1 
ATOM   1059 N  N   . ASP A 1 144 ? 0.606   -6.030  -10.506 1.00 29.34 ? 385 ASP A N   1 
ATOM   1060 C  CA  . ASP A 1 144 ? 1.487   -7.204  -10.424 1.00 31.45 ? 385 ASP A CA  1 
ATOM   1061 C  C   . ASP A 1 144 ? 2.051   -7.419  -9.006  1.00 31.12 ? 385 ASP A C   1 
ATOM   1062 O  O   . ASP A 1 144 ? 2.107   -8.536  -8.512  1.00 27.57 ? 385 ASP A O   1 
ATOM   1063 C  CB  . ASP A 1 144 ? 2.640   -7.097  -11.430 1.00 33.38 ? 385 ASP A CB  1 
ATOM   1064 C  CG  . ASP A 1 144 ? 2.196   -7.300  -12.889 1.00 37.84 ? 385 ASP A CG  1 
ATOM   1065 O  OD1 . ASP A 1 144 ? 1.085   -7.809  -13.127 1.00 39.11 ? 385 ASP A OD1 1 
ATOM   1066 O  OD2 . ASP A 1 144 ? 2.978   -6.948  -13.804 1.00 42.23 ? 385 ASP A OD2 1 
ATOM   1067 N  N   . ALA A 1 145 ? 2.466   -6.334  -8.362  1.00 28.73 ? 386 ALA A N   1 
ATOM   1068 C  CA  . ALA A 1 145 ? 3.041   -6.419  -7.026  1.00 29.66 ? 386 ALA A CA  1 
ATOM   1069 C  C   . ALA A 1 145 ? 1.968   -6.780  -5.994  1.00 26.80 ? 386 ALA A C   1 
ATOM   1070 O  O   . ALA A 1 145 ? 2.217   -7.546  -5.058  1.00 24.36 ? 386 ALA A O   1 
ATOM   1071 C  CB  . ALA A 1 145 ? 3.742   -5.114  -6.677  1.00 29.02 ? 386 ALA A CB  1 
ATOM   1072 N  N   . ILE A 1 146 ? 0.768   -6.231  -6.169  1.00 24.61 ? 387 ILE A N   1 
ATOM   1073 C  CA  . ILE A 1 146 ? -0.350  -6.567  -5.317  1.00 25.35 ? 387 ILE A CA  1 
ATOM   1074 C  C   . ILE A 1 146 ? -0.689  -8.064  -5.442  1.00 24.86 ? 387 ILE A C   1 
ATOM   1075 O  O   . ILE A 1 146 ? -0.887  -8.749  -4.434  1.00 24.05 ? 387 ILE A O   1 
ATOM   1076 C  CB  . ILE A 1 146 ? -1.566  -5.640  -5.618  1.00 27.09 ? 387 ILE A CB  1 
ATOM   1077 C  CG1 . ILE A 1 146 ? -1.282  -4.241  -5.064  1.00 26.90 ? 387 ILE A CG1 1 
ATOM   1078 C  CG2 . ILE A 1 146 ? -2.841  -6.153  -4.965  1.00 27.77 ? 387 ILE A CG2 1 
ATOM   1079 C  CD1 . ILE A 1 146 ? -2.251  -3.174  -5.520  1.00 27.21 ? 387 ILE A CD1 1 
ATOM   1080 N  N   . ILE A 1 147 ? -0.694  -8.567  -6.673  1.00 26.57 ? 388 ILE A N   1 
ATOM   1081 C  CA  . ILE A 1 147 ? -0.959  -10.010 -6.929  1.00 28.33 ? 388 ILE A CA  1 
ATOM   1082 C  C   . ILE A 1 147 ? 0.156   -10.886 -6.329  1.00 27.45 ? 388 ILE A C   1 
ATOM   1083 O  O   . ILE A 1 147 ? -0.143  -11.887 -5.681  1.00 28.06 ? 388 ILE A O   1 
ATOM   1084 C  CB  . ILE A 1 147 ? -1.171  -10.284 -8.447  1.00 29.17 ? 388 ILE A CB  1 
ATOM   1085 C  CG1 . ILE A 1 147 ? -2.460  -9.587  -8.934  1.00 29.16 ? 388 ILE A CG1 1 
ATOM   1086 C  CG2 . ILE A 1 147 ? -1.275  -11.786 -8.769  1.00 30.16 ? 388 ILE A CG2 1 
ATOM   1087 C  CD1 . ILE A 1 147 ? -2.544  -9.448  -10.445 1.00 28.62 ? 388 ILE A CD1 1 
ATOM   1088 N  N   . ARG A 1 148 ? 1.415   -10.497 -6.519  1.00 28.51 ? 389 ARG A N   1 
ATOM   1089 C  CA  . ARG A 1 148 ? 2.549   -11.242 -5.958  1.00 33.05 ? 389 ARG A CA  1 
ATOM   1090 C  C   . ARG A 1 148 ? 2.486   -11.289 -4.444  1.00 31.98 ? 389 ARG A C   1 
ATOM   1091 O  O   . ARG A 1 148 ? 2.693   -12.350 -3.872  1.00 31.93 ? 389 ARG A O   1 
ATOM   1092 C  CB  . ARG A 1 148 ? 3.906   -10.700 -6.445  1.00 38.43 ? 389 ARG A CB  1 
ATOM   1093 C  CG  . ARG A 1 148 ? 4.549   -11.542 -7.548  1.00 45.61 ? 389 ARG A CG  1 
ATOM   1094 C  CD  . ARG A 1 148 ? 5.616   -10.830 -8.403  1.00 51.90 ? 389 ARG A CD  1 
ATOM   1095 N  NE  . ARG A 1 148 ? 6.207   -9.648  -7.743  1.00 58.70 ? 389 ARG A NE  1 
ATOM   1096 C  CZ  . ARG A 1 148 ? 6.133   -8.366  -8.162  1.00 58.88 ? 389 ARG A CZ  1 
ATOM   1097 N  NH1 . ARG A 1 148 ? 5.517   -8.001  -9.291  1.00 56.07 ? 389 ARG A NH1 1 
ATOM   1098 N  NH2 . ARG A 1 148 ? 6.705   -7.414  -7.428  1.00 61.86 ? 389 ARG A NH2 1 
ATOM   1099 N  N   . GLU A 1 149 ? 2.175   -10.166 -3.780  1.00 29.18 ? 390 GLU A N   1 
ATOM   1100 C  CA  . GLU A 1 149 ? 2.084   -10.160 -2.318  1.00 28.86 ? 390 GLU A CA  1 
ATOM   1101 C  C   . GLU A 1 149 ? 0.976   -11.110 -1.843  1.00 27.83 ? 390 GLU A C   1 
ATOM   1102 O  O   . GLU A 1 149 ? 1.169   -11.829 -0.879  1.00 27.04 ? 390 GLU A O   1 
ATOM   1103 C  CB  . GLU A 1 149 ? 1.852   -8.727  -1.764  1.00 27.57 ? 390 GLU A CB  1 
ATOM   1104 C  CG  . GLU A 1 149 ? 1.891   -8.608  -0.241  1.00 29.97 ? 390 GLU A CG  1 
ATOM   1105 C  CD  . GLU A 1 149 ? 0.601   -8.979  0.473   1.00 31.49 ? 390 GLU A CD  1 
ATOM   1106 O  OE1 . GLU A 1 149 ? -0.484  -9.050  -0.181  1.00 32.55 ? 390 GLU A OE1 1 
ATOM   1107 O  OE2 . GLU A 1 149 ? 0.659   -9.234  1.703   1.00 31.50 ? 390 GLU A OE2 1 
ATOM   1108 N  N   . ARG A 1 150 ? -0.187  -11.085 -2.504  1.00 28.10 ? 391 ARG A N   1 
ATOM   1109 C  CA  . ARG A 1 150 ? -1.287  -11.965 -2.129  1.00 28.02 ? 391 ARG A CA  1 
ATOM   1110 C  C   . ARG A 1 150 ? -0.862  -13.420 -2.371  1.00 27.76 ? 391 ARG A C   1 
ATOM   1111 O  O   . ARG A 1 150 ? -1.031  -14.242 -1.508  1.00 28.22 ? 391 ARG A O   1 
ATOM   1112 C  CB  . ARG A 1 150 ? -2.572  -11.648 -2.913  1.00 30.15 ? 391 ARG A CB  1 
ATOM   1113 C  CG  . ARG A 1 150 ? -3.729  -12.615 -2.642  1.00 33.94 ? 391 ARG A CG  1 
ATOM   1114 C  CD  . ARG A 1 150 ? -4.996  -12.289 -3.427  1.00 36.39 ? 391 ARG A CD  1 
ATOM   1115 N  NE  . ARG A 1 150 ? -4.796  -12.127 -4.866  1.00 39.26 ? 391 ARG A NE  1 
ATOM   1116 C  CZ  . ARG A 1 150 ? -4.530  -13.098 -5.738  1.00 39.98 ? 391 ARG A CZ  1 
ATOM   1117 N  NH1 . ARG A 1 150 ? -4.371  -14.368 -5.349  1.00 42.40 ? 391 ARG A NH1 1 
ATOM   1118 N  NH2 . ARG A 1 150 ? -4.407  -12.795 -7.028  1.00 42.46 ? 391 ARG A NH2 1 
ATOM   1119 N  N   . GLU A 1 151 ? -0.363  -13.713 -3.558  1.00 29.19 ? 392 GLU A N   1 
ATOM   1120 C  CA  . GLU A 1 151 ? 0.034   -15.084 -3.897  1.00 34.12 ? 392 GLU A CA  1 
ATOM   1121 C  C   . GLU A 1 151 ? 1.063   -15.636 -2.918  1.00 37.77 ? 392 GLU A C   1 
ATOM   1122 O  O   . GLU A 1 151 ? 0.885   -16.738 -2.397  1.00 34.69 ? 392 GLU A O   1 
ATOM   1123 C  CB  . GLU A 1 151 ? 0.562   -15.147 -5.322  1.00 36.73 ? 392 GLU A CB  1 
ATOM   1124 C  CG  . GLU A 1 151 ? -0.561  -15.104 -6.330  1.00 38.93 ? 392 GLU A CG  1 
ATOM   1125 C  CD  . GLU A 1 151 ? -0.084  -15.057 -7.765  1.00 45.91 ? 392 GLU A CD  1 
ATOM   1126 O  OE1 . GLU A 1 151 ? 1.139   -14.892 -7.995  1.00 54.87 ? 392 GLU A OE1 1 
ATOM   1127 O  OE2 . GLU A 1 151 ? -0.953  -15.178 -8.667  1.00 54.43 ? 392 GLU A OE2 1 
ATOM   1128 N  N   . GLN A 1 152 ? 2.092   -14.847 -2.616  1.00 36.56 ? 393 GLN A N   1 
ATOM   1129 C  CA  . GLN A 1 152 ? 3.088   -15.269 -1.644  1.00 40.69 ? 393 GLN A CA  1 
ATOM   1130 C  C   . GLN A 1 152 ? 2.480   -15.491 -0.271  1.00 40.94 ? 393 GLN A C   1 
ATOM   1131 O  O   . GLN A 1 152 ? 2.748   -16.502 0.364   1.00 42.72 ? 393 GLN A O   1 
ATOM   1132 C  CB  . GLN A 1 152 ? 4.278   -14.300 -1.600  1.00 45.19 ? 393 GLN A CB  1 
ATOM   1133 C  CG  . GLN A 1 152 ? 5.267   -14.508 -0.449  1.00 52.81 ? 393 GLN A CG  1 
ATOM   1134 C  CD  . GLN A 1 152 ? 6.001   -15.860 -0.467  1.00 58.55 ? 393 GLN A CD  1 
ATOM   1135 O  OE1 . GLN A 1 152 ? 5.573   -16.831 -1.099  1.00 60.91 ? 393 GLN A OE1 1 
ATOM   1136 N  NE2 . GLN A 1 152 ? 7.110   -15.926 0.263   1.00 60.50 ? 393 GLN A NE2 1 
ATOM   1137 N  N   . ARG A 1 153 ? 1.641   -14.579 0.193   1.00 40.25 ? 394 ARG A N   1 
ATOM   1138 C  CA  . ARG A 1 153 ? 1.025   -14.739 1.488   1.00 41.10 ? 394 ARG A CA  1 
ATOM   1139 C  C   . ARG A 1 153 ? 0.141   -15.996 1.559   1.00 45.45 ? 394 ARG A C   1 
ATOM   1140 O  O   . ARG A 1 153 ? 0.193   -16.730 2.556   1.00 46.15 ? 394 ARG A O   1 
ATOM   1141 C  CB  . ARG A 1 153 ? 0.212   -13.504 1.818   1.00 42.52 ? 394 ARG A CB  1 
ATOM   1142 C  CG  . ARG A 1 153 ? -0.390  -13.478 3.214   1.00 41.70 ? 394 ARG A CG  1 
ATOM   1143 C  CD  . ARG A 1 153 ? -0.753  -12.052 3.613   1.00 40.61 ? 394 ARG A CD  1 
ATOM   1144 N  NE  . ARG A 1 153 ? -1.215  -11.282 2.459   1.00 39.44 ? 394 ARG A NE  1 
ATOM   1145 C  CZ  . ARG A 1 153 ? -2.424  -11.348 1.916   1.00 37.87 ? 394 ARG A CZ  1 
ATOM   1146 N  NH1 . ARG A 1 153 ? -3.350  -12.155 2.426   1.00 39.92 ? 394 ARG A NH1 1 
ATOM   1147 N  NH2 . ARG A 1 153 ? -2.710  -10.604 0.854   1.00 36.00 ? 394 ARG A NH2 1 
ATOM   1148 N  N   . GLU A 1 154 ? -0.646  -16.242 0.511   1.00 42.57 ? 395 GLU A N   1 
ATOM   1149 C  CA  . GLU A 1 154 ? -1.489  -17.453 0.421   1.00 46.53 ? 395 GLU A CA  1 
ATOM   1150 C  C   . GLU A 1 154 ? -0.613  -18.735 0.282   1.00 47.61 ? 395 GLU A C   1 
ATOM   1151 O  O   . GLU A 1 154 ? -0.912  -19.784 0.869   1.00 49.50 ? 395 GLU A O   1 
ATOM   1152 C  CB  . GLU A 1 154 ? -2.483  -17.344 -0.760  1.00 48.88 ? 395 GLU A CB  1 
ATOM   1153 C  CG  . GLU A 1 154 ? -3.582  -16.271 -0.611  1.00 52.06 ? 395 GLU A CG  1 
ATOM   1154 C  CD  . GLU A 1 154 ? -4.482  -16.101 -1.853  1.00 57.97 ? 395 GLU A CD  1 
ATOM   1155 O  OE1 . GLU A 1 154 ? -4.087  -16.505 -2.972  1.00 59.41 ? 395 GLU A OE1 1 
ATOM   1156 O  OE2 . GLU A 1 154 ? -5.605  -15.555 -1.720  1.00 59.73 ? 395 GLU A OE2 1 
ATOM   1157 N  N   . SER A 1 155 ? 0.468   -18.626 -0.478  1.00 44.83 ? 396 SER A N   1 
ATOM   1158 C  CA  . SER A 1 155 ? 1.456   -19.695 -0.640  1.00 50.50 ? 396 SER A CA  1 
ATOM   1159 C  C   . SER A 1 155 ? 2.163   -20.079 0.667   1.00 49.97 ? 396 SER A C   1 
ATOM   1160 O  O   . SER A 1 155 ? 2.350   -21.246 0.934   1.00 47.51 ? 396 SER A O   1 
ATOM   1161 C  CB  . SER A 1 155 ? 2.489   -19.278 -1.676  1.00 51.11 ? 396 SER A CB  1 
ATOM   1162 O  OG  . SER A 1 155 ? 3.402   -20.323 -1.921  1.00 64.27 ? 396 SER A OG  1 
ATOM   1163 N  N   . LEU A 1 156 ? 2.556   -19.091 1.468   1.00 52.87 ? 397 LEU A N   1 
ATOM   1164 C  CA  . LEU A 1 156 ? 3.106   -19.328 2.814   1.00 54.98 ? 397 LEU A CA  1 
ATOM   1165 C  C   . LEU A 1 156 ? 2.163   -20.062 3.741   1.00 57.80 ? 397 LEU A C   1 
ATOM   1166 O  O   . LEU A 1 156 ? 2.507   -21.117 4.274   1.00 56.28 ? 397 LEU A O   1 
ATOM   1167 C  CB  . LEU A 1 156 ? 3.501   -18.009 3.499   1.00 57.28 ? 397 LEU A CB  1 
ATOM   1168 C  CG  . LEU A 1 156 ? 4.970   -17.630 3.428   1.00 61.21 ? 397 LEU A CG  1 
ATOM   1169 C  CD1 . LEU A 1 156 ? 5.514   -17.841 2.031   1.00 64.32 ? 397 LEU A CD1 1 
ATOM   1170 C  CD2 . LEU A 1 156 ? 5.156   -16.181 3.872   1.00 62.58 ? 397 LEU A CD2 1 
ATOM   1171 N  N   . LYS A 1 157 ? 0.991   -19.469 3.935   1.00 57.15 ? 398 LYS A N   1 
ATOM   1172 C  CA  . LYS A 1 157 ? -0.043  -19.963 4.844   1.00 62.84 ? 398 LYS A CA  1 
ATOM   1173 C  C   . LYS A 1 157 ? -0.330  -21.439 4.591   1.00 65.66 ? 398 LYS A C   1 
ATOM   1174 O  O   . LYS A 1 157 ? -0.308  -22.260 5.507   1.00 69.22 ? 398 LYS A O   1 
ATOM   1175 C  CB  . LYS A 1 157 ? -1.329  -19.164 4.610   1.00 64.05 ? 398 LYS A CB  1 
ATOM   1176 C  CG  . LYS A 1 157 ? -2.503  -19.524 5.509   1.00 67.20 ? 398 LYS A CG  1 
ATOM   1177 C  CD  . LYS A 1 157 ? -2.622  -18.565 6.684   1.00 72.33 ? 398 LYS A CD  1 
ATOM   1178 C  CE  . LYS A 1 157 ? -4.051  -18.493 7.212   1.00 76.61 ? 398 LYS A CE  1 
ATOM   1179 N  NZ  . LYS A 1 157 ? -4.229  -17.347 8.145   1.00 75.96 ? 398 LYS A NZ  1 
ATOM   1180 N  N   . LEU A 1 158 ? -0.588  -21.734 3.323   1.00 66.67 ? 399 LEU A N   1 
ATOM   1181 C  CA  . LEU A 1 158 ? -0.963  -23.051 2.844   1.00 67.71 ? 399 LEU A CA  1 
ATOM   1182 C  C   . LEU A 1 158 ? 0.210   -24.027 2.932   1.00 70.37 ? 399 LEU A C   1 
ATOM   1183 O  O   . LEU A 1 158 ? 0.071   -25.119 3.502   1.00 69.48 ? 399 LEU A O   1 
ATOM   1184 C  CB  . LEU A 1 158 ? -1.451  -22.910 1.403   1.00 67.46 ? 399 LEU A CB  1 
ATOM   1185 C  CG  . LEU A 1 158 ? -2.024  -24.144 0.735   1.00 68.98 ? 399 LEU A CG  1 
ATOM   1186 C  CD1 . LEU A 1 158 ? -3.233  -23.790 -0.124  1.00 70.91 ? 399 LEU A CD1 1 
ATOM   1187 C  CD2 . LEU A 1 158 ? -0.956  -24.821 -0.095  1.00 67.66 ? 399 LEU A CD2 1 
ATOM   1188 N  N   . GLY A 1 159 ? 1.359   -23.621 2.384   1.00 68.51 ? 400 GLY A N   1 
ATOM   1189 C  CA  . GLY A 1 159 ? 2.621   -24.348 2.533   1.00 64.52 ? 400 GLY A CA  1 
ATOM   1190 C  C   . GLY A 1 159 ? 2.875   -24.823 3.954   1.00 64.38 ? 400 GLY A C   1 
ATOM   1191 O  O   . GLY A 1 159 ? 3.357   -25.932 4.157   1.00 59.98 ? 400 GLY A O   1 
ATOM   1192 N  N   . MET A 1 160 ? 2.525   -23.984 4.926   1.00 64.47 ? 401 MET A N   1 
ATOM   1193 C  CA  . MET A 1 160 ? 2.720   -24.249 6.368   1.00 71.08 ? 401 MET A CA  1 
ATOM   1194 C  C   . MET A 1 160 ? 1.653   -25.180 6.988   1.00 71.91 ? 401 MET A C   1 
ATOM   1195 O  O   . MET A 1 160 ? 1.842   -25.712 8.084   1.00 71.07 ? 401 MET A O   1 
ATOM   1196 C  CB  . MET A 1 160 ? 2.818   -22.886 7.069   1.00 75.32 ? 401 MET A CB  1 
ATOM   1197 C  CG  . MET A 1 160 ? 2.650   -22.796 8.577   1.00 78.54 ? 401 MET A CG  1 
ATOM   1198 S  SD  . MET A 1 160 ? 2.600   -21.049 9.059   1.00 88.53 ? 401 MET A SD  1 
ATOM   1199 C  CE  . MET A 1 160 ? 3.940   -20.296 8.127   1.00 83.72 ? 401 MET A CE  1 
ATOM   1200 N  N   . GLU A 1 161 ? 0.546   -25.372 6.269   1.00 73.53 ? 402 GLU A N   1 
ATOM   1201 C  CA  . GLU A 1 161 ? -0.475  -26.384 6.588   1.00 69.85 ? 402 GLU A CA  1 
ATOM   1202 C  C   . GLU A 1 161 ? -0.172  -27.718 5.878   1.00 67.62 ? 402 GLU A C   1 
ATOM   1203 O  O   . GLU A 1 161 ? -0.361  -28.790 6.453   1.00 69.96 ? 402 GLU A O   1 
ATOM   1204 C  CB  . GLU A 1 161 ? -1.857  -25.860 6.183   1.00 71.46 ? 402 GLU A CB  1 
ATOM   1205 C  CG  . GLU A 1 161 ? -2.240  -24.563 6.906   1.00 71.62 ? 402 GLU A CG  1 
ATOM   1206 C  CD  . GLU A 1 161 ? -3.582  -23.965 6.466   1.00 75.59 ? 402 GLU A CD  1 
ATOM   1207 O  OE1 . GLU A 1 161 ? -4.286  -24.591 5.616   1.00 75.85 ? 402 GLU A OE1 1 
ATOM   1208 O  OE2 . GLU A 1 161 ? -3.940  -22.864 6.989   1.00 65.67 ? 402 GLU A OE2 1 
ATOM   1209 N  N   . ARG A 1 162 ? 0.272   -27.636 4.623   1.00 62.74 ? 403 ARG A N   1 
ATOM   1210 C  CA  . ARG A 1 162 ? 0.841   -28.773 3.883   1.00 60.94 ? 403 ARG A CA  1 
ATOM   1211 C  C   . ARG A 1 162 ? 2.175   -29.315 4.400   1.00 62.09 ? 403 ARG A C   1 
ATOM   1212 O  O   . ARG A 1 162 ? 2.519   -30.469 4.106   1.00 61.19 ? 403 ARG A O   1 
ATOM   1213 C  CB  . ARG A 1 162 ? 1.076   -28.401 2.432   1.00 62.65 ? 403 ARG A CB  1 
ATOM   1214 C  CG  . ARG A 1 162 ? -0.180  -28.381 1.604   1.00 69.90 ? 403 ARG A CG  1 
ATOM   1215 C  CD  . ARG A 1 162 ? 0.223   -28.096 0.176   1.00 77.24 ? 403 ARG A CD  1 
ATOM   1216 N  NE  . ARG A 1 162 ? -0.890  -28.187 -0.768  1.00 83.90 ? 403 ARG A NE  1 
ATOM   1217 C  CZ  . ARG A 1 162 ? -0.932  -27.568 -1.951  1.00 91.11 ? 403 ARG A CZ  1 
ATOM   1218 N  NH1 . ARG A 1 162 ? 0.051   -26.742 -2.328  1.00 95.74 ? 403 ARG A NH1 1 
ATOM   1219 N  NH2 . ARG A 1 162 ? -1.993  -27.723 -2.743  1.00 96.06 ? 403 ARG A NH2 1 
ATOM   1220 N  N   . ASP A 1 163 ? 2.945   -28.484 5.104   1.00 58.46 ? 404 ASP A N   1 
ATOM   1221 C  CA  . ASP A 1 163 ? 4.159   -28.938 5.814   1.00 60.35 ? 404 ASP A CA  1 
ATOM   1222 C  C   . ASP A 1 163 ? 3.864   -29.446 7.248   1.00 56.11 ? 404 ASP A C   1 
ATOM   1223 O  O   . ASP A 1 163 ? 4.794   -29.597 8.046   1.00 56.95 ? 404 ASP A O   1 
ATOM   1224 C  CB  . ASP A 1 163 ? 5.234   -27.823 5.851   1.00 63.68 ? 404 ASP A CB  1 
ATOM   1225 C  CG  . ASP A 1 163 ? 6.360   -28.041 4.837   1.00 69.28 ? 404 ASP A CG  1 
ATOM   1226 O  OD1 . ASP A 1 163 ? 6.080   -28.448 3.682   1.00 68.66 ? 404 ASP A OD1 1 
ATOM   1227 O  OD2 . ASP A 1 163 ? 7.536   -27.788 5.212   1.00 74.01 ? 404 ASP A OD2 1 
ATOM   1228 N  N   . ALA A 1 164 ? 2.597   -29.733 7.560   1.00 49.20 ? 405 ALA A N   1 
ATOM   1229 C  CA  . ALA A 1 164 ? 2.197   -30.196 8.898   1.00 51.69 ? 405 ALA A CA  1 
ATOM   1230 C  C   . ALA A 1 164 ? 2.972   -31.433 9.422   1.00 51.25 ? 405 ALA A C   1 
ATOM   1231 O  O   . ALA A 1 164 ? 3.251   -31.518 10.615  1.00 49.73 ? 405 ALA A O   1 
ATOM   1232 C  CB  . ALA A 1 164 ? 0.694   -30.484 8.930   1.00 51.04 ? 405 ALA A CB  1 
ATOM   1233 N  N   . TYR A 1 165 ? 3.300   -32.375 8.535   1.00 49.91 ? 406 TYR A N   1 
ATOM   1234 C  CA  . TYR A 1 165 ? 4.013   -33.610 8.923   1.00 51.24 ? 406 TYR A CA  1 
ATOM   1235 C  C   . TYR A 1 165 ? 5.550   -33.565 8.811   1.00 56.03 ? 406 TYR A C   1 
ATOM   1236 O  O   . TYR A 1 165 ? 6.223   -34.422 9.382   1.00 62.08 ? 406 TYR A O   1 
ATOM   1237 C  CB  . TYR A 1 165 ? 3.445   -34.803 8.148   1.00 46.08 ? 406 TYR A CB  1 
ATOM   1238 C  CG  . TYR A 1 165 ? 1.969   -35.051 8.396   1.00 44.31 ? 406 TYR A CG  1 
ATOM   1239 C  CD1 . TYR A 1 165 ? 1.374   -34.783 9.651   1.00 44.17 ? 406 TYR A CD1 1 
ATOM   1240 C  CD2 . TYR A 1 165 ? 1.154   -35.595 7.390   1.00 45.68 ? 406 TYR A CD2 1 
ATOM   1241 C  CE1 . TYR A 1 165 ? 0.019   -35.020 9.877   1.00 44.88 ? 406 TYR A CE1 1 
ATOM   1242 C  CE2 . TYR A 1 165 ? -0.200  -35.857 7.617   1.00 44.64 ? 406 TYR A CE2 1 
ATOM   1243 C  CZ  . TYR A 1 165 ? -0.765  -35.563 8.851   1.00 43.78 ? 406 TYR A CZ  1 
ATOM   1244 O  OH  . TYR A 1 165 ? -2.092  -35.821 9.072   1.00 42.63 ? 406 TYR A OH  1 
ATOM   1245 N  N   . VAL A 1 166 ? 6.103   -32.549 8.146   1.00 59.72 ? 407 VAL A N   1 
ATOM   1246 C  CA  . VAL A 1 166 ? 7.551   -32.458 7.915   1.00 56.99 ? 407 VAL A CA  1 
ATOM   1247 C  C   . VAL A 1 166 ? 8.244   -31.728 9.074   1.00 60.37 ? 407 VAL A C   1 
ATOM   1248 O  O   . VAL A 1 166 ? 7.911   -30.579 9.385   1.00 57.86 ? 407 VAL A O   1 
ATOM   1249 C  CB  . VAL A 1 166 ? 7.874   -31.740 6.589   1.00 55.18 ? 407 VAL A CB  1 
ATOM   1250 C  CG1 . VAL A 1 166 ? 9.343   -31.906 6.263   1.00 57.08 ? 407 VAL A CG1 1 
ATOM   1251 C  CG2 . VAL A 1 166 ? 7.013   -32.265 5.438   1.00 54.36 ? 407 VAL A CG2 1 
HETATM 1252 NI NI  . NI  B 2 .   ? -17.868 0.131   -2.186  0.50 23.02 ? 501 NI  A NI  1 
HETATM 1253 O  O   . HOH C 3 .   ? -12.313 -2.441  -4.120  1.00 25.36 ? 601 HOH A O   1 
HETATM 1254 O  O   . HOH C 3 .   ? -1.232  9.927   -17.864 1.00 40.35 ? 602 HOH A O   1 
HETATM 1255 O  O   . HOH C 3 .   ? 12.396  18.735  7.892   1.00 42.77 ? 603 HOH A O   1 
HETATM 1256 O  O   . HOH C 3 .   ? 2.039   7.963   -10.365 1.00 43.55 ? 604 HOH A O   1 
HETATM 1257 O  O   . HOH C 3 .   ? -19.442 3.441   -7.774  1.00 37.83 ? 605 HOH A O   1 
HETATM 1258 O  O   . HOH C 3 .   ? -1.131  9.919   12.743  1.00 35.97 ? 606 HOH A O   1 
HETATM 1259 O  O   . HOH C 3 .   ? -4.538  3.757   -19.858 1.00 35.25 ? 607 HOH A O   1 
HETATM 1260 O  O   . HOH C 3 .   ? 3.938   4.619   -8.320  1.00 33.36 ? 608 HOH A O   1 
HETATM 1261 O  O   . HOH C 3 .   ? -1.795  -7.712  -1.972  1.00 29.56 ? 609 HOH A O   1 
HETATM 1262 O  O   . HOH C 3 .   ? -12.090 -8.580  3.404   1.00 30.64 ? 610 HOH A O   1 
HETATM 1263 O  O   . HOH C 3 .   ? -8.366  10.241  -15.500 1.00 39.21 ? 611 HOH A O   1 
HETATM 1264 O  O   . HOH C 3 .   ? 5.664   -12.352 5.802   1.00 51.81 ? 612 HOH A O   1 
HETATM 1265 O  O   . HOH C 3 .   ? -9.628  8.948   -0.265  1.00 39.63 ? 613 HOH A O   1 
HETATM 1266 O  O   . HOH C 3 .   ? -19.041 12.915  -12.290 1.00 40.93 ? 614 HOH A O   1 
HETATM 1267 O  O   . HOH C 3 .   ? -0.234  11.783  10.600  1.00 34.87 ? 615 HOH A O   1 
HETATM 1268 O  O   . HOH C 3 .   ? 8.942   -9.059  11.123  1.00 40.22 ? 616 HOH A O   1 
HETATM 1269 O  O   . HOH C 3 .   ? -12.065 7.440   -3.994  1.00 32.93 ? 617 HOH A O   1 
HETATM 1270 O  O   . HOH C 3 .   ? -13.843 11.559  0.700   1.00 29.94 ? 618 HOH A O   1 
HETATM 1271 O  O   . HOH C 3 .   ? -0.720  -6.425  8.630   1.00 33.22 ? 619 HOH A O   1 
HETATM 1272 O  O   . HOH C 3 .   ? -8.469  -1.637  -16.927 1.00 50.79 ? 620 HOH A O   1 
HETATM 1273 O  O   . HOH C 3 .   ? -1.398  -2.237  14.248  1.00 33.11 ? 621 HOH A O   1 
HETATM 1274 O  O   . HOH C 3 .   ? -9.415  8.227   -19.731 1.00 40.30 ? 622 HOH A O   1 
HETATM 1275 O  O   . HOH C 3 .   ? 5.506   -5.175  -9.956  1.00 29.81 ? 623 HOH A O   1 
HETATM 1276 O  O   . HOH C 3 .   ? -2.253  -0.769  -17.139 1.00 29.62 ? 624 HOH A O   1 
HETATM 1277 O  O   . HOH C 3 .   ? 2.201   -10.604 -10.301 1.00 34.87 ? 625 HOH A O   1 
HETATM 1278 O  O   . HOH C 3 .   ? -8.498  3.112   -14.851 1.00 21.72 ? 626 HOH A O   1 
HETATM 1279 O  O   . HOH C 3 .   ? -4.038  8.522   -14.694 1.00 31.29 ? 627 HOH A O   1 
HETATM 1280 O  O   . HOH C 3 .   ? -3.901  3.530   11.434  1.00 46.10 ? 628 HOH A O   1 
HETATM 1281 O  O   . HOH C 3 .   ? -3.649  -15.382 -8.164  1.00 52.59 ? 629 HOH A O   1 
HETATM 1282 O  O   . HOH C 3 .   ? -6.376  1.189   -16.994 1.00 32.98 ? 630 HOH A O   1 
HETATM 1283 O  O   . HOH C 3 .   ? -10.748 6.377   2.412   1.00 31.30 ? 631 HOH A O   1 
HETATM 1284 O  O   . HOH C 3 .   ? 4.890   -8.081  -4.497  1.00 38.71 ? 632 HOH A O   1 
HETATM 1285 O  O   . HOH C 3 .   ? 5.043   7.632   -14.196 1.00 48.41 ? 633 HOH A O   1 
HETATM 1286 O  O   . HOH C 3 .   ? 8.123   7.370   13.400  1.00 42.96 ? 634 HOH A O   1 
HETATM 1287 O  O   . HOH C 3 .   ? -11.765 -7.840  -4.206  1.00 42.02 ? 635 HOH A O   1 
HETATM 1288 O  O   . HOH C 3 .   ? 2.550   13.265  -1.010  1.00 37.35 ? 636 HOH A O   1 
HETATM 1289 O  O   . HOH C 3 .   ? -3.284  -2.794  -15.887 1.00 43.22 ? 637 HOH A O   1 
HETATM 1290 O  O   . HOH C 3 .   ? 9.623   -0.963  12.614  1.00 35.10 ? 638 HOH A O   1 
HETATM 1291 O  O   . HOH C 3 .   ? -6.762  -0.458  8.544   1.00 29.24 ? 639 HOH A O   1 
HETATM 1292 O  O   . HOH C 3 .   ? -6.039  6.340   8.407   1.00 39.84 ? 640 HOH A O   1 
HETATM 1293 O  O   . HOH C 3 .   ? 2.365   -10.216 9.847   1.00 36.11 ? 641 HOH A O   1 
HETATM 1294 O  O   . HOH C 3 .   ? 5.700   8.225   14.188  1.00 44.62 ? 642 HOH A O   1 
HETATM 1295 O  O   . HOH C 3 .   ? 3.556   -32.690 5.548   1.00 42.17 ? 643 HOH A O   1 
HETATM 1296 O  O   . HOH C 3 .   ? -12.021 13.996  -13.213 1.00 30.97 ? 644 HOH A O   1 
HETATM 1297 O  O   . HOH C 3 .   ? 9.886   0.173   -4.875  1.00 33.13 ? 645 HOH A O   1 
HETATM 1298 O  O   . HOH C 3 .   ? -11.113 -6.312  -10.615 1.00 27.86 ? 646 HOH A O   1 
HETATM 1299 O  O   . HOH C 3 .   ? -0.794  3.584   17.487  1.00 36.47 ? 647 HOH A O   1 
HETATM 1300 O  O   . HOH C 3 .   ? -8.251  6.819   3.108   1.00 41.26 ? 648 HOH A O   1 
HETATM 1301 O  O   . HOH C 3 .   ? -9.161  0.399   -18.822 1.00 35.43 ? 649 HOH A O   1 
HETATM 1302 O  O   . HOH C 3 .   ? -14.724 0.126   -13.967 1.00 39.86 ? 650 HOH A O   1 
HETATM 1303 O  O   . HOH C 3 .   ? -15.594 1.725   -10.104 1.00 36.67 ? 651 HOH A O   1 
HETATM 1304 O  O   . HOH C 3 .   ? -0.525  5.290   -20.170 1.00 38.44 ? 652 HOH A O   1 
HETATM 1305 O  O   . HOH C 3 .   ? 2.451   3.084   -20.014 1.00 31.83 ? 653 HOH A O   1 
HETATM 1306 O  O   . HOH C 3 .   ? -12.537 -3.751  -15.020 1.00 52.21 ? 654 HOH A O   1 
HETATM 1307 O  O   . HOH C 3 .   ? -7.702  2.807   4.711   1.00 17.76 ? 655 HOH A O   1 
HETATM 1308 O  O   . HOH C 3 .   ? 6.688   6.968   -8.071  1.00 44.71 ? 656 HOH A O   1 
HETATM 1309 O  O   . HOH C 3 .   ? -13.351 -10.710 -2.529  1.00 51.23 ? 657 HOH A O   1 
HETATM 1310 O  O   . HOH C 3 .   ? -14.353 4.062   -9.600  1.00 40.73 ? 658 HOH A O   1 
HETATM 1311 O  O   . HOH C 3 .   ? -12.263 -7.692  7.606   1.00 29.15 ? 659 HOH A O   1 
HETATM 1312 O  O   . HOH C 3 .   ? 7.631   6.044   -2.631  1.00 59.72 ? 660 HOH A O   1 
HETATM 1313 O  O   . HOH C 3 .   ? -3.233  -2.290  9.983   1.00 26.32 ? 661 HOH A O   1 
HETATM 1314 O  O   . HOH C 3 .   ? 3.465   -11.418 1.019   1.00 33.09 ? 662 HOH A O   1 
HETATM 1315 O  O   . HOH C 3 .   ? -17.468 12.782  -3.461  1.00 30.17 ? 663 HOH A O   1 
HETATM 1316 O  O   . HOH C 3 .   ? 5.723   11.447  15.147  1.00 41.39 ? 664 HOH A O   1 
HETATM 1317 O  O   . HOH C 3 .   ? 5.809   4.211   -17.337 1.00 49.82 ? 665 HOH A O   1 
HETATM 1318 O  O   . HOH C 3 .   ? 1.886   3.020   17.555  1.00 46.57 ? 666 HOH A O   1 
HETATM 1319 O  O   . HOH C 3 .   ? -5.936  -2.877  8.730   1.00 21.35 ? 667 HOH A O   1 
HETATM 1320 O  O   . HOH C 3 .   ? 4.756   13.989  -4.693  1.00 49.76 ? 668 HOH A O   1 
HETATM 1321 O  O   . HOH C 3 .   ? -5.598  3.637   8.298   1.00 42.79 ? 669 HOH A O   1 
HETATM 1322 O  O   . HOH C 3 .   ? -4.749  10.414  2.611   1.00 21.21 ? 670 HOH A O   1 
HETATM 1323 O  O   . HOH C 3 .   ? -22.360 6.483   -9.340  1.00 52.07 ? 671 HOH A O   1 
HETATM 1324 O  O   . HOH C 3 .   ? -4.070  9.256   9.996   1.00 50.21 ? 672 HOH A O   1 
HETATM 1325 O  O   . HOH C 3 .   ? -12.173 -4.815  12.196  1.00 53.84 ? 673 HOH A O   1 
HETATM 1326 O  O   . HOH C 3 .   ? -1.613  -4.496  10.423  1.00 30.43 ? 674 HOH A O   1 
HETATM 1327 O  O   . HOH C 3 .   ? -9.506  13.295  -13.255 1.00 40.77 ? 675 HOH A O   1 
HETATM 1328 O  O   . HOH C 3 .   ? 3.623   16.190  13.827  1.00 69.86 ? 676 HOH A O   1 
HETATM 1329 O  O   . HOH C 3 .   ? 5.648   -10.636 -3.251  1.00 39.24 ? 677 HOH A O   1 
HETATM 1330 O  O   . HOH C 3 .   ? -3.458  -1.116  12.792  1.00 39.31 ? 678 HOH A O   1 
HETATM 1331 O  O   . HOH C 3 .   ? -8.688  5.227   6.882   1.00 44.07 ? 679 HOH A O   1 
HETATM 1332 O  O   . HOH C 3 .   ? -19.499 11.224  -5.420  1.00 30.38 ? 680 HOH A O   1 
HETATM 1333 O  O   . HOH C 3 .   ? -3.388  1.489   13.208  1.00 41.17 ? 681 HOH A O   1 
HETATM 1334 O  O   . HOH C 3 .   ? -20.668 10.521  -8.082  1.00 42.76 ? 682 HOH A O   1 
HETATM 1335 O  O   . HOH C 3 .   ? 1.408   13.411  12.042  1.00 41.61 ? 683 HOH A O   1 
HETATM 1336 O  O   . HOH C 3 .   ? -8.416  7.971   5.898   1.00 48.98 ? 684 HOH A O   1 
HETATM 1337 O  O   . HOH C 3 .   ? 1.273   -1.773  -19.577 1.00 46.76 ? 685 HOH A O   1 
HETATM 1338 O  O   . HOH C 3 .   ? -20.545 10.396  -10.790 1.00 44.10 ? 686 HOH A O   1 
HETATM 1339 O  O   . HOH C 3 .   ? -18.971 8.149   -18.444 1.00 45.35 ? 687 HOH A O   1 
HETATM 1340 O  O   . HOH C 3 .   ? -6.495  -5.044  10.424  1.00 31.13 ? 688 HOH A O   1 
HETATM 1341 O  O   . HOH C 3 .   ? -0.041  -8.867  9.904   1.00 33.37 ? 689 HOH A O   1 
HETATM 1342 O  O   . HOH C 3 .   ? 0.264   8.131   -20.535 1.00 38.76 ? 690 HOH A O   1 
HETATM 1343 O  O   . HOH C 3 .   ? -11.384 -6.845  10.379  1.00 38.80 ? 691 HOH A O   1 
HETATM 1344 O  O   . HOH C 3 .   ? -3.310  2.553   -22.129 1.00 36.71 ? 692 HOH A O   1 
# 
loop_
_pdbx_poly_seq_scheme.asym_id 
_pdbx_poly_seq_scheme.entity_id 
_pdbx_poly_seq_scheme.seq_id 
_pdbx_poly_seq_scheme.mon_id 
_pdbx_poly_seq_scheme.ndb_seq_num 
_pdbx_poly_seq_scheme.pdb_seq_num 
_pdbx_poly_seq_scheme.auth_seq_num 
_pdbx_poly_seq_scheme.pdb_mon_id 
_pdbx_poly_seq_scheme.auth_mon_id 
_pdbx_poly_seq_scheme.pdb_strand_id 
_pdbx_poly_seq_scheme.pdb_ins_code 
_pdbx_poly_seq_scheme.hetero 
A 1 1   GLY 1   -2  -2  GLY GLY A . n 
A 1 2   GLU 2   -1  -1  GLU GLU A . n 
A 1 3   PHE 3   0   0   PHE PHE A . n 
A 1 4   GLU 4   245 245 GLU GLU A . n 
A 1 5   LYS 5   246 246 LYS LYS A . n 
A 1 6   LEU 6   247 247 LEU LEU A . n 
A 1 7   GLU 7   248 248 GLU GLU A . n 
A 1 8   ALA 8   249 249 ALA ALA A . n 
A 1 9   LEU 9   250 250 LEU LEU A . n 
A 1 10  GLU 10  251 251 GLU GLU A . n 
A 1 11  GLN 11  252 252 GLN GLN A . n 
A 1 12  LEU 12  253 253 LEU LEU A . n 
A 1 13  GLN 13  254 254 GLN GLN A . n 
A 1 14  SER 14  255 255 SER SER A . n 
A 1 15  HIS 15  256 256 HIS HIS A . n 
A 1 16  ILE 16  257 257 ILE ILE A . n 
A 1 17  GLU 17  258 258 GLU GLU A . n 
A 1 18  GLY 18  259 259 GLY GLY A . n 
A 1 19  TRP 19  260 260 TRP TRP A . n 
A 1 20  GLU 20  261 261 GLU GLU A . n 
A 1 21  GLY 21  262 262 GLY GLY A . n 
A 1 22  SER 22  263 263 SER SER A . n 
A 1 23  ASN 23  264 264 ASN ASN A . n 
A 1 24  LEU 24  265 265 LEU LEU A . n 
A 1 25  THR 25  266 266 THR THR A . n 
A 1 26  ASP 26  267 267 ASP ASP A . n 
A 1 27  ILE 27  268 268 ILE ILE A . n 
A 1 28  CYS 28  269 269 CYS CYS A . n 
A 1 29  THR 29  270 270 THR THR A . n 
A 1 30  GLN 30  271 271 GLN GLN A . n 
A 1 31  LEU 31  272 272 LEU LEU A . n 
A 1 32  LEU 32  273 273 LEU LEU A . n 
A 1 33  LEU 33  274 274 LEU LEU A . n 
A 1 34  GLN 34  275 275 GLN GLN A . n 
A 1 35  GLY 35  276 276 GLY GLY A . n 
A 1 36  THR 36  277 277 THR THR A . n 
A 1 37  LEU 37  278 278 LEU LEU A . n 
A 1 38  LEU 38  279 279 LEU LEU A . n 
A 1 39  LYS 39  280 280 LYS LYS A . n 
A 1 40  ILE 40  281 281 ILE ILE A . n 
A 1 41  SER 41  282 282 SER SER A . n 
A 1 42  ALA 42  283 283 ALA ALA A . n 
A 1 43  GLY 43  284 284 GLY GLY A . n 
A 1 44  ASN 44  285 285 ASN ASN A . n 
A 1 45  ILE 45  286 286 ILE ILE A . n 
A 1 46  GLN 46  287 287 GLN GLN A . n 
A 1 47  GLU 47  288 288 GLU GLU A . n 
A 1 48  ARG 48  289 289 ARG ARG A . n 
A 1 49  ALA 49  290 290 ALA ALA A . n 
A 1 50  PHE 50  291 291 PHE PHE A . n 
A 1 51  PHE 51  292 292 PHE PHE A . n 
A 1 52  LEU 52  293 293 LEU LEU A . n 
A 1 53  PHE 53  294 294 PHE PHE A . n 
A 1 54  ASP 54  295 295 ASP ASP A . n 
A 1 55  ASN 55  296 296 ASN ASN A . n 
A 1 56  LEU 56  297 297 LEU LEU A . n 
A 1 57  LEU 57  298 298 LEU LEU A . n 
A 1 58  VAL 58  299 299 VAL VAL A . n 
A 1 59  TYR 59  300 300 TYR TYR A . n 
A 1 60  CYS 60  301 301 CYS CYS A . n 
A 1 61  LYS 61  302 302 LYS LYS A . n 
A 1 62  ARG 62  303 303 ARG ARG A . n 
A 1 63  LYS 63  304 304 LYS LYS A . n 
A 1 64  SER 64  305 305 SER SER A . n 
A 1 65  ARG 65  306 ?   ?   ?   A . n 
A 1 66  VAL 66  307 ?   ?   ?   A . n 
A 1 67  THR 67  308 ?   ?   ?   A . n 
A 1 68  GLY 68  309 ?   ?   ?   A . n 
A 1 69  SER 69  310 ?   ?   ?   A . n 
A 1 70  LYS 70  311 ?   ?   ?   A . n 
A 1 71  LYS 71  312 ?   ?   ?   A . n 
A 1 72  SER 72  313 ?   ?   ?   A . n 
A 1 73  THR 73  314 ?   ?   ?   A . n 
A 1 74  LYS 74  315 ?   ?   ?   A . n 
A 1 75  ARG 75  316 ?   ?   ?   A . n 
A 1 76  THR 76  317 ?   ?   ?   A . n 
A 1 77  LYS 77  318 318 LYS LYS A . n 
A 1 78  SER 78  319 319 SER SER A . n 
A 1 79  ILE 79  320 320 ILE ILE A . n 
A 1 80  ASN 80  321 321 ASN ASN A . n 
A 1 81  GLY 81  322 322 GLY GLY A . n 
A 1 82  SER 82  323 323 SER SER A . n 
A 1 83  LEU 83  324 324 LEU LEU A . n 
A 1 84  TYR 84  325 325 TYR TYR A . n 
A 1 85  ILE 85  326 326 ILE ILE A . n 
A 1 86  PHE 86  327 327 PHE PHE A . n 
A 1 87  ARG 87  328 328 ARG ARG A . n 
A 1 88  GLY 88  329 329 GLY GLY A . n 
A 1 89  ARG 89  330 330 ARG ARG A . n 
A 1 90  ILE 90  331 331 ILE ILE A . n 
A 1 91  ASN 91  332 332 ASN ASN A . n 
A 1 92  THR 92  333 333 THR THR A . n 
A 1 93  GLU 93  334 334 GLU GLU A . n 
A 1 94  VAL 94  335 335 VAL VAL A . n 
A 1 95  MET 95  336 336 MET MET A . n 
A 1 96  GLU 96  337 337 GLU GLU A . n 
A 1 97  VAL 97  338 338 VAL VAL A . n 
A 1 98  GLU 98  339 339 GLU GLU A . n 
A 1 99  ASN 99  340 340 ASN ASN A . n 
A 1 100 VAL 100 341 341 VAL VAL A . n 
A 1 101 GLU 101 342 342 GLU GLU A . n 
A 1 102 ASP 102 343 343 ASP ASP A . n 
A 1 103 GLY 103 344 344 GLY GLY A . n 
A 1 104 THR 104 345 345 THR THR A . n 
A 1 105 ALA 105 346 346 ALA ALA A . n 
A 1 106 ASP 106 347 347 ASP ASP A . n 
A 1 107 TYR 107 348 348 TYR TYR A . n 
A 1 108 HIS 108 349 349 HIS HIS A . n 
A 1 109 SER 109 350 350 SER SER A . n 
A 1 110 ASN 110 351 351 ASN ASN A . n 
A 1 111 GLY 111 352 352 GLY GLY A . n 
A 1 112 TYR 112 353 353 TYR TYR A . n 
A 1 113 THR 113 354 354 THR THR A . n 
A 1 114 VAL 114 355 355 VAL VAL A . n 
A 1 115 THR 115 356 356 THR THR A . n 
A 1 116 ASN 116 357 357 ASN ASN A . n 
A 1 117 GLY 117 358 358 GLY GLY A . n 
A 1 118 TRP 118 359 359 TRP TRP A . n 
A 1 119 LYS 119 360 360 LYS LYS A . n 
A 1 120 ILE 120 361 361 ILE ILE A . n 
A 1 121 HIS 121 362 362 HIS HIS A . n 
A 1 122 ASN 122 363 363 ASN ASN A . n 
A 1 123 THR 123 364 364 THR THR A . n 
A 1 124 ALA 124 365 365 ALA ALA A . n 
A 1 125 LYS 125 366 366 LYS LYS A . n 
A 1 126 ASN 126 367 367 ASN ASN A . n 
A 1 127 LYS 127 368 368 LYS LYS A . n 
A 1 128 TRP 128 369 369 TRP TRP A . n 
A 1 129 PHE 129 370 370 PHE PHE A . n 
A 1 130 VAL 130 371 371 VAL VAL A . n 
A 1 131 CYS 131 372 372 CYS CYS A . n 
A 1 132 MET 132 373 373 MET MET A . n 
A 1 133 ALA 133 374 374 ALA ALA A . n 
A 1 134 LYS 134 375 375 LYS LYS A . n 
A 1 135 THR 135 376 376 THR THR A . n 
A 1 136 ALA 136 377 377 ALA ALA A . n 
A 1 137 GLU 137 378 378 GLU GLU A . n 
A 1 138 GLU 138 379 379 GLU GLU A . n 
A 1 139 LYS 139 380 380 LYS LYS A . n 
A 1 140 GLN 140 381 381 GLN GLN A . n 
A 1 141 LYS 141 382 382 LYS LYS A . n 
A 1 142 TRP 142 383 383 TRP TRP A . n 
A 1 143 LEU 143 384 384 LEU LEU A . n 
A 1 144 ASP 144 385 385 ASP ASP A . n 
A 1 145 ALA 145 386 386 ALA ALA A . n 
A 1 146 ILE 146 387 387 ILE ILE A . n 
A 1 147 ILE 147 388 388 ILE ILE A . n 
A 1 148 ARG 148 389 389 ARG ARG A . n 
A 1 149 GLU 149 390 390 GLU GLU A . n 
A 1 150 ARG 150 391 391 ARG ARG A . n 
A 1 151 GLU 151 392 392 GLU GLU A . n 
A 1 152 GLN 152 393 393 GLN GLN A . n 
A 1 153 ARG 153 394 394 ARG ARG A . n 
A 1 154 GLU 154 395 395 GLU GLU A . n 
A 1 155 SER 155 396 396 SER SER A . n 
A 1 156 LEU 156 397 397 LEU LEU A . n 
A 1 157 LYS 157 398 398 LYS LYS A . n 
A 1 158 LEU 158 399 399 LEU LEU A . n 
A 1 159 GLY 159 400 400 GLY GLY A . n 
A 1 160 MET 160 401 401 MET MET A . n 
A 1 161 GLU 161 402 402 GLU GLU A . n 
A 1 162 ARG 162 403 403 ARG ARG A . n 
A 1 163 ASP 163 404 404 ASP ASP A . n 
A 1 164 ALA 164 405 405 ALA ALA A . n 
A 1 165 TYR 165 406 406 TYR TYR A . n 
A 1 166 VAL 166 407 407 VAL VAL A . n 
A 1 167 MET 167 408 ?   ?   ?   A . n 
# 
loop_
_pdbx_nonpoly_scheme.asym_id 
_pdbx_nonpoly_scheme.entity_id 
_pdbx_nonpoly_scheme.mon_id 
_pdbx_nonpoly_scheme.ndb_seq_num 
_pdbx_nonpoly_scheme.pdb_seq_num 
_pdbx_nonpoly_scheme.auth_seq_num 
_pdbx_nonpoly_scheme.pdb_mon_id 
_pdbx_nonpoly_scheme.auth_mon_id 
_pdbx_nonpoly_scheme.pdb_strand_id 
_pdbx_nonpoly_scheme.pdb_ins_code 
B 2 NI  1  501 1  NI  NI  A . 
C 3 HOH 1  601 41 HOH HOH A . 
C 3 HOH 2  602 81 HOH HOH A . 
C 3 HOH 3  603 78 HOH HOH A . 
C 3 HOH 4  604 23 HOH HOH A . 
C 3 HOH 5  605 47 HOH HOH A . 
C 3 HOH 6  606 27 HOH HOH A . 
C 3 HOH 7  607 42 HOH HOH A . 
C 3 HOH 8  608 58 HOH HOH A . 
C 3 HOH 9  609 11 HOH HOH A . 
C 3 HOH 10 610 16 HOH HOH A . 
C 3 HOH 11 611 24 HOH HOH A . 
C 3 HOH 12 612 76 HOH HOH A . 
C 3 HOH 13 613 32 HOH HOH A . 
C 3 HOH 14 614 57 HOH HOH A . 
C 3 HOH 15 615 31 HOH HOH A . 
C 3 HOH 16 616 70 HOH HOH A . 
C 3 HOH 17 617 40 HOH HOH A . 
C 3 HOH 18 618 20 HOH HOH A . 
C 3 HOH 19 619 28 HOH HOH A . 
C 3 HOH 20 620 67 HOH HOH A . 
C 3 HOH 21 621 34 HOH HOH A . 
C 3 HOH 22 622 64 HOH HOH A . 
C 3 HOH 23 623 38 HOH HOH A . 
C 3 HOH 24 624 29 HOH HOH A . 
C 3 HOH 25 625 39 HOH HOH A . 
C 3 HOH 26 626 6  HOH HOH A . 
C 3 HOH 27 627 8  HOH HOH A . 
C 3 HOH 28 628 73 HOH HOH A . 
C 3 HOH 29 629 45 HOH HOH A . 
C 3 HOH 30 630 10 HOH HOH A . 
C 3 HOH 31 631 15 HOH HOH A . 
C 3 HOH 32 632 17 HOH HOH A . 
C 3 HOH 33 633 59 HOH HOH A . 
C 3 HOH 34 634 68 HOH HOH A . 
C 3 HOH 35 635 37 HOH HOH A . 
C 3 HOH 36 636 26 HOH HOH A . 
C 3 HOH 37 637 91 HOH HOH A . 
C 3 HOH 38 638 72 HOH HOH A . 
C 3 HOH 39 639 12 HOH HOH A . 
C 3 HOH 40 640 25 HOH HOH A . 
C 3 HOH 41 641 77 HOH HOH A . 
C 3 HOH 42 642 66 HOH HOH A . 
C 3 HOH 43 643 71 HOH HOH A . 
C 3 HOH 44 644 55 HOH HOH A . 
C 3 HOH 45 645 18 HOH HOH A . 
C 3 HOH 46 646 3  HOH HOH A . 
C 3 HOH 47 647 35 HOH HOH A . 
C 3 HOH 48 648 69 HOH HOH A . 
C 3 HOH 49 649 65 HOH HOH A . 
C 3 HOH 50 650 56 HOH HOH A . 
C 3 HOH 51 651 30 HOH HOH A . 
C 3 HOH 52 652 43 HOH HOH A . 
C 3 HOH 53 653 82 HOH HOH A . 
C 3 HOH 54 654 21 HOH HOH A . 
C 3 HOH 55 655 1  HOH HOH A . 
C 3 HOH 56 656 61 HOH HOH A . 
C 3 HOH 57 657 54 HOH HOH A . 
C 3 HOH 58 658 80 HOH HOH A . 
C 3 HOH 59 659 48 HOH HOH A . 
C 3 HOH 60 660 62 HOH HOH A . 
C 3 HOH 61 661 7  HOH HOH A . 
C 3 HOH 62 662 14 HOH HOH A . 
C 3 HOH 63 663 44 HOH HOH A . 
C 3 HOH 64 664 60 HOH HOH A . 
C 3 HOH 65 665 33 HOH HOH A . 
C 3 HOH 66 666 92 HOH HOH A . 
C 3 HOH 67 667 5  HOH HOH A . 
C 3 HOH 68 668 46 HOH HOH A . 
C 3 HOH 69 669 13 HOH HOH A . 
C 3 HOH 70 670 2  HOH HOH A . 
C 3 HOH 71 671 87 HOH HOH A . 
C 3 HOH 72 672 22 HOH HOH A . 
C 3 HOH 73 673 93 HOH HOH A . 
C 3 HOH 74 674 4  HOH HOH A . 
C 3 HOH 75 675 19 HOH HOH A . 
C 3 HOH 76 676 88 HOH HOH A . 
C 3 HOH 77 677 84 HOH HOH A . 
C 3 HOH 78 678 75 HOH HOH A . 
C 3 HOH 79 679 36 HOH HOH A . 
C 3 HOH 80 680 53 HOH HOH A . 
C 3 HOH 81 681 74 HOH HOH A . 
C 3 HOH 82 682 49 HOH HOH A . 
C 3 HOH 83 683 85 HOH HOH A . 
C 3 HOH 84 684 86 HOH HOH A . 
C 3 HOH 85 685 94 HOH HOH A . 
C 3 HOH 86 686 63 HOH HOH A . 
C 3 HOH 87 687 51 HOH HOH A . 
C 3 HOH 88 688 9  HOH HOH A . 
C 3 HOH 89 689 50 HOH HOH A . 
C 3 HOH 90 690 83 HOH HOH A . 
C 3 HOH 91 691 79 HOH HOH A . 
C 3 HOH 92 692 52 HOH HOH A . 
# 
_pdbx_struct_assembly.id                   1 
_pdbx_struct_assembly.details              author_and_software_defined_assembly 
_pdbx_struct_assembly.method_details       PISA 
_pdbx_struct_assembly.oligomeric_details   monomeric 
_pdbx_struct_assembly.oligomeric_count     1 
# 
_pdbx_struct_assembly_gen.assembly_id       1 
_pdbx_struct_assembly_gen.oper_expression   1 
_pdbx_struct_assembly_gen.asym_id_list      A,B,C 
# 
_pdbx_struct_oper_list.id                   1 
_pdbx_struct_oper_list.type                 'identity operation' 
_pdbx_struct_oper_list.name                 1_555 
_pdbx_struct_oper_list.symmetry_operation   x,y,z 
_pdbx_struct_oper_list.matrix[1][1]         1.0000000000 
_pdbx_struct_oper_list.matrix[1][2]         0.0000000000 
_pdbx_struct_oper_list.matrix[1][3]         0.0000000000 
_pdbx_struct_oper_list.vector[1]            0.0000000000 
_pdbx_struct_oper_list.matrix[2][1]         0.0000000000 
_pdbx_struct_oper_list.matrix[2][2]         1.0000000000 
_pdbx_struct_oper_list.matrix[2][3]         0.0000000000 
_pdbx_struct_oper_list.vector[2]            0.0000000000 
_pdbx_struct_oper_list.matrix[3][1]         0.0000000000 
_pdbx_struct_oper_list.matrix[3][2]         0.0000000000 
_pdbx_struct_oper_list.matrix[3][3]         1.0000000000 
_pdbx_struct_oper_list.vector[3]            0.0000000000 
# 
_pdbx_struct_special_symmetry.id              1 
_pdbx_struct_special_symmetry.PDB_model_num   1 
_pdbx_struct_special_symmetry.auth_asym_id    A 
_pdbx_struct_special_symmetry.auth_comp_id    NI 
_pdbx_struct_special_symmetry.auth_seq_id     501 
_pdbx_struct_special_symmetry.PDB_ins_code    ? 
_pdbx_struct_special_symmetry.label_asym_id   B 
_pdbx_struct_special_symmetry.label_comp_id   NI 
_pdbx_struct_special_symmetry.label_seq_id    . 
# 
loop_
_pdbx_struct_conn_angle.id 
_pdbx_struct_conn_angle.ptnr1_label_atom_id 
_pdbx_struct_conn_angle.ptnr1_label_alt_id 
_pdbx_struct_conn_angle.ptnr1_label_asym_id 
_pdbx_struct_conn_angle.ptnr1_label_comp_id 
_pdbx_struct_conn_angle.ptnr1_label_seq_id 
_pdbx_struct_conn_angle.ptnr1_auth_atom_id 
_pdbx_struct_conn_angle.ptnr1_auth_asym_id 
_pdbx_struct_conn_angle.ptnr1_auth_comp_id 
_pdbx_struct_conn_angle.ptnr1_auth_seq_id 
_pdbx_struct_conn_angle.ptnr1_PDB_ins_code 
_pdbx_struct_conn_angle.ptnr1_symmetry 
_pdbx_struct_conn_angle.ptnr2_label_atom_id 
_pdbx_struct_conn_angle.ptnr2_label_alt_id 
_pdbx_struct_conn_angle.ptnr2_label_asym_id 
_pdbx_struct_conn_angle.ptnr2_label_comp_id 
_pdbx_struct_conn_angle.ptnr2_label_seq_id 
_pdbx_struct_conn_angle.ptnr2_auth_atom_id 
_pdbx_struct_conn_angle.ptnr2_auth_asym_id 
_pdbx_struct_conn_angle.ptnr2_auth_comp_id 
_pdbx_struct_conn_angle.ptnr2_auth_seq_id 
_pdbx_struct_conn_angle.ptnr2_PDB_ins_code 
_pdbx_struct_conn_angle.ptnr2_symmetry 
_pdbx_struct_conn_angle.ptnr3_label_atom_id 
_pdbx_struct_conn_angle.ptnr3_label_alt_id 
_pdbx_struct_conn_angle.ptnr3_label_asym_id 
_pdbx_struct_conn_angle.ptnr3_label_comp_id 
_pdbx_struct_conn_angle.ptnr3_label_seq_id 
_pdbx_struct_conn_angle.ptnr3_auth_atom_id 
_pdbx_struct_conn_angle.ptnr3_auth_asym_id 
_pdbx_struct_conn_angle.ptnr3_auth_comp_id 
_pdbx_struct_conn_angle.ptnr3_auth_seq_id 
_pdbx_struct_conn_angle.ptnr3_PDB_ins_code 
_pdbx_struct_conn_angle.ptnr3_symmetry 
_pdbx_struct_conn_angle.value 
_pdbx_struct_conn_angle.value_esd 
1 NE2 ? A HIS 108 ? A HIS 349 ? 1_555 NI ? B NI . ? A NI 501 ? 1_555 NE2 ? A HIS 108 ? A HIS 349 ? 1_555 0.0  ? 
2 NE2 ? A HIS 108 ? A HIS 349 ? 1_555 NI ? B NI . ? A NI 501 ? 1_555 NE2 ? A HIS 121 ? A HIS 362 ? 1_555 95.4 ? 
3 NE2 ? A HIS 108 ? A HIS 349 ? 1_555 NI ? B NI . ? A NI 501 ? 1_555 NE2 ? A HIS 121 ? A HIS 362 ? 1_555 95.4 ? 
4 NE2 ? A HIS 108 ? A HIS 349 ? 1_555 NI ? B NI . ? A NI 501 ? 1_555 NE2 ? A HIS 121 ? A HIS 362 ? 1_555 95.4 ? 
5 NE2 ? A HIS 108 ? A HIS 349 ? 1_555 NI ? B NI . ? A NI 501 ? 1_555 NE2 ? A HIS 121 ? A HIS 362 ? 1_555 95.4 ? 
6 NE2 ? A HIS 121 ? A HIS 362 ? 1_555 NI ? B NI . ? A NI 501 ? 1_555 NE2 ? A HIS 121 ? A HIS 362 ? 1_555 0.0  ? 
# 
loop_
_pdbx_audit_revision_history.ordinal 
_pdbx_audit_revision_history.data_content_type 
_pdbx_audit_revision_history.major_revision 
_pdbx_audit_revision_history.minor_revision 
_pdbx_audit_revision_history.revision_date 
1 'Structure model' 1 0 2016-04-20 
2 'Structure model' 1 1 2016-04-27 
3 'Structure model' 1 2 2016-05-18 
4 'Structure model' 1 3 2017-09-20 
5 'Structure model' 1 4 2019-12-04 
6 'Structure model' 1 5 2023-09-27 
# 
_pdbx_audit_revision_details.ordinal             1 
_pdbx_audit_revision_details.revision_ordinal    1 
_pdbx_audit_revision_details.data_content_type   'Structure model' 
_pdbx_audit_revision_details.provider            repository 
_pdbx_audit_revision_details.type                'Initial release' 
_pdbx_audit_revision_details.description         ? 
_pdbx_audit_revision_details.details             ? 
# 
loop_
_pdbx_audit_revision_group.ordinal 
_pdbx_audit_revision_group.revision_ordinal 
_pdbx_audit_revision_group.data_content_type 
_pdbx_audit_revision_group.group 
1  2 'Structure model' 'Database references'        
2  3 'Structure model' 'Database references'        
3  4 'Structure model' 'Author supporting evidence' 
4  4 'Structure model' 'Database references'        
5  4 'Structure model' 'Derived calculations'       
6  4 'Structure model' 'Refinement description'     
7  5 'Structure model' 'Author supporting evidence' 
8  6 'Structure model' 'Data collection'            
9  6 'Structure model' 'Database references'        
10 6 'Structure model' 'Derived calculations'       
11 6 'Structure model' 'Refinement description'     
# 
loop_
_pdbx_audit_revision_category.ordinal 
_pdbx_audit_revision_category.revision_ordinal 
_pdbx_audit_revision_category.data_content_type 
_pdbx_audit_revision_category.category 
1  4 'Structure model' citation                      
2  4 'Structure model' pdbx_audit_support            
3  4 'Structure model' pdbx_struct_oper_list         
4  4 'Structure model' software                      
5  5 'Structure model' pdbx_audit_support            
6  6 'Structure model' chem_comp_atom                
7  6 'Structure model' chem_comp_bond                
8  6 'Structure model' database_2                    
9  6 'Structure model' diffrn_radiation_wavelength   
10 6 'Structure model' pdbx_initial_refinement_model 
11 6 'Structure model' pdbx_struct_conn_angle        
12 6 'Structure model' struct_conn                   
# 
loop_
_pdbx_audit_revision_item.ordinal 
_pdbx_audit_revision_item.revision_ordinal 
_pdbx_audit_revision_item.data_content_type 
_pdbx_audit_revision_item.item 
1  4 'Structure model' '_citation.journal_id_CSD'                   
2  4 'Structure model' '_pdbx_audit_support.funding_organization'   
3  4 'Structure model' '_pdbx_struct_oper_list.symmetry_operation'  
4  4 'Structure model' '_software.classification'                   
5  5 'Structure model' '_pdbx_audit_support.funding_organization'   
6  6 'Structure model' '_database_2.pdbx_DOI'                       
7  6 'Structure model' '_database_2.pdbx_database_accession'        
8  6 'Structure model' '_pdbx_struct_conn_angle.ptnr1_auth_seq_id'  
9  6 'Structure model' '_pdbx_struct_conn_angle.ptnr1_label_seq_id' 
10 6 'Structure model' '_pdbx_struct_conn_angle.ptnr3_auth_seq_id'  
11 6 'Structure model' '_pdbx_struct_conn_angle.ptnr3_label_seq_id' 
12 6 'Structure model' '_pdbx_struct_conn_angle.value'              
13 6 'Structure model' '_struct_conn.pdbx_dist_value'               
14 6 'Structure model' '_struct_conn.ptnr1_auth_seq_id'             
15 6 'Structure model' '_struct_conn.ptnr1_label_seq_id'            
16 6 'Structure model' '_struct_conn.ptnr2_symmetry'                
# 
_phasing.method   MR 
# 
loop_
_software.citation_id 
_software.classification 
_software.compiler_name 
_software.compiler_version 
_software.contact_author 
_software.contact_author_email 
_software.date 
_software.description 
_software.dependencies 
_software.hardware 
_software.language 
_software.location 
_software.mods 
_software.name 
_software.os 
_software.os_version 
_software.type 
_software.version 
_software.pdbx_ordinal 
? 'data scaling'    ? ? ? ? ? ? ? ? ? ? ? HKL-2000    ? ? ? .     1 
? 'data reduction'  ? ? ? ? ? ? ? ? ? ? ? HKL-2000    ? ? ? .     2 
? 'data scaling'    ? ? ? ? ? ? ? ? ? ? ? SCALEPACK   ? ? ? .     3 
? phasing           ? ? ? ? ? ? ? ? ? ? ? PHASER      ? ? ? 2.5.2 4 
? refinement        ? ? ? ? ? ? ? ? ? ? ? REFMAC      ? ? ? .     5 
? 'model building'  ? ? ? ? ? ? ? ? ? ? ? Coot        ? ? ? .     6 
? 'data extraction' ? ? ? ? ? ? ? ? ? ? ? PDB_EXTRACT ? ? ? 3.15  7 
# 
_pdbx_validate_torsion.id              1 
_pdbx_validate_torsion.PDB_model_num   1 
_pdbx_validate_torsion.auth_comp_id    ASN 
_pdbx_validate_torsion.auth_asym_id    A 
_pdbx_validate_torsion.auth_seq_id     296 
_pdbx_validate_torsion.PDB_ins_code    ? 
_pdbx_validate_torsion.label_alt_id    ? 
_pdbx_validate_torsion.phi             77.14 
_pdbx_validate_torsion.psi             -3.13 
# 
loop_
_pdbx_unobs_or_zero_occ_residues.id 
_pdbx_unobs_or_zero_occ_residues.PDB_model_num 
_pdbx_unobs_or_zero_occ_residues.polymer_flag 
_pdbx_unobs_or_zero_occ_residues.occupancy_flag 
_pdbx_unobs_or_zero_occ_residues.auth_asym_id 
_pdbx_unobs_or_zero_occ_residues.auth_comp_id 
_pdbx_unobs_or_zero_occ_residues.auth_seq_id 
_pdbx_unobs_or_zero_occ_residues.PDB_ins_code 
_pdbx_unobs_or_zero_occ_residues.label_asym_id 
_pdbx_unobs_or_zero_occ_residues.label_comp_id 
_pdbx_unobs_or_zero_occ_residues.label_seq_id 
1  1 Y 1 A ARG 306 ? A ARG 65  
2  1 Y 1 A VAL 307 ? A VAL 66  
3  1 Y 1 A THR 308 ? A THR 67  
4  1 Y 1 A GLY 309 ? A GLY 68  
5  1 Y 1 A SER 310 ? A SER 69  
6  1 Y 1 A LYS 311 ? A LYS 70  
7  1 Y 1 A LYS 312 ? A LYS 71  
8  1 Y 1 A SER 313 ? A SER 72  
9  1 Y 1 A THR 314 ? A THR 73  
10 1 Y 1 A LYS 315 ? A LYS 74  
11 1 Y 1 A ARG 316 ? A ARG 75  
12 1 Y 1 A THR 317 ? A THR 76  
13 1 Y 1 A MET 408 ? A MET 167 
# 
loop_
_chem_comp_atom.comp_id 
_chem_comp_atom.atom_id 
_chem_comp_atom.type_symbol 
_chem_comp_atom.pdbx_aromatic_flag 
_chem_comp_atom.pdbx_stereo_config 
_chem_comp_atom.pdbx_ordinal 
ALA N    N  N N 1   
ALA CA   C  N S 2   
ALA C    C  N N 3   
ALA O    O  N N 4   
ALA CB   C  N N 5   
ALA OXT  O  N N 6   
ALA H    H  N N 7   
ALA H2   H  N N 8   
ALA HA   H  N N 9   
ALA HB1  H  N N 10  
ALA HB2  H  N N 11  
ALA HB3  H  N N 12  
ALA HXT  H  N N 13  
ARG N    N  N N 14  
ARG CA   C  N S 15  
ARG C    C  N N 16  
ARG O    O  N N 17  
ARG CB   C  N N 18  
ARG CG   C  N N 19  
ARG CD   C  N N 20  
ARG NE   N  N N 21  
ARG CZ   C  N N 22  
ARG NH1  N  N N 23  
ARG NH2  N  N N 24  
ARG OXT  O  N N 25  
ARG H    H  N N 26  
ARG H2   H  N N 27  
ARG HA   H  N N 28  
ARG HB2  H  N N 29  
ARG HB3  H  N N 30  
ARG HG2  H  N N 31  
ARG HG3  H  N N 32  
ARG HD2  H  N N 33  
ARG HD3  H  N N 34  
ARG HE   H  N N 35  
ARG HH11 H  N N 36  
ARG HH12 H  N N 37  
ARG HH21 H  N N 38  
ARG HH22 H  N N 39  
ARG HXT  H  N N 40  
ASN N    N  N N 41  
ASN CA   C  N S 42  
ASN C    C  N N 43  
ASN O    O  N N 44  
ASN CB   C  N N 45  
ASN CG   C  N N 46  
ASN OD1  O  N N 47  
ASN ND2  N  N N 48  
ASN OXT  O  N N 49  
ASN H    H  N N 50  
ASN H2   H  N N 51  
ASN HA   H  N N 52  
ASN HB2  H  N N 53  
ASN HB3  H  N N 54  
ASN HD21 H  N N 55  
ASN HD22 H  N N 56  
ASN HXT  H  N N 57  
ASP N    N  N N 58  
ASP CA   C  N S 59  
ASP C    C  N N 60  
ASP O    O  N N 61  
ASP CB   C  N N 62  
ASP CG   C  N N 63  
ASP OD1  O  N N 64  
ASP OD2  O  N N 65  
ASP OXT  O  N N 66  
ASP H    H  N N 67  
ASP H2   H  N N 68  
ASP HA   H  N N 69  
ASP HB2  H  N N 70  
ASP HB3  H  N N 71  
ASP HD2  H  N N 72  
ASP HXT  H  N N 73  
CYS N    N  N N 74  
CYS CA   C  N R 75  
CYS C    C  N N 76  
CYS O    O  N N 77  
CYS CB   C  N N 78  
CYS SG   S  N N 79  
CYS OXT  O  N N 80  
CYS H    H  N N 81  
CYS H2   H  N N 82  
CYS HA   H  N N 83  
CYS HB2  H  N N 84  
CYS HB3  H  N N 85  
CYS HG   H  N N 86  
CYS HXT  H  N N 87  
GLN N    N  N N 88  
GLN CA   C  N S 89  
GLN C    C  N N 90  
GLN O    O  N N 91  
GLN CB   C  N N 92  
GLN CG   C  N N 93  
GLN CD   C  N N 94  
GLN OE1  O  N N 95  
GLN NE2  N  N N 96  
GLN OXT  O  N N 97  
GLN H    H  N N 98  
GLN H2   H  N N 99  
GLN HA   H  N N 100 
GLN HB2  H  N N 101 
GLN HB3  H  N N 102 
GLN HG2  H  N N 103 
GLN HG3  H  N N 104 
GLN HE21 H  N N 105 
GLN HE22 H  N N 106 
GLN HXT  H  N N 107 
GLU N    N  N N 108 
GLU CA   C  N S 109 
GLU C    C  N N 110 
GLU O    O  N N 111 
GLU CB   C  N N 112 
GLU CG   C  N N 113 
GLU CD   C  N N 114 
GLU OE1  O  N N 115 
GLU OE2  O  N N 116 
GLU OXT  O  N N 117 
GLU H    H  N N 118 
GLU H2   H  N N 119 
GLU HA   H  N N 120 
GLU HB2  H  N N 121 
GLU HB3  H  N N 122 
GLU HG2  H  N N 123 
GLU HG3  H  N N 124 
GLU HE2  H  N N 125 
GLU HXT  H  N N 126 
GLY N    N  N N 127 
GLY CA   C  N N 128 
GLY C    C  N N 129 
GLY O    O  N N 130 
GLY OXT  O  N N 131 
GLY H    H  N N 132 
GLY H2   H  N N 133 
GLY HA2  H  N N 134 
GLY HA3  H  N N 135 
GLY HXT  H  N N 136 
HIS N    N  N N 137 
HIS CA   C  N S 138 
HIS C    C  N N 139 
HIS O    O  N N 140 
HIS CB   C  N N 141 
HIS CG   C  Y N 142 
HIS ND1  N  Y N 143 
HIS CD2  C  Y N 144 
HIS CE1  C  Y N 145 
HIS NE2  N  Y N 146 
HIS OXT  O  N N 147 
HIS H    H  N N 148 
HIS H2   H  N N 149 
HIS HA   H  N N 150 
HIS HB2  H  N N 151 
HIS HB3  H  N N 152 
HIS HD1  H  N N 153 
HIS HD2  H  N N 154 
HIS HE1  H  N N 155 
HIS HE2  H  N N 156 
HIS HXT  H  N N 157 
HOH O    O  N N 158 
HOH H1   H  N N 159 
HOH H2   H  N N 160 
ILE N    N  N N 161 
ILE CA   C  N S 162 
ILE C    C  N N 163 
ILE O    O  N N 164 
ILE CB   C  N S 165 
ILE CG1  C  N N 166 
ILE CG2  C  N N 167 
ILE CD1  C  N N 168 
ILE OXT  O  N N 169 
ILE H    H  N N 170 
ILE H2   H  N N 171 
ILE HA   H  N N 172 
ILE HB   H  N N 173 
ILE HG12 H  N N 174 
ILE HG13 H  N N 175 
ILE HG21 H  N N 176 
ILE HG22 H  N N 177 
ILE HG23 H  N N 178 
ILE HD11 H  N N 179 
ILE HD12 H  N N 180 
ILE HD13 H  N N 181 
ILE HXT  H  N N 182 
LEU N    N  N N 183 
LEU CA   C  N S 184 
LEU C    C  N N 185 
LEU O    O  N N 186 
LEU CB   C  N N 187 
LEU CG   C  N N 188 
LEU CD1  C  N N 189 
LEU CD2  C  N N 190 
LEU OXT  O  N N 191 
LEU H    H  N N 192 
LEU H2   H  N N 193 
LEU HA   H  N N 194 
LEU HB2  H  N N 195 
LEU HB3  H  N N 196 
LEU HG   H  N N 197 
LEU HD11 H  N N 198 
LEU HD12 H  N N 199 
LEU HD13 H  N N 200 
LEU HD21 H  N N 201 
LEU HD22 H  N N 202 
LEU HD23 H  N N 203 
LEU HXT  H  N N 204 
LYS N    N  N N 205 
LYS CA   C  N S 206 
LYS C    C  N N 207 
LYS O    O  N N 208 
LYS CB   C  N N 209 
LYS CG   C  N N 210 
LYS CD   C  N N 211 
LYS CE   C  N N 212 
LYS NZ   N  N N 213 
LYS OXT  O  N N 214 
LYS H    H  N N 215 
LYS H2   H  N N 216 
LYS HA   H  N N 217 
LYS HB2  H  N N 218 
LYS HB3  H  N N 219 
LYS HG2  H  N N 220 
LYS HG3  H  N N 221 
LYS HD2  H  N N 222 
LYS HD3  H  N N 223 
LYS HE2  H  N N 224 
LYS HE3  H  N N 225 
LYS HZ1  H  N N 226 
LYS HZ2  H  N N 227 
LYS HZ3  H  N N 228 
LYS HXT  H  N N 229 
MET N    N  N N 230 
MET CA   C  N S 231 
MET C    C  N N 232 
MET O    O  N N 233 
MET CB   C  N N 234 
MET CG   C  N N 235 
MET SD   S  N N 236 
MET CE   C  N N 237 
MET OXT  O  N N 238 
MET H    H  N N 239 
MET H2   H  N N 240 
MET HA   H  N N 241 
MET HB2  H  N N 242 
MET HB3  H  N N 243 
MET HG2  H  N N 244 
MET HG3  H  N N 245 
MET HE1  H  N N 246 
MET HE2  H  N N 247 
MET HE3  H  N N 248 
MET HXT  H  N N 249 
NI  NI   NI N N 250 
PHE N    N  N N 251 
PHE CA   C  N S 252 
PHE C    C  N N 253 
PHE O    O  N N 254 
PHE CB   C  N N 255 
PHE CG   C  Y N 256 
PHE CD1  C  Y N 257 
PHE CD2  C  Y N 258 
PHE CE1  C  Y N 259 
PHE CE2  C  Y N 260 
PHE CZ   C  Y N 261 
PHE OXT  O  N N 262 
PHE H    H  N N 263 
PHE H2   H  N N 264 
PHE HA   H  N N 265 
PHE HB2  H  N N 266 
PHE HB3  H  N N 267 
PHE HD1  H  N N 268 
PHE HD2  H  N N 269 
PHE HE1  H  N N 270 
PHE HE2  H  N N 271 
PHE HZ   H  N N 272 
PHE HXT  H  N N 273 
SER N    N  N N 274 
SER CA   C  N S 275 
SER C    C  N N 276 
SER O    O  N N 277 
SER CB   C  N N 278 
SER OG   O  N N 279 
SER OXT  O  N N 280 
SER H    H  N N 281 
SER H2   H  N N 282 
SER HA   H  N N 283 
SER HB2  H  N N 284 
SER HB3  H  N N 285 
SER HG   H  N N 286 
SER HXT  H  N N 287 
THR N    N  N N 288 
THR CA   C  N S 289 
THR C    C  N N 290 
THR O    O  N N 291 
THR CB   C  N R 292 
THR OG1  O  N N 293 
THR CG2  C  N N 294 
THR OXT  O  N N 295 
THR H    H  N N 296 
THR H2   H  N N 297 
THR HA   H  N N 298 
THR HB   H  N N 299 
THR HG1  H  N N 300 
THR HG21 H  N N 301 
THR HG22 H  N N 302 
THR HG23 H  N N 303 
THR HXT  H  N N 304 
TRP N    N  N N 305 
TRP CA   C  N S 306 
TRP C    C  N N 307 
TRP O    O  N N 308 
TRP CB   C  N N 309 
TRP CG   C  Y N 310 
TRP CD1  C  Y N 311 
TRP CD2  C  Y N 312 
TRP NE1  N  Y N 313 
TRP CE2  C  Y N 314 
TRP CE3  C  Y N 315 
TRP CZ2  C  Y N 316 
TRP CZ3  C  Y N 317 
TRP CH2  C  Y N 318 
TRP OXT  O  N N 319 
TRP H    H  N N 320 
TRP H2   H  N N 321 
TRP HA   H  N N 322 
TRP HB2  H  N N 323 
TRP HB3  H  N N 324 
TRP HD1  H  N N 325 
TRP HE1  H  N N 326 
TRP HE3  H  N N 327 
TRP HZ2  H  N N 328 
TRP HZ3  H  N N 329 
TRP HH2  H  N N 330 
TRP HXT  H  N N 331 
TYR N    N  N N 332 
TYR CA   C  N S 333 
TYR C    C  N N 334 
TYR O    O  N N 335 
TYR CB   C  N N 336 
TYR CG   C  Y N 337 
TYR CD1  C  Y N 338 
TYR CD2  C  Y N 339 
TYR CE1  C  Y N 340 
TYR CE2  C  Y N 341 
TYR CZ   C  Y N 342 
TYR OH   O  N N 343 
TYR OXT  O  N N 344 
TYR H    H  N N 345 
TYR H2   H  N N 346 
TYR HA   H  N N 347 
TYR HB2  H  N N 348 
TYR HB3  H  N N 349 
TYR HD1  H  N N 350 
TYR HD2  H  N N 351 
TYR HE1  H  N N 352 
TYR HE2  H  N N 353 
TYR HH   H  N N 354 
TYR HXT  H  N N 355 
VAL N    N  N N 356 
VAL CA   C  N S 357 
VAL C    C  N N 358 
VAL O    O  N N 359 
VAL CB   C  N N 360 
VAL CG1  C  N N 361 
VAL CG2  C  N N 362 
VAL OXT  O  N N 363 
VAL H    H  N N 364 
VAL H2   H  N N 365 
VAL HA   H  N N 366 
VAL HB   H  N N 367 
VAL HG11 H  N N 368 
VAL HG12 H  N N 369 
VAL HG13 H  N N 370 
VAL HG21 H  N N 371 
VAL HG22 H  N N 372 
VAL HG23 H  N N 373 
VAL HXT  H  N N 374 
# 
loop_
_chem_comp_bond.comp_id 
_chem_comp_bond.atom_id_1 
_chem_comp_bond.atom_id_2 
_chem_comp_bond.value_order 
_chem_comp_bond.pdbx_aromatic_flag 
_chem_comp_bond.pdbx_stereo_config 
_chem_comp_bond.pdbx_ordinal 
ALA N   CA   sing N N 1   
ALA N   H    sing N N 2   
ALA N   H2   sing N N 3   
ALA CA  C    sing N N 4   
ALA CA  CB   sing N N 5   
ALA CA  HA   sing N N 6   
ALA C   O    doub N N 7   
ALA C   OXT  sing N N 8   
ALA CB  HB1  sing N N 9   
ALA CB  HB2  sing N N 10  
ALA CB  HB3  sing N N 11  
ALA OXT HXT  sing N N 12  
ARG N   CA   sing N N 13  
ARG N   H    sing N N 14  
ARG N   H2   sing N N 15  
ARG CA  C    sing N N 16  
ARG CA  CB   sing N N 17  
ARG CA  HA   sing N N 18  
ARG C   O    doub N N 19  
ARG C   OXT  sing N N 20  
ARG CB  CG   sing N N 21  
ARG CB  HB2  sing N N 22  
ARG CB  HB3  sing N N 23  
ARG CG  CD   sing N N 24  
ARG CG  HG2  sing N N 25  
ARG CG  HG3  sing N N 26  
ARG CD  NE   sing N N 27  
ARG CD  HD2  sing N N 28  
ARG CD  HD3  sing N N 29  
ARG NE  CZ   sing N N 30  
ARG NE  HE   sing N N 31  
ARG CZ  NH1  sing N N 32  
ARG CZ  NH2  doub N N 33  
ARG NH1 HH11 sing N N 34  
ARG NH1 HH12 sing N N 35  
ARG NH2 HH21 sing N N 36  
ARG NH2 HH22 sing N N 37  
ARG OXT HXT  sing N N 38  
ASN N   CA   sing N N 39  
ASN N   H    sing N N 40  
ASN N   H2   sing N N 41  
ASN CA  C    sing N N 42  
ASN CA  CB   sing N N 43  
ASN CA  HA   sing N N 44  
ASN C   O    doub N N 45  
ASN C   OXT  sing N N 46  
ASN CB  CG   sing N N 47  
ASN CB  HB2  sing N N 48  
ASN CB  HB3  sing N N 49  
ASN CG  OD1  doub N N 50  
ASN CG  ND2  sing N N 51  
ASN ND2 HD21 sing N N 52  
ASN ND2 HD22 sing N N 53  
ASN OXT HXT  sing N N 54  
ASP N   CA   sing N N 55  
ASP N   H    sing N N 56  
ASP N   H2   sing N N 57  
ASP CA  C    sing N N 58  
ASP CA  CB   sing N N 59  
ASP CA  HA   sing N N 60  
ASP C   O    doub N N 61  
ASP C   OXT  sing N N 62  
ASP CB  CG   sing N N 63  
ASP CB  HB2  sing N N 64  
ASP CB  HB3  sing N N 65  
ASP CG  OD1  doub N N 66  
ASP CG  OD2  sing N N 67  
ASP OD2 HD2  sing N N 68  
ASP OXT HXT  sing N N 69  
CYS N   CA   sing N N 70  
CYS N   H    sing N N 71  
CYS N   H2   sing N N 72  
CYS CA  C    sing N N 73  
CYS CA  CB   sing N N 74  
CYS CA  HA   sing N N 75  
CYS C   O    doub N N 76  
CYS C   OXT  sing N N 77  
CYS CB  SG   sing N N 78  
CYS CB  HB2  sing N N 79  
CYS CB  HB3  sing N N 80  
CYS SG  HG   sing N N 81  
CYS OXT HXT  sing N N 82  
GLN N   CA   sing N N 83  
GLN N   H    sing N N 84  
GLN N   H2   sing N N 85  
GLN CA  C    sing N N 86  
GLN CA  CB   sing N N 87  
GLN CA  HA   sing N N 88  
GLN C   O    doub N N 89  
GLN C   OXT  sing N N 90  
GLN CB  CG   sing N N 91  
GLN CB  HB2  sing N N 92  
GLN CB  HB3  sing N N 93  
GLN CG  CD   sing N N 94  
GLN CG  HG2  sing N N 95  
GLN CG  HG3  sing N N 96  
GLN CD  OE1  doub N N 97  
GLN CD  NE2  sing N N 98  
GLN NE2 HE21 sing N N 99  
GLN NE2 HE22 sing N N 100 
GLN OXT HXT  sing N N 101 
GLU N   CA   sing N N 102 
GLU N   H    sing N N 103 
GLU N   H2   sing N N 104 
GLU CA  C    sing N N 105 
GLU CA  CB   sing N N 106 
GLU CA  HA   sing N N 107 
GLU C   O    doub N N 108 
GLU C   OXT  sing N N 109 
GLU CB  CG   sing N N 110 
GLU CB  HB2  sing N N 111 
GLU CB  HB3  sing N N 112 
GLU CG  CD   sing N N 113 
GLU CG  HG2  sing N N 114 
GLU CG  HG3  sing N N 115 
GLU CD  OE1  doub N N 116 
GLU CD  OE2  sing N N 117 
GLU OE2 HE2  sing N N 118 
GLU OXT HXT  sing N N 119 
GLY N   CA   sing N N 120 
GLY N   H    sing N N 121 
GLY N   H2   sing N N 122 
GLY CA  C    sing N N 123 
GLY CA  HA2  sing N N 124 
GLY CA  HA3  sing N N 125 
GLY C   O    doub N N 126 
GLY C   OXT  sing N N 127 
GLY OXT HXT  sing N N 128 
HIS N   CA   sing N N 129 
HIS N   H    sing N N 130 
HIS N   H2   sing N N 131 
HIS CA  C    sing N N 132 
HIS CA  CB   sing N N 133 
HIS CA  HA   sing N N 134 
HIS C   O    doub N N 135 
HIS C   OXT  sing N N 136 
HIS CB  CG   sing N N 137 
HIS CB  HB2  sing N N 138 
HIS CB  HB3  sing N N 139 
HIS CG  ND1  sing Y N 140 
HIS CG  CD2  doub Y N 141 
HIS ND1 CE1  doub Y N 142 
HIS ND1 HD1  sing N N 143 
HIS CD2 NE2  sing Y N 144 
HIS CD2 HD2  sing N N 145 
HIS CE1 NE2  sing Y N 146 
HIS CE1 HE1  sing N N 147 
HIS NE2 HE2  sing N N 148 
HIS OXT HXT  sing N N 149 
HOH O   H1   sing N N 150 
HOH O   H2   sing N N 151 
ILE N   CA   sing N N 152 
ILE N   H    sing N N 153 
ILE N   H2   sing N N 154 
ILE CA  C    sing N N 155 
ILE CA  CB   sing N N 156 
ILE CA  HA   sing N N 157 
ILE C   O    doub N N 158 
ILE C   OXT  sing N N 159 
ILE CB  CG1  sing N N 160 
ILE CB  CG2  sing N N 161 
ILE CB  HB   sing N N 162 
ILE CG1 CD1  sing N N 163 
ILE CG1 HG12 sing N N 164 
ILE CG1 HG13 sing N N 165 
ILE CG2 HG21 sing N N 166 
ILE CG2 HG22 sing N N 167 
ILE CG2 HG23 sing N N 168 
ILE CD1 HD11 sing N N 169 
ILE CD1 HD12 sing N N 170 
ILE CD1 HD13 sing N N 171 
ILE OXT HXT  sing N N 172 
LEU N   CA   sing N N 173 
LEU N   H    sing N N 174 
LEU N   H2   sing N N 175 
LEU CA  C    sing N N 176 
LEU CA  CB   sing N N 177 
LEU CA  HA   sing N N 178 
LEU C   O    doub N N 179 
LEU C   OXT  sing N N 180 
LEU CB  CG   sing N N 181 
LEU CB  HB2  sing N N 182 
LEU CB  HB3  sing N N 183 
LEU CG  CD1  sing N N 184 
LEU CG  CD2  sing N N 185 
LEU CG  HG   sing N N 186 
LEU CD1 HD11 sing N N 187 
LEU CD1 HD12 sing N N 188 
LEU CD1 HD13 sing N N 189 
LEU CD2 HD21 sing N N 190 
LEU CD2 HD22 sing N N 191 
LEU CD2 HD23 sing N N 192 
LEU OXT HXT  sing N N 193 
LYS N   CA   sing N N 194 
LYS N   H    sing N N 195 
LYS N   H2   sing N N 196 
LYS CA  C    sing N N 197 
LYS CA  CB   sing N N 198 
LYS CA  HA   sing N N 199 
LYS C   O    doub N N 200 
LYS C   OXT  sing N N 201 
LYS CB  CG   sing N N 202 
LYS CB  HB2  sing N N 203 
LYS CB  HB3  sing N N 204 
LYS CG  CD   sing N N 205 
LYS CG  HG2  sing N N 206 
LYS CG  HG3  sing N N 207 
LYS CD  CE   sing N N 208 
LYS CD  HD2  sing N N 209 
LYS CD  HD3  sing N N 210 
LYS CE  NZ   sing N N 211 
LYS CE  HE2  sing N N 212 
LYS CE  HE3  sing N N 213 
LYS NZ  HZ1  sing N N 214 
LYS NZ  HZ2  sing N N 215 
LYS NZ  HZ3  sing N N 216 
LYS OXT HXT  sing N N 217 
MET N   CA   sing N N 218 
MET N   H    sing N N 219 
MET N   H2   sing N N 220 
MET CA  C    sing N N 221 
MET CA  CB   sing N N 222 
MET CA  HA   sing N N 223 
MET C   O    doub N N 224 
MET C   OXT  sing N N 225 
MET CB  CG   sing N N 226 
MET CB  HB2  sing N N 227 
MET CB  HB3  sing N N 228 
MET CG  SD   sing N N 229 
MET CG  HG2  sing N N 230 
MET CG  HG3  sing N N 231 
MET SD  CE   sing N N 232 
MET CE  HE1  sing N N 233 
MET CE  HE2  sing N N 234 
MET CE  HE3  sing N N 235 
MET OXT HXT  sing N N 236 
PHE N   CA   sing N N 237 
PHE N   H    sing N N 238 
PHE N   H2   sing N N 239 
PHE CA  C    sing N N 240 
PHE CA  CB   sing N N 241 
PHE CA  HA   sing N N 242 
PHE C   O    doub N N 243 
PHE C   OXT  sing N N 244 
PHE CB  CG   sing N N 245 
PHE CB  HB2  sing N N 246 
PHE CB  HB3  sing N N 247 
PHE CG  CD1  doub Y N 248 
PHE CG  CD2  sing Y N 249 
PHE CD1 CE1  sing Y N 250 
PHE CD1 HD1  sing N N 251 
PHE CD2 CE2  doub Y N 252 
PHE CD2 HD2  sing N N 253 
PHE CE1 CZ   doub Y N 254 
PHE CE1 HE1  sing N N 255 
PHE CE2 CZ   sing Y N 256 
PHE CE2 HE2  sing N N 257 
PHE CZ  HZ   sing N N 258 
PHE OXT HXT  sing N N 259 
SER N   CA   sing N N 260 
SER N   H    sing N N 261 
SER N   H2   sing N N 262 
SER CA  C    sing N N 263 
SER CA  CB   sing N N 264 
SER CA  HA   sing N N 265 
SER C   O    doub N N 266 
SER C   OXT  sing N N 267 
SER CB  OG   sing N N 268 
SER CB  HB2  sing N N 269 
SER CB  HB3  sing N N 270 
SER OG  HG   sing N N 271 
SER OXT HXT  sing N N 272 
THR N   CA   sing N N 273 
THR N   H    sing N N 274 
THR N   H2   sing N N 275 
THR CA  C    sing N N 276 
THR CA  CB   sing N N 277 
THR CA  HA   sing N N 278 
THR C   O    doub N N 279 
THR C   OXT  sing N N 280 
THR CB  OG1  sing N N 281 
THR CB  CG2  sing N N 282 
THR CB  HB   sing N N 283 
THR OG1 HG1  sing N N 284 
THR CG2 HG21 sing N N 285 
THR CG2 HG22 sing N N 286 
THR CG2 HG23 sing N N 287 
THR OXT HXT  sing N N 288 
TRP N   CA   sing N N 289 
TRP N   H    sing N N 290 
TRP N   H2   sing N N 291 
TRP CA  C    sing N N 292 
TRP CA  CB   sing N N 293 
TRP CA  HA   sing N N 294 
TRP C   O    doub N N 295 
TRP C   OXT  sing N N 296 
TRP CB  CG   sing N N 297 
TRP CB  HB2  sing N N 298 
TRP CB  HB3  sing N N 299 
TRP CG  CD1  doub Y N 300 
TRP CG  CD2  sing Y N 301 
TRP CD1 NE1  sing Y N 302 
TRP CD1 HD1  sing N N 303 
TRP CD2 CE2  doub Y N 304 
TRP CD2 CE3  sing Y N 305 
TRP NE1 CE2  sing Y N 306 
TRP NE1 HE1  sing N N 307 
TRP CE2 CZ2  sing Y N 308 
TRP CE3 CZ3  doub Y N 309 
TRP CE3 HE3  sing N N 310 
TRP CZ2 CH2  doub Y N 311 
TRP CZ2 HZ2  sing N N 312 
TRP CZ3 CH2  sing Y N 313 
TRP CZ3 HZ3  sing N N 314 
TRP CH2 HH2  sing N N 315 
TRP OXT HXT  sing N N 316 
TYR N   CA   sing N N 317 
TYR N   H    sing N N 318 
TYR N   H2   sing N N 319 
TYR CA  C    sing N N 320 
TYR CA  CB   sing N N 321 
TYR CA  HA   sing N N 322 
TYR C   O    doub N N 323 
TYR C   OXT  sing N N 324 
TYR CB  CG   sing N N 325 
TYR CB  HB2  sing N N 326 
TYR CB  HB3  sing N N 327 
TYR CG  CD1  doub Y N 328 
TYR CG  CD2  sing Y N 329 
TYR CD1 CE1  sing Y N 330 
TYR CD1 HD1  sing N N 331 
TYR CD2 CE2  doub Y N 332 
TYR CD2 HD2  sing N N 333 
TYR CE1 CZ   doub Y N 334 
TYR CE1 HE1  sing N N 335 
TYR CE2 CZ   sing Y N 336 
TYR CE2 HE2  sing N N 337 
TYR CZ  OH   sing N N 338 
TYR OH  HH   sing N N 339 
TYR OXT HXT  sing N N 340 
VAL N   CA   sing N N 341 
VAL N   H    sing N N 342 
VAL N   H2   sing N N 343 
VAL CA  C    sing N N 344 
VAL CA  CB   sing N N 345 
VAL CA  HA   sing N N 346 
VAL C   O    doub N N 347 
VAL C   OXT  sing N N 348 
VAL CB  CG1  sing N N 349 
VAL CB  CG2  sing N N 350 
VAL CB  HB   sing N N 351 
VAL CG1 HG11 sing N N 352 
VAL CG1 HG12 sing N N 353 
VAL CG1 HG13 sing N N 354 
VAL CG2 HG21 sing N N 355 
VAL CG2 HG22 sing N N 356 
VAL CG2 HG23 sing N N 357 
VAL OXT HXT  sing N N 358 
# 
loop_
_pdbx_audit_support.funding_organization 
_pdbx_audit_support.country 
_pdbx_audit_support.grant_number 
_pdbx_audit_support.ordinal 
'National Institutes of Health/National Heart, Lung, and Blood Institute (NIH/NHLBI)' 'United States' HL086865         1 
'National Institutes of Health/National Heart, Lung, and Blood Institute (NIH/NHLBI)' 'United States' HL122416         2 
'American Cancer Society'                                                             'United States' PF-14-224-01-DMC 3 
# 
loop_
_pdbx_entity_nonpoly.entity_id 
_pdbx_entity_nonpoly.name 
_pdbx_entity_nonpoly.comp_id 
2 'NICKEL (II) ION' NI  
3 water             HOH 
# 
_pdbx_initial_refinement_model.id               1 
_pdbx_initial_refinement_model.entity_id_list   ? 
_pdbx_initial_refinement_model.type             'experimental model' 
_pdbx_initial_refinement_model.source_name      PDB 
_pdbx_initial_refinement_model.accession_code   5D3V 
_pdbx_initial_refinement_model.details          ? 
# 
